data_4KXI
# 
_entry.id   4KXI 
# 
_audit_conform.dict_name       mmcif_pdbx.dic 
_audit_conform.dict_version    5.398 
_audit_conform.dict_location   http://mmcif.pdb.org/dictionaries/ascii/mmcif_pdbx.dic 
# 
loop_
_database_2.database_id 
_database_2.database_code 
_database_2.pdbx_database_accession 
_database_2.pdbx_DOI 
PDB   4KXI         pdb_00004kxi 10.2210/pdb4kxi/pdb 
RCSB  RCSB079918   ?            ?                   
WWPDB D_1000079918 ?            ?                   
# 
loop_
_pdbx_audit_revision_history.ordinal 
_pdbx_audit_revision_history.data_content_type 
_pdbx_audit_revision_history.major_revision 
_pdbx_audit_revision_history.minor_revision 
_pdbx_audit_revision_history.revision_date 
1 'Structure model' 1 0 2014-05-28 
2 'Structure model' 1 1 2023-11-08 
3 'Structure model' 1 2 2024-10-30 
# 
_pdbx_audit_revision_details.ordinal             1 
_pdbx_audit_revision_details.revision_ordinal    1 
_pdbx_audit_revision_details.data_content_type   'Structure model' 
_pdbx_audit_revision_details.provider            repository 
_pdbx_audit_revision_details.type                'Initial release' 
_pdbx_audit_revision_details.description         ? 
_pdbx_audit_revision_details.details             ? 
# 
loop_
_pdbx_audit_revision_group.ordinal 
_pdbx_audit_revision_group.revision_ordinal 
_pdbx_audit_revision_group.data_content_type 
_pdbx_audit_revision_group.group 
1 2 'Structure model' 'Data collection'        
2 2 'Structure model' 'Database references'    
3 2 'Structure model' 'Derived calculations'   
4 2 'Structure model' 'Refinement description' 
5 3 'Structure model' 'Structure summary'      
# 
loop_
_pdbx_audit_revision_category.ordinal 
_pdbx_audit_revision_category.revision_ordinal 
_pdbx_audit_revision_category.data_content_type 
_pdbx_audit_revision_category.category 
1 2 'Structure model' chem_comp_atom                
2 2 'Structure model' chem_comp_bond                
3 2 'Structure model' database_2                    
4 2 'Structure model' pdbx_initial_refinement_model 
5 2 'Structure model' pdbx_struct_conn_angle        
6 2 'Structure model' struct_conn                   
7 2 'Structure model' struct_site                   
8 3 'Structure model' pdbx_entry_details            
9 3 'Structure model' pdbx_modification_feature     
# 
loop_
_pdbx_audit_revision_item.ordinal 
_pdbx_audit_revision_item.revision_ordinal 
_pdbx_audit_revision_item.data_content_type 
_pdbx_audit_revision_item.item 
1  2 'Structure model' '_database_2.pdbx_DOI'                        
2  2 'Structure model' '_database_2.pdbx_database_accession'         
3  2 'Structure model' '_pdbx_struct_conn_angle.ptnr1_auth_comp_id'  
4  2 'Structure model' '_pdbx_struct_conn_angle.ptnr1_auth_seq_id'   
5  2 'Structure model' '_pdbx_struct_conn_angle.ptnr1_label_asym_id' 
6  2 'Structure model' '_pdbx_struct_conn_angle.ptnr1_label_atom_id' 
7  2 'Structure model' '_pdbx_struct_conn_angle.ptnr1_label_comp_id' 
8  2 'Structure model' '_pdbx_struct_conn_angle.ptnr1_label_seq_id'  
9  2 'Structure model' '_pdbx_struct_conn_angle.ptnr2_auth_comp_id'  
10 2 'Structure model' '_pdbx_struct_conn_angle.ptnr2_auth_seq_id'   
11 2 'Structure model' '_pdbx_struct_conn_angle.ptnr2_label_asym_id' 
12 2 'Structure model' '_pdbx_struct_conn_angle.ptnr2_label_comp_id' 
13 2 'Structure model' '_pdbx_struct_conn_angle.ptnr3_auth_comp_id'  
14 2 'Structure model' '_pdbx_struct_conn_angle.ptnr3_auth_seq_id'   
15 2 'Structure model' '_pdbx_struct_conn_angle.ptnr3_label_asym_id' 
16 2 'Structure model' '_pdbx_struct_conn_angle.ptnr3_label_atom_id' 
17 2 'Structure model' '_pdbx_struct_conn_angle.ptnr3_label_comp_id' 
18 2 'Structure model' '_pdbx_struct_conn_angle.ptnr3_label_seq_id'  
19 2 'Structure model' '_pdbx_struct_conn_angle.value'               
20 2 'Structure model' '_struct_conn.pdbx_dist_value'                
21 2 'Structure model' '_struct_conn.ptnr1_auth_comp_id'             
22 2 'Structure model' '_struct_conn.ptnr1_auth_seq_id'              
23 2 'Structure model' '_struct_conn.ptnr1_label_asym_id'            
24 2 'Structure model' '_struct_conn.ptnr1_label_atom_id'            
25 2 'Structure model' '_struct_conn.ptnr1_label_comp_id'            
26 2 'Structure model' '_struct_conn.ptnr1_label_seq_id'             
27 2 'Structure model' '_struct_conn.ptnr2_auth_comp_id'             
28 2 'Structure model' '_struct_conn.ptnr2_auth_seq_id'              
29 2 'Structure model' '_struct_conn.ptnr2_label_asym_id'            
30 2 'Structure model' '_struct_conn.ptnr2_label_atom_id'            
31 2 'Structure model' '_struct_conn.ptnr2_label_comp_id'            
32 2 'Structure model' '_struct_site.pdbx_auth_asym_id'              
33 2 'Structure model' '_struct_site.pdbx_auth_comp_id'              
34 2 'Structure model' '_struct_site.pdbx_auth_seq_id'               
# 
_pdbx_database_status.status_code                     REL 
_pdbx_database_status.entry_id                        4KXI 
_pdbx_database_status.recvd_initial_deposition_date   2013-05-27 
_pdbx_database_status.deposit_site                    RCSB 
_pdbx_database_status.process_site                    PDBJ 
_pdbx_database_status.methods_development_category    ? 
_pdbx_database_status.status_code_sf                  REL 
_pdbx_database_status.status_code_mr                  ? 
_pdbx_database_status.SG_entry                        ? 
_pdbx_database_status.status_code_cs                  ? 
_pdbx_database_status.pdb_format_compatible           Y 
_pdbx_database_status.status_code_nmr_data            ? 
# 
loop_
_audit_author.name 
_audit_author.pdbx_ordinal 
'Koley Seth, B.' 1 
'Ray, A.'        2 
'Basu, S.'       3 
'Biswas, S.'     4 
# 
_citation.id                        primary 
_citation.title                     'Crystallographic study of the complex of Ni(II) Schiff base complex and HEW Lysozyme' 
_citation.journal_abbrev            'To be Published' 
_citation.journal_volume            ? 
_citation.page_first                ? 
_citation.page_last                 ? 
_citation.year                      ? 
_citation.journal_id_ASTM           ? 
_citation.country                   ? 
_citation.journal_id_ISSN           ? 
_citation.journal_id_CSD            0353 
_citation.book_publisher            ? 
_citation.pdbx_database_id_PubMed   ? 
_citation.pdbx_database_id_DOI      ? 
# 
loop_
_citation_author.citation_id 
_citation_author.name 
_citation_author.ordinal 
_citation_author.identifier_ORCID 
primary 'Koley Seth, B.' 1 ? 
primary 'Ray, A.'        2 ? 
primary 'Biswas, S.'     3 ? 
primary 'Basu, S.'       4 ? 
# 
loop_
_entity.id 
_entity.type 
_entity.src_method 
_entity.pdbx_description 
_entity.formula_weight 
_entity.pdbx_number_of_molecules 
_entity.pdbx_ec 
_entity.pdbx_mutation 
_entity.pdbx_fragment 
_entity.details 
1 polymer     nat 'Lysozyme C'                                                                        14331.160 1  3.2.1.17 ? ? ? 
2 non-polymer syn 'NICKEL (II) ION'                                                                   58.693    1  ?        ? ? ? 
3 non-polymer syn '(N1E, N2E)-N1, N2-bis(pyridine-2-ylmethylene)propane-1,2-diamine, nickel(II) salt' 311.008   1  ?        ? ? ? 
4 non-polymer syn 'PERCHLORATE ION'                                                                   99.451    5  ?        ? ? ? 
5 non-polymer syn 'CHLORIDE ION'                                                                      35.453    1  ?        ? ? ? 
6 water       nat water                                                                               18.015    60 ?        ? ? ? 
# 
_entity_name_com.entity_id   1 
_entity_name_com.name        '1,4-beta-N-acetylmuramidase C, Allergen Gal d IV' 
# 
_entity_poly.entity_id                      1 
_entity_poly.type                           'polypeptide(L)' 
_entity_poly.nstd_linkage                   no 
_entity_poly.nstd_monomer                   no 
_entity_poly.pdbx_seq_one_letter_code       
;KVFGRCELAAAMKRHGLDNYRGYSLGNWVCAAKFESNFNTQATNRNTDGSTDYGILQINSRWWCNDGRTPGSRNLCNIPC
SALLSSDITASVNCAKKIVSDGNGMNAWVAWRNRCKGTDVQAWIRGCRL
;
_entity_poly.pdbx_seq_one_letter_code_can   
;KVFGRCELAAAMKRHGLDNYRGYSLGNWVCAAKFESNFNTQATNRNTDGSTDYGILQINSRWWCNDGRTPGSRNLCNIPC
SALLSSDITASVNCAKKIVSDGNGMNAWVAWRNRCKGTDVQAWIRGCRL
;
_entity_poly.pdbx_strand_id                 A 
_entity_poly.pdbx_target_identifier         ? 
# 
loop_
_pdbx_entity_nonpoly.entity_id 
_pdbx_entity_nonpoly.name 
_pdbx_entity_nonpoly.comp_id 
2 'NICKEL (II) ION'                                                                   NI  
3 '(N1E, N2E)-N1, N2-bis(pyridine-2-ylmethylene)propane-1,2-diamine, nickel(II) salt' SNF 
4 'PERCHLORATE ION'                                                                   LCP 
5 'CHLORIDE ION'                                                                      CL  
6 water                                                                               HOH 
# 
loop_
_entity_poly_seq.entity_id 
_entity_poly_seq.num 
_entity_poly_seq.mon_id 
_entity_poly_seq.hetero 
1 1   LYS n 
1 2   VAL n 
1 3   PHE n 
1 4   GLY n 
1 5   ARG n 
1 6   CYS n 
1 7   GLU n 
1 8   LEU n 
1 9   ALA n 
1 10  ALA n 
1 11  ALA n 
1 12  MET n 
1 13  LYS n 
1 14  ARG n 
1 15  HIS n 
1 16  GLY n 
1 17  LEU n 
1 18  ASP n 
1 19  ASN n 
1 20  TYR n 
1 21  ARG n 
1 22  GLY n 
1 23  TYR n 
1 24  SER n 
1 25  LEU n 
1 26  GLY n 
1 27  ASN n 
1 28  TRP n 
1 29  VAL n 
1 30  CYS n 
1 31  ALA n 
1 32  ALA n 
1 33  LYS n 
1 34  PHE n 
1 35  GLU n 
1 36  SER n 
1 37  ASN n 
1 38  PHE n 
1 39  ASN n 
1 40  THR n 
1 41  GLN n 
1 42  ALA n 
1 43  THR n 
1 44  ASN n 
1 45  ARG n 
1 46  ASN n 
1 47  THR n 
1 48  ASP n 
1 49  GLY n 
1 50  SER n 
1 51  THR n 
1 52  ASP n 
1 53  TYR n 
1 54  GLY n 
1 55  ILE n 
1 56  LEU n 
1 57  GLN n 
1 58  ILE n 
1 59  ASN n 
1 60  SER n 
1 61  ARG n 
1 62  TRP n 
1 63  TRP n 
1 64  CYS n 
1 65  ASN n 
1 66  ASP n 
1 67  GLY n 
1 68  ARG n 
1 69  THR n 
1 70  PRO n 
1 71  GLY n 
1 72  SER n 
1 73  ARG n 
1 74  ASN n 
1 75  LEU n 
1 76  CYS n 
1 77  ASN n 
1 78  ILE n 
1 79  PRO n 
1 80  CYS n 
1 81  SER n 
1 82  ALA n 
1 83  LEU n 
1 84  LEU n 
1 85  SER n 
1 86  SER n 
1 87  ASP n 
1 88  ILE n 
1 89  THR n 
1 90  ALA n 
1 91  SER n 
1 92  VAL n 
1 93  ASN n 
1 94  CYS n 
1 95  ALA n 
1 96  LYS n 
1 97  LYS n 
1 98  ILE n 
1 99  VAL n 
1 100 SER n 
1 101 ASP n 
1 102 GLY n 
1 103 ASN n 
1 104 GLY n 
1 105 MET n 
1 106 ASN n 
1 107 ALA n 
1 108 TRP n 
1 109 VAL n 
1 110 ALA n 
1 111 TRP n 
1 112 ARG n 
1 113 ASN n 
1 114 ARG n 
1 115 CYS n 
1 116 LYS n 
1 117 GLY n 
1 118 THR n 
1 119 ASP n 
1 120 VAL n 
1 121 GLN n 
1 122 ALA n 
1 123 TRP n 
1 124 ILE n 
1 125 ARG n 
1 126 GLY n 
1 127 CYS n 
1 128 ARG n 
1 129 LEU n 
# 
_entity_src_nat.entity_id                  1 
_entity_src_nat.pdbx_src_id                1 
_entity_src_nat.pdbx_alt_source_flag       sample 
_entity_src_nat.pdbx_beg_seq_num           ? 
_entity_src_nat.pdbx_end_seq_num           ? 
_entity_src_nat.common_name                Chicken 
_entity_src_nat.pdbx_organism_scientific   'Gallus gallus' 
_entity_src_nat.pdbx_ncbi_taxonomy_id      9031 
_entity_src_nat.genus                      ? 
_entity_src_nat.species                    ? 
_entity_src_nat.strain                     ? 
_entity_src_nat.tissue                     ? 
_entity_src_nat.tissue_fraction            ? 
_entity_src_nat.pdbx_secretion             ? 
_entity_src_nat.pdbx_fragment              ? 
_entity_src_nat.pdbx_variant               ? 
_entity_src_nat.pdbx_cell_line             ? 
_entity_src_nat.pdbx_atcc                  ? 
_entity_src_nat.pdbx_cellular_location     ? 
_entity_src_nat.pdbx_organ                 ? 
_entity_src_nat.pdbx_organelle             ? 
_entity_src_nat.pdbx_cell                  ? 
_entity_src_nat.pdbx_plasmid_name          ? 
_entity_src_nat.pdbx_plasmid_details       ? 
_entity_src_nat.details                    ? 
# 
loop_
_chem_comp.id 
_chem_comp.type 
_chem_comp.mon_nstd_flag 
_chem_comp.name 
_chem_comp.pdbx_synonyms 
_chem_comp.formula 
_chem_comp.formula_weight 
ALA 'L-peptide linking' y ALANINE                                                                             ? 'C3 H7 N O2'     
89.093  
ARG 'L-peptide linking' y ARGININE                                                                            ? 'C6 H15 N4 O2 1' 
175.209 
ASN 'L-peptide linking' y ASPARAGINE                                                                          ? 'C4 H8 N2 O3'    
132.118 
ASP 'L-peptide linking' y 'ASPARTIC ACID'                                                                     ? 'C4 H7 N O4'     
133.103 
CL  non-polymer         . 'CHLORIDE ION'                                                                      ? 'Cl -1'          
35.453  
CYS 'L-peptide linking' y CYSTEINE                                                                            ? 'C3 H7 N O2 S'   
121.158 
GLN 'L-peptide linking' y GLUTAMINE                                                                           ? 'C5 H10 N2 O3'   
146.144 
GLU 'L-peptide linking' y 'GLUTAMIC ACID'                                                                     ? 'C5 H9 N O4'     
147.129 
GLY 'peptide linking'   y GLYCINE                                                                             ? 'C2 H5 N O2'     
75.067  
HIS 'L-peptide linking' y HISTIDINE                                                                           ? 'C6 H10 N3 O2 1' 
156.162 
HOH non-polymer         . WATER                                                                               ? 'H2 O'           
18.015  
ILE 'L-peptide linking' y ISOLEUCINE                                                                          ? 'C6 H13 N O2'    
131.173 
LCP non-polymer         . 'PERCHLORATE ION'                                                                   ? 'Cl O4 -1'       
99.451  
LEU 'L-peptide linking' y LEUCINE                                                                             ? 'C6 H13 N O2'    
131.173 
LYS 'L-peptide linking' y LYSINE                                                                              ? 'C6 H15 N2 O2 1' 
147.195 
MET 'L-peptide linking' y METHIONINE                                                                          ? 'C5 H11 N O2 S'  
149.211 
NI  non-polymer         . 'NICKEL (II) ION'                                                                   ? 'Ni 2'           
58.693  
PHE 'L-peptide linking' y PHENYLALANINE                                                                       ? 'C9 H11 N O2'    
165.189 
PRO 'L-peptide linking' y PROLINE                                                                             ? 'C5 H9 N O2'     
115.130 
SER 'L-peptide linking' y SERINE                                                                              ? 'C3 H7 N O3'     
105.093 
SNF non-polymer         . '(N1E, N2E)-N1, N2-bis(pyridine-2-ylmethylene)propane-1,2-diamine, nickel(II) salt' ? 'C15 H16 N4 Ni'  
311.008 
THR 'L-peptide linking' y THREONINE                                                                           ? 'C4 H9 N O3'     
119.119 
TRP 'L-peptide linking' y TRYPTOPHAN                                                                          ? 'C11 H12 N2 O2'  
204.225 
TYR 'L-peptide linking' y TYROSINE                                                                            ? 'C9 H11 N O3'    
181.189 
VAL 'L-peptide linking' y VALINE                                                                              ? 'C5 H11 N O2'    
117.146 
# 
loop_
_pdbx_poly_seq_scheme.asym_id 
_pdbx_poly_seq_scheme.entity_id 
_pdbx_poly_seq_scheme.seq_id 
_pdbx_poly_seq_scheme.mon_id 
_pdbx_poly_seq_scheme.ndb_seq_num 
_pdbx_poly_seq_scheme.pdb_seq_num 
_pdbx_poly_seq_scheme.auth_seq_num 
_pdbx_poly_seq_scheme.pdb_mon_id 
_pdbx_poly_seq_scheme.auth_mon_id 
_pdbx_poly_seq_scheme.pdb_strand_id 
_pdbx_poly_seq_scheme.pdb_ins_code 
_pdbx_poly_seq_scheme.hetero 
A 1 1   LYS 1   1   1   LYS LYS A . n 
A 1 2   VAL 2   2   2   VAL VAL A . n 
A 1 3   PHE 3   3   3   PHE PHE A . n 
A 1 4   GLY 4   4   4   GLY GLY A . n 
A 1 5   ARG 5   5   5   ARG ARG A . n 
A 1 6   CYS 6   6   6   CYS CYS A . n 
A 1 7   GLU 7   7   7   GLU GLU A . n 
A 1 8   LEU 8   8   8   LEU LEU A . n 
A 1 9   ALA 9   9   9   ALA ALA A . n 
A 1 10  ALA 10  10  10  ALA ALA A . n 
A 1 11  ALA 11  11  11  ALA ALA A . n 
A 1 12  MET 12  12  12  MET MET A . n 
A 1 13  LYS 13  13  13  LYS LYS A . n 
A 1 14  ARG 14  14  14  ARG ARG A . n 
A 1 15  HIS 15  15  15  HIS HIS A . n 
A 1 16  GLY 16  16  16  GLY GLY A . n 
A 1 17  LEU 17  17  17  LEU LEU A . n 
A 1 18  ASP 18  18  18  ASP ASP A . n 
A 1 19  ASN 19  19  19  ASN ASN A . n 
A 1 20  TYR 20  20  20  TYR TYR A . n 
A 1 21  ARG 21  21  21  ARG ARG A . n 
A 1 22  GLY 22  22  22  GLY GLY A . n 
A 1 23  TYR 23  23  23  TYR TYR A . n 
A 1 24  SER 24  24  24  SER SER A . n 
A 1 25  LEU 25  25  25  LEU LEU A . n 
A 1 26  GLY 26  26  26  GLY GLY A . n 
A 1 27  ASN 27  27  27  ASN ASN A . n 
A 1 28  TRP 28  28  28  TRP TRP A . n 
A 1 29  VAL 29  29  29  VAL VAL A . n 
A 1 30  CYS 30  30  30  CYS CYS A . n 
A 1 31  ALA 31  31  31  ALA ALA A . n 
A 1 32  ALA 32  32  32  ALA ALA A . n 
A 1 33  LYS 33  33  33  LYS LYS A . n 
A 1 34  PHE 34  34  34  PHE PHE A . n 
A 1 35  GLU 35  35  35  GLU GLU A . n 
A 1 36  SER 36  36  36  SER SER A . n 
A 1 37  ASN 37  37  37  ASN ASN A . n 
A 1 38  PHE 38  38  38  PHE PHE A . n 
A 1 39  ASN 39  39  39  ASN ASN A . n 
A 1 40  THR 40  40  40  THR THR A . n 
A 1 41  GLN 41  41  41  GLN GLN A . n 
A 1 42  ALA 42  42  42  ALA ALA A . n 
A 1 43  THR 43  43  43  THR THR A . n 
A 1 44  ASN 44  44  44  ASN ASN A . n 
A 1 45  ARG 45  45  45  ARG ARG A . n 
A 1 46  ASN 46  46  46  ASN ASN A . n 
A 1 47  THR 47  47  47  THR THR A . n 
A 1 48  ASP 48  48  48  ASP ASP A . n 
A 1 49  GLY 49  49  49  GLY GLY A . n 
A 1 50  SER 50  50  50  SER SER A . n 
A 1 51  THR 51  51  51  THR THR A . n 
A 1 52  ASP 52  52  52  ASP ASP A . n 
A 1 53  TYR 53  53  53  TYR TYR A . n 
A 1 54  GLY 54  54  54  GLY GLY A . n 
A 1 55  ILE 55  55  55  ILE ILE A . n 
A 1 56  LEU 56  56  56  LEU LEU A . n 
A 1 57  GLN 57  57  57  GLN GLN A . n 
A 1 58  ILE 58  58  58  ILE ILE A . n 
A 1 59  ASN 59  59  59  ASN ASN A . n 
A 1 60  SER 60  60  60  SER SER A . n 
A 1 61  ARG 61  61  61  ARG ARG A . n 
A 1 62  TRP 62  62  62  TRP TRP A . n 
A 1 63  TRP 63  63  63  TRP TRP A . n 
A 1 64  CYS 64  64  64  CYS CYS A . n 
A 1 65  ASN 65  65  65  ASN ASN A . n 
A 1 66  ASP 66  66  66  ASP ASP A . n 
A 1 67  GLY 67  67  67  GLY GLY A . n 
A 1 68  ARG 68  68  68  ARG ARG A . n 
A 1 69  THR 69  69  69  THR THR A . n 
A 1 70  PRO 70  70  70  PRO PRO A . n 
A 1 71  GLY 71  71  71  GLY GLY A . n 
A 1 72  SER 72  72  72  SER SER A . n 
A 1 73  ARG 73  73  73  ARG ARG A . n 
A 1 74  ASN 74  74  74  ASN ASN A . n 
A 1 75  LEU 75  75  75  LEU LEU A . n 
A 1 76  CYS 76  76  76  CYS CYS A . n 
A 1 77  ASN 77  77  77  ASN ASN A . n 
A 1 78  ILE 78  78  78  ILE ILE A . n 
A 1 79  PRO 79  79  79  PRO PRO A . n 
A 1 80  CYS 80  80  80  CYS CYS A . n 
A 1 81  SER 81  81  81  SER SER A . n 
A 1 82  ALA 82  82  82  ALA ALA A . n 
A 1 83  LEU 83  83  83  LEU LEU A . n 
A 1 84  LEU 84  84  84  LEU LEU A . n 
A 1 85  SER 85  85  85  SER SER A . n 
A 1 86  SER 86  86  86  SER SER A . n 
A 1 87  ASP 87  87  87  ASP ASP A . n 
A 1 88  ILE 88  88  88  ILE ILE A . n 
A 1 89  THR 89  89  89  THR THR A . n 
A 1 90  ALA 90  90  90  ALA ALA A . n 
A 1 91  SER 91  91  91  SER SER A . n 
A 1 92  VAL 92  92  92  VAL VAL A . n 
A 1 93  ASN 93  93  93  ASN ASN A . n 
A 1 94  CYS 94  94  94  CYS CYS A . n 
A 1 95  ALA 95  95  95  ALA ALA A . n 
A 1 96  LYS 96  96  96  LYS LYS A . n 
A 1 97  LYS 97  97  97  LYS LYS A . n 
A 1 98  ILE 98  98  98  ILE ILE A . n 
A 1 99  VAL 99  99  99  VAL VAL A . n 
A 1 100 SER 100 100 100 SER SER A . n 
A 1 101 ASP 101 101 101 ASP ASP A . n 
A 1 102 GLY 102 102 102 GLY GLY A . n 
A 1 103 ASN 103 103 103 ASN ASN A . n 
A 1 104 GLY 104 104 104 GLY GLY A . n 
A 1 105 MET 105 105 105 MET MET A . n 
A 1 106 ASN 106 106 106 ASN ASN A . n 
A 1 107 ALA 107 107 107 ALA ALA A . n 
A 1 108 TRP 108 108 108 TRP TRP A . n 
A 1 109 VAL 109 109 109 VAL VAL A . n 
A 1 110 ALA 110 110 110 ALA ALA A . n 
A 1 111 TRP 111 111 111 TRP TRP A . n 
A 1 112 ARG 112 112 112 ARG ARG A . n 
A 1 113 ASN 113 113 113 ASN ASN A . n 
A 1 114 ARG 114 114 114 ARG ARG A . n 
A 1 115 CYS 115 115 115 CYS CYS A . n 
A 1 116 LYS 116 116 116 LYS LYS A . n 
A 1 117 GLY 117 117 117 GLY GLY A . n 
A 1 118 THR 118 118 118 THR THR A . n 
A 1 119 ASP 119 119 119 ASP ASP A . n 
A 1 120 VAL 120 120 120 VAL VAL A . n 
A 1 121 GLN 121 121 121 GLN GLN A . n 
A 1 122 ALA 122 122 122 ALA ALA A . n 
A 1 123 TRP 123 123 123 TRP TRP A . n 
A 1 124 ILE 124 124 124 ILE ILE A . n 
A 1 125 ARG 125 125 125 ARG ARG A . n 
A 1 126 GLY 126 126 126 GLY GLY A . n 
A 1 127 CYS 127 127 127 CYS CYS A . n 
A 1 128 ARG 128 128 128 ARG ARG A . n 
A 1 129 LEU 129 129 129 LEU LEU A . n 
# 
loop_
_pdbx_nonpoly_scheme.asym_id 
_pdbx_nonpoly_scheme.entity_id 
_pdbx_nonpoly_scheme.mon_id 
_pdbx_nonpoly_scheme.ndb_seq_num 
_pdbx_nonpoly_scheme.pdb_seq_num 
_pdbx_nonpoly_scheme.auth_seq_num 
_pdbx_nonpoly_scheme.pdb_mon_id 
_pdbx_nonpoly_scheme.auth_mon_id 
_pdbx_nonpoly_scheme.pdb_strand_id 
_pdbx_nonpoly_scheme.pdb_ins_code 
B 2 NI  1  201 3  NI  NI  A . 
C 3 SNF 1  202 1  SNF SCF A . 
D 4 LCP 1  203 2  LCP LCP A . 
E 4 LCP 1  204 3  LCP LCP A . 
F 4 LCP 1  205 4  LCP LCP A . 
G 4 LCP 1  206 5  LCP LCP A . 
H 4 LCP 1  207 7  LCP LCP A . 
I 5 CL  1  208 6  CL  CL  A . 
J 6 HOH 1  301 1  HOH HOH A . 
J 6 HOH 2  302 2  HOH HOH A . 
J 6 HOH 3  303 3  HOH HOH A . 
J 6 HOH 4  304 4  HOH HOH A . 
J 6 HOH 5  305 5  HOH HOH A . 
J 6 HOH 6  306 6  HOH HOH A . 
J 6 HOH 7  307 7  HOH HOH A . 
J 6 HOH 8  308 8  HOH HOH A . 
J 6 HOH 9  309 9  HOH HOH A . 
J 6 HOH 10 310 10 HOH HOH A . 
J 6 HOH 11 311 11 HOH HOH A . 
J 6 HOH 12 312 12 HOH HOH A . 
J 6 HOH 13 313 13 HOH HOH A . 
J 6 HOH 14 314 14 HOH HOH A . 
J 6 HOH 15 315 15 HOH HOH A . 
J 6 HOH 16 316 16 HOH HOH A . 
J 6 HOH 17 317 17 HOH HOH A . 
J 6 HOH 18 318 18 HOH HOH A . 
J 6 HOH 19 319 19 HOH HOH A . 
J 6 HOH 20 320 20 HOH HOH A . 
J 6 HOH 21 321 21 HOH HOH A . 
J 6 HOH 22 322 22 HOH HOH A . 
J 6 HOH 23 323 23 HOH HOH A . 
J 6 HOH 24 324 24 HOH HOH A . 
J 6 HOH 25 325 25 HOH HOH A . 
J 6 HOH 26 326 26 HOH HOH A . 
J 6 HOH 27 327 27 HOH HOH A . 
J 6 HOH 28 328 28 HOH HOH A . 
J 6 HOH 29 329 29 HOH HOH A . 
J 6 HOH 30 330 30 HOH HOH A . 
J 6 HOH 31 331 31 HOH HOH A . 
J 6 HOH 32 332 32 HOH HOH A . 
J 6 HOH 33 333 33 HOH HOH A . 
J 6 HOH 34 334 34 HOH HOH A . 
J 6 HOH 35 335 35 HOH HOH A . 
J 6 HOH 36 336 36 HOH HOH A . 
J 6 HOH 37 337 37 HOH HOH A . 
J 6 HOH 38 338 38 HOH HOH A . 
J 6 HOH 39 339 39 HOH HOH A . 
J 6 HOH 40 340 40 HOH HOH A . 
J 6 HOH 41 341 41 HOH HOH A . 
J 6 HOH 42 342 42 HOH HOH A . 
J 6 HOH 43 343 43 HOH HOH A . 
J 6 HOH 44 344 44 HOH HOH A . 
J 6 HOH 45 345 45 HOH HOH A . 
J 6 HOH 46 346 46 HOH HOH A . 
J 6 HOH 47 347 47 HOH HOH A . 
J 6 HOH 48 348 48 HOH HOH A . 
J 6 HOH 49 349 49 HOH HOH A . 
J 6 HOH 50 350 50 HOH HOH A . 
J 6 HOH 51 351 51 HOH HOH A . 
J 6 HOH 52 352 52 HOH HOH A . 
J 6 HOH 53 353 53 HOH HOH A . 
J 6 HOH 54 354 54 HOH HOH A . 
J 6 HOH 55 355 55 HOH HOH A . 
J 6 HOH 56 356 56 HOH HOH A . 
J 6 HOH 57 357 57 HOH HOH A . 
J 6 HOH 58 358 58 HOH HOH A . 
J 6 HOH 59 359 59 HOH HOH A . 
J 6 HOH 60 360 60 HOH HOH A . 
# 
loop_
_software.name 
_software.classification 
_software.version 
_software.citation_id 
_software.pdbx_ordinal 
CNS       refinement        1.3 ? 1 
MAR345dtb 'data collection' .   ? 2 
AUTOMAR   'data reduction'  .   ? 3 
MOLREP    phasing           .   ? 4 
# 
_cell.entry_id           4KXI 
_cell.length_a           77.589 
_cell.length_b           77.589 
_cell.length_c           36.390 
_cell.angle_alpha        90.00 
_cell.angle_beta         90.00 
_cell.angle_gamma        90.00 
_cell.Z_PDB              8 
_cell.pdbx_unique_axis   ? 
_cell.length_a_esd       ? 
_cell.length_b_esd       ? 
_cell.length_c_esd       ? 
_cell.angle_alpha_esd    ? 
_cell.angle_beta_esd     ? 
_cell.angle_gamma_esd    ? 
# 
_symmetry.entry_id                         4KXI 
_symmetry.space_group_name_H-M             'P 43 21 2' 
_symmetry.pdbx_full_space_group_name_H-M   ? 
_symmetry.cell_setting                     ? 
_symmetry.Int_Tables_number                96 
_symmetry.space_group_name_Hall            ? 
# 
_exptl.entry_id          4KXI 
_exptl.method            'X-RAY DIFFRACTION' 
_exptl.crystals_number   1 
# 
_exptl_crystal.id                    1 
_exptl_crystal.density_meas          ? 
_exptl_crystal.density_Matthews      1.91 
_exptl_crystal.density_percent_sol   35.63 
_exptl_crystal.description           ? 
_exptl_crystal.F_000                 ? 
_exptl_crystal.preparation           ? 
# 
_exptl_crystal_grow.crystal_id      1 
_exptl_crystal_grow.method          'VAPOR DIFFUSION, HANGING DROP' 
_exptl_crystal_grow.temp            293 
_exptl_crystal_grow.temp_details    ? 
_exptl_crystal_grow.pH              4.8 
_exptl_crystal_grow.pdbx_details    'Ni-Schiff-base solution , pH 4.8, VAPOR DIFFUSION, HANGING DROP, temperature 293K' 
_exptl_crystal_grow.pdbx_pH_range   . 
# 
_diffrn.id                     1 
_diffrn.ambient_temp           100 
_diffrn.ambient_temp_details   ? 
_diffrn.crystal_id             1 
# 
_diffrn_detector.diffrn_id              1 
_diffrn_detector.detector               'IMAGE PLATE' 
_diffrn_detector.type                   'MAR scanner 345 mm plate' 
_diffrn_detector.pdbx_collection_date   2012-02-09 
_diffrn_detector.details                Osmic 
# 
_diffrn_radiation.diffrn_id                        1 
_diffrn_radiation.wavelength_id                    1 
_diffrn_radiation.pdbx_monochromatic_or_laue_m_l   M 
_diffrn_radiation.monochromator                    mirrors 
_diffrn_radiation.pdbx_diffrn_protocol             'SINGLE WAVELENGTH' 
_diffrn_radiation.pdbx_scattering_type             x-ray 
# 
_diffrn_radiation_wavelength.id           1 
_diffrn_radiation_wavelength.wavelength   1.5418 
_diffrn_radiation_wavelength.wt           1.0 
# 
_diffrn_source.diffrn_id                   1 
_diffrn_source.source                      'ROTATING ANODE' 
_diffrn_source.type                        'RIGAKU RU200' 
_diffrn_source.pdbx_synchrotron_site       ? 
_diffrn_source.pdbx_synchrotron_beamline   ? 
_diffrn_source.pdbx_wavelength             ? 
_diffrn_source.pdbx_wavelength_list        1.5418 
# 
_reflns.entry_id                     4KXI 
_reflns.observed_criterion_sigma_I   0 
_reflns.observed_criterion_sigma_F   0 
_reflns.d_resolution_low             30.0 
_reflns.d_resolution_high            2.0 
_reflns.number_obs                   7791 
_reflns.number_all                   7791 
_reflns.percent_possible_obs         98.5 
_reflns.pdbx_Rmerge_I_obs            ? 
_reflns.pdbx_Rsym_value              ? 
_reflns.pdbx_netI_over_sigmaI        ? 
_reflns.B_iso_Wilson_estimate        ? 
_reflns.pdbx_redundancy              ? 
_reflns.R_free_details               ? 
_reflns.limit_h_max                  ? 
_reflns.limit_h_min                  ? 
_reflns.limit_k_max                  ? 
_reflns.limit_k_min                  ? 
_reflns.limit_l_max                  ? 
_reflns.limit_l_min                  ? 
_reflns.observed_criterion_F_max     ? 
_reflns.observed_criterion_F_min     ? 
_reflns.pdbx_chi_squared             ? 
_reflns.pdbx_scaling_rejects         ? 
_reflns.pdbx_ordinal                 1 
_reflns.pdbx_diffrn_id               1 
# 
_reflns_shell.d_res_high                  2.0 
_reflns_shell.d_res_low                   ? 
_reflns_shell.percent_possible_all        98.5 
_reflns_shell.Rmerge_I_obs                ? 
_reflns_shell.pdbx_Rsym_value             ? 
_reflns_shell.meanI_over_sigI_obs         ? 
_reflns_shell.pdbx_redundancy             ? 
_reflns_shell.percent_possible_obs        ? 
_reflns_shell.number_unique_all           ? 
_reflns_shell.number_measured_all         ? 
_reflns_shell.number_measured_obs         ? 
_reflns_shell.number_unique_obs           ? 
_reflns_shell.pdbx_chi_squared            ? 
_reflns_shell.pdbx_rejects                ? 
_reflns_shell.pdbx_netI_over_sigmaI_obs   ? 
_reflns_shell.number_possible             ? 
_reflns_shell.Rmerge_F_all                ? 
_reflns_shell.Rmerge_F_obs                ? 
_reflns_shell.Rmerge_I_all                ? 
_reflns_shell.meanI_over_sigI_all         ? 
_reflns_shell.pdbx_Rrim_I_all             ? 
_reflns_shell.pdbx_Rpim_I_all             ? 
_reflns_shell.pdbx_ordinal                1 
_reflns_shell.pdbx_diffrn_id              1 
# 
_refine.entry_id                                 4KXI 
_refine.ls_number_reflns_obs                     7790 
_refine.ls_number_reflns_all                     7790 
_refine.pdbx_ls_sigma_I                          ? 
_refine.pdbx_ls_sigma_F                          0.0 
_refine.pdbx_data_cutoff_high_absF               1040065.55 
_refine.pdbx_data_cutoff_low_absF                0.000000 
_refine.pdbx_data_cutoff_high_rms_absF           ? 
_refine.ls_d_res_low                             25.11 
_refine.ls_d_res_high                            2.00 
_refine.ls_percent_reflns_obs                    98.5 
_refine.ls_R_factor_obs                          0.242 
_refine.ls_R_factor_all                          0.246 
_refine.ls_R_factor_R_work                       0.242 
_refine.ls_R_factor_R_free                       0.256 
_refine.ls_R_factor_R_free_error                 0.013 
_refine.ls_R_factor_R_free_error_details         ? 
_refine.ls_percent_reflns_R_free                 5.2 
_refine.ls_number_reflns_R_free                  403 
_refine.ls_number_parameters                     ? 
_refine.ls_number_restraints                     ? 
_refine.occupancy_min                            ? 
_refine.occupancy_max                            ? 
_refine.correlation_coeff_Fo_to_Fc               ? 
_refine.correlation_coeff_Fo_to_Fc_free          ? 
_refine.B_iso_mean                               34.0 
_refine.aniso_B[1][1]                            -2.98 
_refine.aniso_B[2][2]                            -2.98 
_refine.aniso_B[3][3]                            5.95 
_refine.aniso_B[1][2]                            0.00 
_refine.aniso_B[1][3]                            0.00 
_refine.aniso_B[2][3]                            0.00 
_refine.solvent_model_details                    'FLAT MODEL' 
_refine.solvent_model_param_ksol                 0.4 
_refine.solvent_model_param_bsol                 52.5834 
_refine.pdbx_solvent_vdw_probe_radii             ? 
_refine.pdbx_solvent_ion_probe_radii             ? 
_refine.pdbx_solvent_shrinkage_radii             ? 
_refine.pdbx_ls_cross_valid_method               THROUGHOUT 
_refine.details                                  'BULK SOLVENT MODEL USED' 
_refine.pdbx_starting_model                      193L 
_refine.pdbx_method_to_determine_struct          'MOLECULAR REPLACEMENT' 
_refine.pdbx_isotropic_thermal_model             RESTRAINED 
_refine.pdbx_stereochemistry_target_values       'Engh & Huber' 
_refine.pdbx_stereochem_target_val_spec_case     ? 
_refine.pdbx_R_Free_selection_details            RANDOM 
_refine.pdbx_overall_ESU_R                       ? 
_refine.pdbx_overall_ESU_R_Free                  ? 
_refine.overall_SU_ML                            ? 
_refine.pdbx_overall_phase_error                 ? 
_refine.overall_SU_B                             ? 
_refine.overall_SU_R_Cruickshank_DPI             ? 
_refine.ls_redundancy_reflns_obs                 ? 
_refine.B_iso_min                                ? 
_refine.B_iso_max                                ? 
_refine.overall_SU_R_free                        ? 
_refine.ls_wR_factor_R_free                      ? 
_refine.ls_wR_factor_R_work                      ? 
_refine.overall_FOM_free_R_set                   ? 
_refine.overall_FOM_work_R_set                   ? 
_refine.pdbx_diffrn_id                           1 
_refine.pdbx_refine_id                           'X-RAY DIFFRACTION' 
_refine.pdbx_TLS_residual_ADP_flag               ? 
_refine.pdbx_overall_SU_R_free_Cruickshank_DPI   ? 
_refine.pdbx_overall_SU_R_Blow_DPI               ? 
_refine.pdbx_overall_SU_R_free_Blow_DPI          ? 
# 
_refine_analyze.entry_id                        4KXI 
_refine_analyze.Luzzati_coordinate_error_obs    0.30 
_refine_analyze.Luzzati_sigma_a_obs             0.26 
_refine_analyze.Luzzati_d_res_low_obs           5.00 
_refine_analyze.Luzzati_coordinate_error_free   0.37 
_refine_analyze.Luzzati_sigma_a_free            0.25 
_refine_analyze.Luzzati_d_res_low_free          ? 
_refine_analyze.number_disordered_residues      ? 
_refine_analyze.occupancy_sum_hydrogen          ? 
_refine_analyze.occupancy_sum_non_hydrogen      ? 
_refine_analyze.pdbx_Luzzati_d_res_high_obs     ? 
_refine_analyze.pdbx_refine_id                  'X-RAY DIFFRACTION' 
# 
_refine_hist.pdbx_refine_id                   'X-RAY DIFFRACTION' 
_refine_hist.cycle_id                         LAST 
_refine_hist.pdbx_number_atoms_protein        1001 
_refine_hist.pdbx_number_atoms_nucleic_acid   0 
_refine_hist.pdbx_number_atoms_ligand         47 
_refine_hist.number_atoms_solvent             60 
_refine_hist.number_atoms_total               1108 
_refine_hist.d_res_high                       2.00 
_refine_hist.d_res_low                        25.11 
# 
loop_
_refine_ls_restr.type 
_refine_ls_restr.dev_ideal 
_refine_ls_restr.dev_ideal_target 
_refine_ls_restr.weight 
_refine_ls_restr.number 
_refine_ls_restr.pdbx_restraint_function 
_refine_ls_restr.pdbx_refine_id 
c_bond_d                0.047 ? ? ? ? 'X-RAY DIFFRACTION' 
c_bond_d_na             ?     ? ? ? ? 'X-RAY DIFFRACTION' 
c_bond_d_prot           ?     ? ? ? ? 'X-RAY DIFFRACTION' 
c_angle_d               ?     ? ? ? ? 'X-RAY DIFFRACTION' 
c_angle_d_na            ?     ? ? ? ? 'X-RAY DIFFRACTION' 
c_angle_d_prot          ?     ? ? ? ? 'X-RAY DIFFRACTION' 
c_angle_deg             2.5   ? ? ? ? 'X-RAY DIFFRACTION' 
c_angle_deg_na          ?     ? ? ? ? 'X-RAY DIFFRACTION' 
c_angle_deg_prot        ?     ? ? ? ? 'X-RAY DIFFRACTION' 
c_dihedral_angle_d      24.2  ? ? ? ? 'X-RAY DIFFRACTION' 
c_dihedral_angle_d_na   ?     ? ? ? ? 'X-RAY DIFFRACTION' 
c_dihedral_angle_d_prot ?     ? ? ? ? 'X-RAY DIFFRACTION' 
c_improper_angle_d      1.77  ? ? ? ? 'X-RAY DIFFRACTION' 
c_improper_angle_d_na   ?     ? ? ? ? 'X-RAY DIFFRACTION' 
c_improper_angle_d_prot ?     ? ? ? ? 'X-RAY DIFFRACTION' 
c_mcbond_it             ?     ? ? ? ? 'X-RAY DIFFRACTION' 
c_mcangle_it            ?     ? ? ? ? 'X-RAY DIFFRACTION' 
c_scbond_it             ?     ? ? ? ? 'X-RAY DIFFRACTION' 
c_scangle_it            ?     ? ? ? ? 'X-RAY DIFFRACTION' 
# 
_refine_ls_shell.pdbx_refine_id                   'X-RAY DIFFRACTION' 
_refine_ls_shell.pdbx_total_number_of_bins_used   6 
_refine_ls_shell.d_res_high                       2.00 
_refine_ls_shell.d_res_low                        2.13 
_refine_ls_shell.number_reflns_R_work             1172 
_refine_ls_shell.R_factor_R_work                  0.338 
_refine_ls_shell.percent_reflns_obs               97.4 
_refine_ls_shell.R_factor_R_free                  0.317 
_refine_ls_shell.R_factor_R_free_error            0.037 
_refine_ls_shell.percent_reflns_R_free            5.8 
_refine_ls_shell.number_reflns_R_free             72 
_refine_ls_shell.number_reflns_all                ? 
_refine_ls_shell.R_factor_all                     ? 
_refine_ls_shell.number_reflns_obs                ? 
_refine_ls_shell.redundancy_reflns_obs            ? 
# 
loop_
_pdbx_xplor_file.pdbx_refine_id 
_pdbx_xplor_file.serial_no 
_pdbx_xplor_file.param_file 
_pdbx_xplor_file.topol_file 
'X-RAY DIFFRACTION' 1 protein_rep.param protein.top     
'X-RAY DIFFRACTION' 2 perchlorate.param perchlorate.top 
'X-RAY DIFFRACTION' 3 water_rep.param   water.top       
'X-RAY DIFFRACTION' 4 ions.param        ion.top         
'X-RAY DIFFRACTION' 5 SCF1.param        SCF1.top        
# 
_struct_ncs_dom.id            1 
_struct_ncs_dom.details       ? 
_struct_ncs_dom.pdbx_ens_id   1 
# 
_struct_ncs_ens.id        1 
_struct_ncs_ens.details   ? 
# 
_struct.entry_id                  4KXI 
_struct.title                     'Crystallographic study of the complex of Ni(II) Schiff base complex and HEW Lysozyme' 
_struct.pdbx_model_details        ? 
_struct.pdbx_CASP_flag            ? 
_struct.pdbx_model_type_details   ? 
# 
_struct_keywords.entry_id        4KXI 
_struct_keywords.pdbx_keywords   HYDROLASE 
_struct_keywords.text            'Globular, Hydrolase' 
# 
loop_
_struct_asym.id 
_struct_asym.pdbx_blank_PDB_chainid_flag 
_struct_asym.pdbx_modified 
_struct_asym.entity_id 
_struct_asym.details 
A N N 1 ? 
B N N 2 ? 
C N N 3 ? 
D N N 4 ? 
E N N 4 ? 
F N N 4 ? 
G N N 4 ? 
H N N 4 ? 
I N N 5 ? 
J N N 6 ? 
# 
_struct_ref.id                         1 
_struct_ref.db_name                    UNP 
_struct_ref.db_code                    LYSC_CHICK 
_struct_ref.pdbx_db_accession          P00698 
_struct_ref.entity_id                  1 
_struct_ref.pdbx_seq_one_letter_code   
;MRSLLILVLCFLPLAALGKVFGRCELAAAMKRHGLDNYRGYSLGNWVCAAKFESNFNTQATNRNTDGSTDYGILQINSRW
WCNDGRTPGSRNLCNIPCSALLSSDITASVNCAKKIVSDGNGMNAWVAWRNRCKGTDVQAWIRGCRL
;
_struct_ref.pdbx_align_begin           1 
_struct_ref.pdbx_db_isoform            ? 
# 
_struct_ref_seq.align_id                      1 
_struct_ref_seq.ref_id                        1 
_struct_ref_seq.pdbx_PDB_id_code              4KXI 
_struct_ref_seq.pdbx_strand_id                A 
_struct_ref_seq.seq_align_beg                 1 
_struct_ref_seq.pdbx_seq_align_beg_ins_code   ? 
_struct_ref_seq.seq_align_end                 129 
_struct_ref_seq.pdbx_seq_align_end_ins_code   ? 
_struct_ref_seq.pdbx_db_accession             P00698 
_struct_ref_seq.db_align_beg                  19 
_struct_ref_seq.pdbx_db_align_beg_ins_code    ? 
_struct_ref_seq.db_align_end                  147 
_struct_ref_seq.pdbx_db_align_end_ins_code    ? 
_struct_ref_seq.pdbx_auth_seq_align_beg       1 
_struct_ref_seq.pdbx_auth_seq_align_end       129 
# 
_pdbx_struct_assembly.id                   1 
_pdbx_struct_assembly.details              author_and_software_defined_assembly 
_pdbx_struct_assembly.method_details       PISA 
_pdbx_struct_assembly.oligomeric_details   monomeric 
_pdbx_struct_assembly.oligomeric_count     1 
# 
_pdbx_struct_assembly_gen.assembly_id       1 
_pdbx_struct_assembly_gen.oper_expression   1 
_pdbx_struct_assembly_gen.asym_id_list      A,B,C,D,E,F,G,H,I,J 
# 
_pdbx_struct_oper_list.id                   1 
_pdbx_struct_oper_list.type                 'identity operation' 
_pdbx_struct_oper_list.name                 1_555 
_pdbx_struct_oper_list.symmetry_operation   x,y,z 
_pdbx_struct_oper_list.matrix[1][1]         1.0000000000 
_pdbx_struct_oper_list.matrix[1][2]         0.0000000000 
_pdbx_struct_oper_list.matrix[1][3]         0.0000000000 
_pdbx_struct_oper_list.vector[1]            0.0000000000 
_pdbx_struct_oper_list.matrix[2][1]         0.0000000000 
_pdbx_struct_oper_list.matrix[2][2]         1.0000000000 
_pdbx_struct_oper_list.matrix[2][3]         0.0000000000 
_pdbx_struct_oper_list.vector[2]            0.0000000000 
_pdbx_struct_oper_list.matrix[3][1]         0.0000000000 
_pdbx_struct_oper_list.matrix[3][2]         0.0000000000 
_pdbx_struct_oper_list.matrix[3][3]         1.0000000000 
_pdbx_struct_oper_list.vector[3]            0.0000000000 
# 
_struct_biol.id        1 
_struct_biol.details   ? 
# 
loop_
_struct_conf.conf_type_id 
_struct_conf.id 
_struct_conf.pdbx_PDB_helix_id 
_struct_conf.beg_label_comp_id 
_struct_conf.beg_label_asym_id 
_struct_conf.beg_label_seq_id 
_struct_conf.pdbx_beg_PDB_ins_code 
_struct_conf.end_label_comp_id 
_struct_conf.end_label_asym_id 
_struct_conf.end_label_seq_id 
_struct_conf.pdbx_end_PDB_ins_code 
_struct_conf.beg_auth_comp_id 
_struct_conf.beg_auth_asym_id 
_struct_conf.beg_auth_seq_id 
_struct_conf.end_auth_comp_id 
_struct_conf.end_auth_asym_id 
_struct_conf.end_auth_seq_id 
_struct_conf.pdbx_PDB_helix_class 
_struct_conf.details 
_struct_conf.pdbx_PDB_helix_length 
HELX_P HELX_P1 1 GLY A 4   ? HIS A 15  ? GLY A 4   HIS A 15  1 ? 12 
HELX_P HELX_P2 2 ASN A 19  ? TYR A 23  ? ASN A 19  TYR A 23  5 ? 5  
HELX_P HELX_P3 3 SER A 24  ? ASN A 37  ? SER A 24  ASN A 37  1 ? 14 
HELX_P HELX_P4 4 PRO A 79  ? SER A 85  ? PRO A 79  SER A 85  5 ? 7  
HELX_P HELX_P5 5 ILE A 88  ? ASP A 101 ? ILE A 88  ASP A 101 1 ? 14 
HELX_P HELX_P6 6 ASN A 103 ? ALA A 107 ? ASN A 103 ALA A 107 5 ? 5  
HELX_P HELX_P7 7 TRP A 108 ? CYS A 115 ? TRP A 108 CYS A 115 1 ? 8  
HELX_P HELX_P8 8 ASP A 119 ? ARG A 125 ? ASP A 119 ARG A 125 5 ? 7  
# 
_struct_conf_type.id          HELX_P 
_struct_conf_type.criteria    ? 
_struct_conf_type.reference   ? 
# 
loop_
_struct_conn.id 
_struct_conn.conn_type_id 
_struct_conn.pdbx_leaving_atom_flag 
_struct_conn.pdbx_PDB_id 
_struct_conn.ptnr1_label_asym_id 
_struct_conn.ptnr1_label_comp_id 
_struct_conn.ptnr1_label_seq_id 
_struct_conn.ptnr1_label_atom_id 
_struct_conn.pdbx_ptnr1_label_alt_id 
_struct_conn.pdbx_ptnr1_PDB_ins_code 
_struct_conn.pdbx_ptnr1_standard_comp_id 
_struct_conn.ptnr1_symmetry 
_struct_conn.ptnr2_label_asym_id 
_struct_conn.ptnr2_label_comp_id 
_struct_conn.ptnr2_label_seq_id 
_struct_conn.ptnr2_label_atom_id 
_struct_conn.pdbx_ptnr2_label_alt_id 
_struct_conn.pdbx_ptnr2_PDB_ins_code 
_struct_conn.ptnr1_auth_asym_id 
_struct_conn.ptnr1_auth_comp_id 
_struct_conn.ptnr1_auth_seq_id 
_struct_conn.ptnr2_auth_asym_id 
_struct_conn.ptnr2_auth_comp_id 
_struct_conn.ptnr2_auth_seq_id 
_struct_conn.ptnr2_symmetry 
_struct_conn.pdbx_ptnr3_label_atom_id 
_struct_conn.pdbx_ptnr3_label_seq_id 
_struct_conn.pdbx_ptnr3_label_comp_id 
_struct_conn.pdbx_ptnr3_label_asym_id 
_struct_conn.pdbx_ptnr3_label_alt_id 
_struct_conn.pdbx_ptnr3_PDB_ins_code 
_struct_conn.details 
_struct_conn.pdbx_dist_value 
_struct_conn.pdbx_value_order 
_struct_conn.pdbx_role 
disulf1 disulf ? ? A CYS 6   SG  ? ? ? 1_555 A CYS 127 SG ? ? A CYS 6   A CYS 127 1_555 ? ? ? ? ? ? ? 2.027 ? ? 
disulf2 disulf ? ? A CYS 30  SG  ? ? ? 1_555 A CYS 115 SG ? ? A CYS 30  A CYS 115 1_555 ? ? ? ? ? ? ? 2.028 ? ? 
disulf3 disulf ? ? A CYS 64  SG  ? ? ? 1_555 A CYS 80  SG ? ? A CYS 64  A CYS 80  1_555 ? ? ? ? ? ? ? 2.042 ? ? 
disulf4 disulf ? ? A CYS 76  SG  ? ? ? 1_555 A CYS 94  SG ? ? A CYS 76  A CYS 94  1_555 ? ? ? ? ? ? ? 2.024 ? ? 
metalc1 metalc ? ? A ASP 52  OD2 ? ? ? 1_555 C SNF .   NI ? ? A ASP 52  A SNF 202 1_555 ? ? ? ? ? ? ? 2.164 ? ? 
metalc2 metalc ? ? A LEU 129 OXT ? ? ? 1_555 B NI  .   NI ? ? A LEU 129 A NI  201 1_555 ? ? ? ? ? ? ? 2.678 ? ? 
metalc3 metalc ? ? A LEU 129 O   ? ? ? 1_555 B NI  .   NI ? ? A LEU 129 A NI  201 1_555 ? ? ? ? ? ? ? 2.740 ? ? 
metalc4 metalc ? ? B NI  .   NI  ? ? ? 1_555 E LCP .   O2 ? ? A NI  201 A LCP 204 1_555 ? ? ? ? ? ? ? 2.115 ? ? 
# 
loop_
_struct_conn_type.id 
_struct_conn_type.criteria 
_struct_conn_type.reference 
disulf ? ? 
metalc ? ? 
# 
loop_
_pdbx_struct_conn_angle.id 
_pdbx_struct_conn_angle.ptnr1_label_atom_id 
_pdbx_struct_conn_angle.ptnr1_label_alt_id 
_pdbx_struct_conn_angle.ptnr1_label_asym_id 
_pdbx_struct_conn_angle.ptnr1_label_comp_id 
_pdbx_struct_conn_angle.ptnr1_label_seq_id 
_pdbx_struct_conn_angle.ptnr1_auth_atom_id 
_pdbx_struct_conn_angle.ptnr1_auth_asym_id 
_pdbx_struct_conn_angle.ptnr1_auth_comp_id 
_pdbx_struct_conn_angle.ptnr1_auth_seq_id 
_pdbx_struct_conn_angle.ptnr1_PDB_ins_code 
_pdbx_struct_conn_angle.ptnr1_symmetry 
_pdbx_struct_conn_angle.ptnr2_label_atom_id 
_pdbx_struct_conn_angle.ptnr2_label_alt_id 
_pdbx_struct_conn_angle.ptnr2_label_asym_id 
_pdbx_struct_conn_angle.ptnr2_label_comp_id 
_pdbx_struct_conn_angle.ptnr2_label_seq_id 
_pdbx_struct_conn_angle.ptnr2_auth_atom_id 
_pdbx_struct_conn_angle.ptnr2_auth_asym_id 
_pdbx_struct_conn_angle.ptnr2_auth_comp_id 
_pdbx_struct_conn_angle.ptnr2_auth_seq_id 
_pdbx_struct_conn_angle.ptnr2_PDB_ins_code 
_pdbx_struct_conn_angle.ptnr2_symmetry 
_pdbx_struct_conn_angle.ptnr3_label_atom_id 
_pdbx_struct_conn_angle.ptnr3_label_alt_id 
_pdbx_struct_conn_angle.ptnr3_label_asym_id 
_pdbx_struct_conn_angle.ptnr3_label_comp_id 
_pdbx_struct_conn_angle.ptnr3_label_seq_id 
_pdbx_struct_conn_angle.ptnr3_auth_atom_id 
_pdbx_struct_conn_angle.ptnr3_auth_asym_id 
_pdbx_struct_conn_angle.ptnr3_auth_comp_id 
_pdbx_struct_conn_angle.ptnr3_auth_seq_id 
_pdbx_struct_conn_angle.ptnr3_PDB_ins_code 
_pdbx_struct_conn_angle.ptnr3_symmetry 
_pdbx_struct_conn_angle.value 
_pdbx_struct_conn_angle.value_esd 
1  OD2 ? A ASP 52  ? A ASP 52  ? 1_555 NI ? C SNF . ? A SNF 202 ? 1_555 N19 ? C SNF .   ? A SNF 202 ? 1_555 83.6  ? 
2  OD2 ? A ASP 52  ? A ASP 52  ? 1_555 NI ? C SNF . ? A SNF 202 ? 1_555 N15 ? C SNF .   ? A SNF 202 ? 1_555 86.6  ? 
3  N19 ? C SNF .   ? A SNF 202 ? 1_555 NI ? C SNF . ? A SNF 202 ? 1_555 N15 ? C SNF .   ? A SNF 202 ? 1_555 63.5  ? 
4  OD2 ? A ASP 52  ? A ASP 52  ? 1_555 NI ? C SNF . ? A SNF 202 ? 1_555 N8  ? C SNF .   ? A SNF 202 ? 1_555 97.7  ? 
5  N19 ? C SNF .   ? A SNF 202 ? 1_555 NI ? C SNF . ? A SNF 202 ? 1_555 N8  ? C SNF .   ? A SNF 202 ? 1_555 90.3  ? 
6  N15 ? C SNF .   ? A SNF 202 ? 1_555 NI ? C SNF . ? A SNF 202 ? 1_555 N8  ? C SNF .   ? A SNF 202 ? 1_555 152.9 ? 
7  OD2 ? A ASP 52  ? A ASP 52  ? 1_555 NI ? C SNF . ? A SNF 202 ? 1_555 N2  ? C SNF .   ? A SNF 202 ? 1_555 97.4  ? 
8  N19 ? C SNF .   ? A SNF 202 ? 1_555 NI ? C SNF . ? A SNF 202 ? 1_555 N2  ? C SNF .   ? A SNF 202 ? 1_555 159.5 ? 
9  N15 ? C SNF .   ? A SNF 202 ? 1_555 NI ? C SNF . ? A SNF 202 ? 1_555 N2  ? C SNF .   ? A SNF 202 ? 1_555 96.1  ? 
10 N8  ? C SNF .   ? A SNF 202 ? 1_555 NI ? C SNF . ? A SNF 202 ? 1_555 N2  ? C SNF .   ? A SNF 202 ? 1_555 109.7 ? 
11 OXT ? A LEU 129 ? A LEU 129 ? 1_555 NI ? B NI  . ? A NI  201 ? 1_555 O   ? A LEU 129 ? A LEU 129 ? 1_555 47.4  ? 
12 OXT ? A LEU 129 ? A LEU 129 ? 1_555 NI ? B NI  . ? A NI  201 ? 1_555 O2  ? E LCP .   ? A LCP 204 ? 1_555 127.4 ? 
13 O   ? A LEU 129 ? A LEU 129 ? 1_555 NI ? B NI  . ? A NI  201 ? 1_555 O2  ? E LCP .   ? A LCP 204 ? 1_555 174.8 ? 
# 
loop_
_pdbx_modification_feature.ordinal 
_pdbx_modification_feature.label_comp_id 
_pdbx_modification_feature.label_asym_id 
_pdbx_modification_feature.label_seq_id 
_pdbx_modification_feature.label_alt_id 
_pdbx_modification_feature.modified_residue_label_comp_id 
_pdbx_modification_feature.modified_residue_label_asym_id 
_pdbx_modification_feature.modified_residue_label_seq_id 
_pdbx_modification_feature.modified_residue_label_alt_id 
_pdbx_modification_feature.auth_comp_id 
_pdbx_modification_feature.auth_asym_id 
_pdbx_modification_feature.auth_seq_id 
_pdbx_modification_feature.PDB_ins_code 
_pdbx_modification_feature.symmetry 
_pdbx_modification_feature.modified_residue_auth_comp_id 
_pdbx_modification_feature.modified_residue_auth_asym_id 
_pdbx_modification_feature.modified_residue_auth_seq_id 
_pdbx_modification_feature.modified_residue_PDB_ins_code 
_pdbx_modification_feature.modified_residue_symmetry 
_pdbx_modification_feature.comp_id_linking_atom 
_pdbx_modification_feature.modified_residue_id_linking_atom 
_pdbx_modification_feature.modified_residue_id 
_pdbx_modification_feature.ref_pcm_id 
_pdbx_modification_feature.ref_comp_id 
_pdbx_modification_feature.type 
_pdbx_modification_feature.category 
1 CYS A 6  ? CYS A 127 ? CYS A 6  ? 1_555 CYS A 127 ? 1_555 SG SG . . . None 'Disulfide bridge' 
2 CYS A 30 ? CYS A 115 ? CYS A 30 ? 1_555 CYS A 115 ? 1_555 SG SG . . . None 'Disulfide bridge' 
3 CYS A 64 ? CYS A 80  ? CYS A 64 ? 1_555 CYS A 80  ? 1_555 SG SG . . . None 'Disulfide bridge' 
4 CYS A 76 ? CYS A 94  ? CYS A 76 ? 1_555 CYS A 94  ? 1_555 SG SG . . . None 'Disulfide bridge' 
# 
_struct_sheet.id               A 
_struct_sheet.type             ? 
_struct_sheet.number_strands   3 
_struct_sheet.details          ? 
# 
loop_
_struct_sheet_order.sheet_id 
_struct_sheet_order.range_id_1 
_struct_sheet_order.range_id_2 
_struct_sheet_order.offset 
_struct_sheet_order.sense 
A 1 2 ? anti-parallel 
A 2 3 ? anti-parallel 
# 
loop_
_struct_sheet_range.sheet_id 
_struct_sheet_range.id 
_struct_sheet_range.beg_label_comp_id 
_struct_sheet_range.beg_label_asym_id 
_struct_sheet_range.beg_label_seq_id 
_struct_sheet_range.pdbx_beg_PDB_ins_code 
_struct_sheet_range.end_label_comp_id 
_struct_sheet_range.end_label_asym_id 
_struct_sheet_range.end_label_seq_id 
_struct_sheet_range.pdbx_end_PDB_ins_code 
_struct_sheet_range.beg_auth_comp_id 
_struct_sheet_range.beg_auth_asym_id 
_struct_sheet_range.beg_auth_seq_id 
_struct_sheet_range.end_auth_comp_id 
_struct_sheet_range.end_auth_asym_id 
_struct_sheet_range.end_auth_seq_id 
A 1 THR A 43 ? ARG A 45 ? THR A 43 ARG A 45 
A 2 THR A 51 ? TYR A 53 ? THR A 51 TYR A 53 
A 3 ILE A 58 ? ASN A 59 ? ILE A 58 ASN A 59 
# 
loop_
_pdbx_struct_sheet_hbond.sheet_id 
_pdbx_struct_sheet_hbond.range_id_1 
_pdbx_struct_sheet_hbond.range_id_2 
_pdbx_struct_sheet_hbond.range_1_label_atom_id 
_pdbx_struct_sheet_hbond.range_1_label_comp_id 
_pdbx_struct_sheet_hbond.range_1_label_asym_id 
_pdbx_struct_sheet_hbond.range_1_label_seq_id 
_pdbx_struct_sheet_hbond.range_1_PDB_ins_code 
_pdbx_struct_sheet_hbond.range_1_auth_atom_id 
_pdbx_struct_sheet_hbond.range_1_auth_comp_id 
_pdbx_struct_sheet_hbond.range_1_auth_asym_id 
_pdbx_struct_sheet_hbond.range_1_auth_seq_id 
_pdbx_struct_sheet_hbond.range_2_label_atom_id 
_pdbx_struct_sheet_hbond.range_2_label_comp_id 
_pdbx_struct_sheet_hbond.range_2_label_asym_id 
_pdbx_struct_sheet_hbond.range_2_label_seq_id 
_pdbx_struct_sheet_hbond.range_2_PDB_ins_code 
_pdbx_struct_sheet_hbond.range_2_auth_atom_id 
_pdbx_struct_sheet_hbond.range_2_auth_comp_id 
_pdbx_struct_sheet_hbond.range_2_auth_asym_id 
_pdbx_struct_sheet_hbond.range_2_auth_seq_id 
A 1 2 N ASN A 44 ? N ASN A 44 O ASP A 52 ? O ASP A 52 
A 2 3 N TYR A 53 ? N TYR A 53 O ILE A 58 ? O ILE A 58 
# 
loop_
_struct_site.id 
_struct_site.pdbx_evidence_code 
_struct_site.pdbx_auth_asym_id 
_struct_site.pdbx_auth_comp_id 
_struct_site.pdbx_auth_seq_id 
_struct_site.pdbx_auth_ins_code 
_struct_site.pdbx_num_residues 
_struct_site.details 
AC1 Software A NI  201 ? 4  'BINDING SITE FOR RESIDUE NI A 201'  
AC2 Software A SNF 202 ? 13 'BINDING SITE FOR RESIDUE SNF A 202' 
AC3 Software A LCP 203 ? 7  'BINDING SITE FOR RESIDUE LCP A 203' 
AC4 Software A LCP 204 ? 6  'BINDING SITE FOR RESIDUE LCP A 204' 
AC5 Software A LCP 205 ? 1  'BINDING SITE FOR RESIDUE LCP A 205' 
AC6 Software A LCP 206 ? 4  'BINDING SITE FOR RESIDUE LCP A 206' 
AC7 Software A LCP 207 ? 9  'BINDING SITE FOR RESIDUE LCP A 207' 
AC8 Software A CL  208 ? 2  'BINDING SITE FOR RESIDUE CL A 208'  
# 
loop_
_struct_site_gen.id 
_struct_site_gen.site_id 
_struct_site_gen.pdbx_num_res 
_struct_site_gen.label_comp_id 
_struct_site_gen.label_asym_id 
_struct_site_gen.label_seq_id 
_struct_site_gen.pdbx_auth_ins_code 
_struct_site_gen.auth_comp_id 
_struct_site_gen.auth_asym_id 
_struct_site_gen.auth_seq_id 
_struct_site_gen.label_atom_id 
_struct_site_gen.label_alt_id 
_struct_site_gen.symmetry 
_struct_site_gen.details 
1  AC1 4  LYS A 13  ? LYS A 13  . ? 8_555 ? 
2  AC1 4  LEU A 129 ? LEU A 129 . ? 8_555 ? 
3  AC1 4  LEU A 129 ? LEU A 129 . ? 1_555 ? 
4  AC1 4  LCP E .   ? LCP A 204 . ? 1_555 ? 
5  AC2 13 GLU A 35  ? GLU A 35  . ? 1_555 ? 
6  AC2 13 ASN A 44  ? ASN A 44  . ? 1_555 ? 
7  AC2 13 ASN A 46  ? ASN A 46  . ? 1_555 ? 
8  AC2 13 ASP A 52  ? ASP A 52  . ? 1_555 ? 
9  AC2 13 LEU A 56  ? LEU A 56  . ? 1_555 ? 
10 AC2 13 GLN A 57  ? GLN A 57  . ? 1_555 ? 
11 AC2 13 ASN A 59  ? ASN A 59  . ? 1_555 ? 
12 AC2 13 TRP A 108 ? TRP A 108 . ? 1_555 ? 
13 AC2 13 HOH J .   ? HOH A 354 . ? 1_555 ? 
14 AC2 13 HOH J .   ? HOH A 356 . ? 1_555 ? 
15 AC2 13 HOH J .   ? HOH A 357 . ? 1_555 ? 
16 AC2 13 HOH J .   ? HOH A 359 . ? 1_555 ? 
17 AC2 13 HOH J .   ? HOH A 360 . ? 1_555 ? 
18 AC3 7  SER A 24  ? SER A 24  . ? 1_555 ? 
19 AC3 7  LEU A 25  ? LEU A 25  . ? 1_555 ? 
20 AC3 7  GLY A 26  ? GLY A 26  . ? 1_555 ? 
21 AC3 7  ASN A 27  ? ASN A 27  . ? 1_555 ? 
22 AC3 7  VAL A 120 ? VAL A 120 . ? 1_555 ? 
23 AC3 7  GLN A 121 ? GLN A 121 . ? 1_555 ? 
24 AC3 7  ILE A 124 ? ILE A 124 . ? 1_555 ? 
25 AC4 6  LYS A 13  ? LYS A 13  . ? 8_555 ? 
26 AC4 6  ARG A 61  ? ARG A 61  . ? 6_456 ? 
27 AC4 6  PRO A 70  ? PRO A 70  . ? 4_454 ? 
28 AC4 6  PRO A 70  ? PRO A 70  . ? 6_456 ? 
29 AC4 6  LEU A 129 ? LEU A 129 . ? 8_555 ? 
30 AC4 6  NI  B .   ? NI  A 201 . ? 1_555 ? 
31 AC5 1  ASP A 101 ? ASP A 101 . ? 1_555 ? 
32 AC6 4  ARG A 5   ? ARG A 5   . ? 1_555 ? 
33 AC6 4  LYS A 33  ? LYS A 33  . ? 1_555 ? 
34 AC6 4  PHE A 38  ? PHE A 38  . ? 1_555 ? 
35 AC6 4  TRP A 123 ? TRP A 123 . ? 1_555 ? 
36 AC7 9  PHE A 34  ? PHE A 34  . ? 1_555 ? 
37 AC7 9  ARG A 114 ? ARG A 114 . ? 1_555 ? 
38 AC7 9  LYS A 116 ? LYS A 116 . ? 3_554 ? 
39 AC7 9  GLY A 117 ? GLY A 117 . ? 3_554 ? 
40 AC7 9  THR A 118 ? THR A 118 . ? 1_555 ? 
41 AC7 9  HOH J .   ? HOH A 311 . ? 1_555 ? 
42 AC7 9  HOH J .   ? HOH A 325 . ? 3_554 ? 
43 AC7 9  HOH J .   ? HOH A 336 . ? 1_555 ? 
44 AC7 9  HOH J .   ? HOH A 355 . ? 3_554 ? 
45 AC8 2  GLY A 71  ? GLY A 71  . ? 1_555 ? 
46 AC8 2  GLY A 71  ? GLY A 71  . ? 7_557 ? 
# 
_pdbx_entry_details.entry_id                   4KXI 
_pdbx_entry_details.compound_details           ? 
_pdbx_entry_details.source_details             ? 
_pdbx_entry_details.nonpolymer_details         ? 
_pdbx_entry_details.sequence_details           ? 
_pdbx_entry_details.has_ligand_of_interest     ? 
_pdbx_entry_details.has_protein_modification   Y 
# 
loop_
_pdbx_validate_close_contact.id 
_pdbx_validate_close_contact.PDB_model_num 
_pdbx_validate_close_contact.auth_atom_id_1 
_pdbx_validate_close_contact.auth_asym_id_1 
_pdbx_validate_close_contact.auth_comp_id_1 
_pdbx_validate_close_contact.auth_seq_id_1 
_pdbx_validate_close_contact.PDB_ins_code_1 
_pdbx_validate_close_contact.label_alt_id_1 
_pdbx_validate_close_contact.auth_atom_id_2 
_pdbx_validate_close_contact.auth_asym_id_2 
_pdbx_validate_close_contact.auth_comp_id_2 
_pdbx_validate_close_contact.auth_seq_id_2 
_pdbx_validate_close_contact.PDB_ins_code_2 
_pdbx_validate_close_contact.label_alt_id_2 
_pdbx_validate_close_contact.dist 
1 1 O4  A LCP 207 ? ? O   A HOH 311 ? ? 1.76 
2 1 O   A ARG 114 ? ? O3  A LCP 207 ? ? 1.98 
3 1 OE1 A GLU 35  ? ? C20 A SNF 202 ? ? 2.05 
4 1 OD2 A ASP 101 ? ? O1  A LCP 205 ? ? 2.06 
5 1 OG  A SER 24  ? ? O4  A LCP 203 ? ? 2.09 
6 1 C7  A SNF 202 ? ? O   A HOH 360 ? ? 2.11 
7 1 NZ  A LYS 33  ? ? O4  A LCP 206 ? ? 2.17 
8 1 N   A GLY 26  ? ? O4  A LCP 203 ? ? 2.19 
# 
loop_
_pdbx_validate_symm_contact.id 
_pdbx_validate_symm_contact.PDB_model_num 
_pdbx_validate_symm_contact.auth_atom_id_1 
_pdbx_validate_symm_contact.auth_asym_id_1 
_pdbx_validate_symm_contact.auth_comp_id_1 
_pdbx_validate_symm_contact.auth_seq_id_1 
_pdbx_validate_symm_contact.PDB_ins_code_1 
_pdbx_validate_symm_contact.label_alt_id_1 
_pdbx_validate_symm_contact.site_symmetry_1 
_pdbx_validate_symm_contact.auth_atom_id_2 
_pdbx_validate_symm_contact.auth_asym_id_2 
_pdbx_validate_symm_contact.auth_comp_id_2 
_pdbx_validate_symm_contact.auth_seq_id_2 
_pdbx_validate_symm_contact.PDB_ins_code_2 
_pdbx_validate_symm_contact.label_alt_id_2 
_pdbx_validate_symm_contact.site_symmetry_2 
_pdbx_validate_symm_contact.dist 
1 1 O2  A LCP 207 ? ? 1_555 O A HOH 355 ? ? 3_554 1.60 
2 1 NH2 A ARG 73  ? ? 1_555 O A HOH 318 ? ? 1_556 2.15 
# 
loop_
_pdbx_validate_rmsd_angle.id 
_pdbx_validate_rmsd_angle.PDB_model_num 
_pdbx_validate_rmsd_angle.auth_atom_id_1 
_pdbx_validate_rmsd_angle.auth_asym_id_1 
_pdbx_validate_rmsd_angle.auth_comp_id_1 
_pdbx_validate_rmsd_angle.auth_seq_id_1 
_pdbx_validate_rmsd_angle.PDB_ins_code_1 
_pdbx_validate_rmsd_angle.label_alt_id_1 
_pdbx_validate_rmsd_angle.auth_atom_id_2 
_pdbx_validate_rmsd_angle.auth_asym_id_2 
_pdbx_validate_rmsd_angle.auth_comp_id_2 
_pdbx_validate_rmsd_angle.auth_seq_id_2 
_pdbx_validate_rmsd_angle.PDB_ins_code_2 
_pdbx_validate_rmsd_angle.label_alt_id_2 
_pdbx_validate_rmsd_angle.auth_atom_id_3 
_pdbx_validate_rmsd_angle.auth_asym_id_3 
_pdbx_validate_rmsd_angle.auth_comp_id_3 
_pdbx_validate_rmsd_angle.auth_seq_id_3 
_pdbx_validate_rmsd_angle.PDB_ins_code_3 
_pdbx_validate_rmsd_angle.label_alt_id_3 
_pdbx_validate_rmsd_angle.angle_value 
_pdbx_validate_rmsd_angle.angle_target_value 
_pdbx_validate_rmsd_angle.angle_deviation 
_pdbx_validate_rmsd_angle.angle_standard_deviation 
_pdbx_validate_rmsd_angle.linker_flag 
1 1 CB A ASP 66 ? ? CG A ASP 66 ? ? OD1 A ASP 66 ? ? 124.46 118.30 6.16   0.90 N 
2 1 CB A ILE 78 ? ? CA A ILE 78 ? ? C   A ILE 78 ? ? 99.39  111.60 -12.21 2.00 N 
# 
_pdbx_struct_special_symmetry.id              1 
_pdbx_struct_special_symmetry.PDB_model_num   1 
_pdbx_struct_special_symmetry.auth_asym_id    A 
_pdbx_struct_special_symmetry.auth_comp_id    CL 
_pdbx_struct_special_symmetry.auth_seq_id     208 
_pdbx_struct_special_symmetry.PDB_ins_code    ? 
_pdbx_struct_special_symmetry.label_asym_id   I 
_pdbx_struct_special_symmetry.label_comp_id   CL 
_pdbx_struct_special_symmetry.label_seq_id    . 
# 
loop_
_chem_comp_atom.comp_id 
_chem_comp_atom.atom_id 
_chem_comp_atom.type_symbol 
_chem_comp_atom.pdbx_aromatic_flag 
_chem_comp_atom.pdbx_stereo_config 
_chem_comp_atom.pdbx_ordinal 
ALA N    N  N N 1   
ALA CA   C  N S 2   
ALA C    C  N N 3   
ALA O    O  N N 4   
ALA CB   C  N N 5   
ALA OXT  O  N N 6   
ALA H    H  N N 7   
ALA H2   H  N N 8   
ALA HA   H  N N 9   
ALA HB1  H  N N 10  
ALA HB2  H  N N 11  
ALA HB3  H  N N 12  
ALA HXT  H  N N 13  
ARG N    N  N N 14  
ARG CA   C  N S 15  
ARG C    C  N N 16  
ARG O    O  N N 17  
ARG CB   C  N N 18  
ARG CG   C  N N 19  
ARG CD   C  N N 20  
ARG NE   N  N N 21  
ARG CZ   C  N N 22  
ARG NH1  N  N N 23  
ARG NH2  N  N N 24  
ARG OXT  O  N N 25  
ARG H    H  N N 26  
ARG H2   H  N N 27  
ARG HA   H  N N 28  
ARG HB2  H  N N 29  
ARG HB3  H  N N 30  
ARG HG2  H  N N 31  
ARG HG3  H  N N 32  
ARG HD2  H  N N 33  
ARG HD3  H  N N 34  
ARG HE   H  N N 35  
ARG HH11 H  N N 36  
ARG HH12 H  N N 37  
ARG HH21 H  N N 38  
ARG HH22 H  N N 39  
ARG HXT  H  N N 40  
ASN N    N  N N 41  
ASN CA   C  N S 42  
ASN C    C  N N 43  
ASN O    O  N N 44  
ASN CB   C  N N 45  
ASN CG   C  N N 46  
ASN OD1  O  N N 47  
ASN ND2  N  N N 48  
ASN OXT  O  N N 49  
ASN H    H  N N 50  
ASN H2   H  N N 51  
ASN HA   H  N N 52  
ASN HB2  H  N N 53  
ASN HB3  H  N N 54  
ASN HD21 H  N N 55  
ASN HD22 H  N N 56  
ASN HXT  H  N N 57  
ASP N    N  N N 58  
ASP CA   C  N S 59  
ASP C    C  N N 60  
ASP O    O  N N 61  
ASP CB   C  N N 62  
ASP CG   C  N N 63  
ASP OD1  O  N N 64  
ASP OD2  O  N N 65  
ASP OXT  O  N N 66  
ASP H    H  N N 67  
ASP H2   H  N N 68  
ASP HA   H  N N 69  
ASP HB2  H  N N 70  
ASP HB3  H  N N 71  
ASP HD2  H  N N 72  
ASP HXT  H  N N 73  
CL  CL   CL N N 74  
CYS N    N  N N 75  
CYS CA   C  N R 76  
CYS C    C  N N 77  
CYS O    O  N N 78  
CYS CB   C  N N 79  
CYS SG   S  N N 80  
CYS OXT  O  N N 81  
CYS H    H  N N 82  
CYS H2   H  N N 83  
CYS HA   H  N N 84  
CYS HB2  H  N N 85  
CYS HB3  H  N N 86  
CYS HG   H  N N 87  
CYS HXT  H  N N 88  
GLN N    N  N N 89  
GLN CA   C  N S 90  
GLN C    C  N N 91  
GLN O    O  N N 92  
GLN CB   C  N N 93  
GLN CG   C  N N 94  
GLN CD   C  N N 95  
GLN OE1  O  N N 96  
GLN NE2  N  N N 97  
GLN OXT  O  N N 98  
GLN H    H  N N 99  
GLN H2   H  N N 100 
GLN HA   H  N N 101 
GLN HB2  H  N N 102 
GLN HB3  H  N N 103 
GLN HG2  H  N N 104 
GLN HG3  H  N N 105 
GLN HE21 H  N N 106 
GLN HE22 H  N N 107 
GLN HXT  H  N N 108 
GLU N    N  N N 109 
GLU CA   C  N S 110 
GLU C    C  N N 111 
GLU O    O  N N 112 
GLU CB   C  N N 113 
GLU CG   C  N N 114 
GLU CD   C  N N 115 
GLU OE1  O  N N 116 
GLU OE2  O  N N 117 
GLU OXT  O  N N 118 
GLU H    H  N N 119 
GLU H2   H  N N 120 
GLU HA   H  N N 121 
GLU HB2  H  N N 122 
GLU HB3  H  N N 123 
GLU HG2  H  N N 124 
GLU HG3  H  N N 125 
GLU HE2  H  N N 126 
GLU HXT  H  N N 127 
GLY N    N  N N 128 
GLY CA   C  N N 129 
GLY C    C  N N 130 
GLY O    O  N N 131 
GLY OXT  O  N N 132 
GLY H    H  N N 133 
GLY H2   H  N N 134 
GLY HA2  H  N N 135 
GLY HA3  H  N N 136 
GLY HXT  H  N N 137 
HIS N    N  N N 138 
HIS CA   C  N S 139 
HIS C    C  N N 140 
HIS O    O  N N 141 
HIS CB   C  N N 142 
HIS CG   C  Y N 143 
HIS ND1  N  Y N 144 
HIS CD2  C  Y N 145 
HIS CE1  C  Y N 146 
HIS NE2  N  Y N 147 
HIS OXT  O  N N 148 
HIS H    H  N N 149 
HIS H2   H  N N 150 
HIS HA   H  N N 151 
HIS HB2  H  N N 152 
HIS HB3  H  N N 153 
HIS HD1  H  N N 154 
HIS HD2  H  N N 155 
HIS HE1  H  N N 156 
HIS HE2  H  N N 157 
HIS HXT  H  N N 158 
HOH O    O  N N 159 
HOH H1   H  N N 160 
HOH H2   H  N N 161 
ILE N    N  N N 162 
ILE CA   C  N S 163 
ILE C    C  N N 164 
ILE O    O  N N 165 
ILE CB   C  N S 166 
ILE CG1  C  N N 167 
ILE CG2  C  N N 168 
ILE CD1  C  N N 169 
ILE OXT  O  N N 170 
ILE H    H  N N 171 
ILE H2   H  N N 172 
ILE HA   H  N N 173 
ILE HB   H  N N 174 
ILE HG12 H  N N 175 
ILE HG13 H  N N 176 
ILE HG21 H  N N 177 
ILE HG22 H  N N 178 
ILE HG23 H  N N 179 
ILE HD11 H  N N 180 
ILE HD12 H  N N 181 
ILE HD13 H  N N 182 
ILE HXT  H  N N 183 
LCP CL   CL N N 184 
LCP O1   O  N N 185 
LCP O2   O  N N 186 
LCP O3   O  N N 187 
LCP O4   O  N N 188 
LEU N    N  N N 189 
LEU CA   C  N S 190 
LEU C    C  N N 191 
LEU O    O  N N 192 
LEU CB   C  N N 193 
LEU CG   C  N N 194 
LEU CD1  C  N N 195 
LEU CD2  C  N N 196 
LEU OXT  O  N N 197 
LEU H    H  N N 198 
LEU H2   H  N N 199 
LEU HA   H  N N 200 
LEU HB2  H  N N 201 
LEU HB3  H  N N 202 
LEU HG   H  N N 203 
LEU HD11 H  N N 204 
LEU HD12 H  N N 205 
LEU HD13 H  N N 206 
LEU HD21 H  N N 207 
LEU HD22 H  N N 208 
LEU HD23 H  N N 209 
LEU HXT  H  N N 210 
LYS N    N  N N 211 
LYS CA   C  N S 212 
LYS C    C  N N 213 
LYS O    O  N N 214 
LYS CB   C  N N 215 
LYS CG   C  N N 216 
LYS CD   C  N N 217 
LYS CE   C  N N 218 
LYS NZ   N  N N 219 
LYS OXT  O  N N 220 
LYS H    H  N N 221 
LYS H2   H  N N 222 
LYS HA   H  N N 223 
LYS HB2  H  N N 224 
LYS HB3  H  N N 225 
LYS HG2  H  N N 226 
LYS HG3  H  N N 227 
LYS HD2  H  N N 228 
LYS HD3  H  N N 229 
LYS HE2  H  N N 230 
LYS HE3  H  N N 231 
LYS HZ1  H  N N 232 
LYS HZ2  H  N N 233 
LYS HZ3  H  N N 234 
LYS HXT  H  N N 235 
MET N    N  N N 236 
MET CA   C  N S 237 
MET C    C  N N 238 
MET O    O  N N 239 
MET CB   C  N N 240 
MET CG   C  N N 241 
MET SD   S  N N 242 
MET CE   C  N N 243 
MET OXT  O  N N 244 
MET H    H  N N 245 
MET H2   H  N N 246 
MET HA   H  N N 247 
MET HB2  H  N N 248 
MET HB3  H  N N 249 
MET HG2  H  N N 250 
MET HG3  H  N N 251 
MET HE1  H  N N 252 
MET HE2  H  N N 253 
MET HE3  H  N N 254 
MET HXT  H  N N 255 
NI  NI   NI N N 256 
PHE N    N  N N 257 
PHE CA   C  N S 258 
PHE C    C  N N 259 
PHE O    O  N N 260 
PHE CB   C  N N 261 
PHE CG   C  Y N 262 
PHE CD1  C  Y N 263 
PHE CD2  C  Y N 264 
PHE CE1  C  Y N 265 
PHE CE2  C  Y N 266 
PHE CZ   C  Y N 267 
PHE OXT  O  N N 268 
PHE H    H  N N 269 
PHE H2   H  N N 270 
PHE HA   H  N N 271 
PHE HB2  H  N N 272 
PHE HB3  H  N N 273 
PHE HD1  H  N N 274 
PHE HD2  H  N N 275 
PHE HE1  H  N N 276 
PHE HE2  H  N N 277 
PHE HZ   H  N N 278 
PHE HXT  H  N N 279 
PRO N    N  N N 280 
PRO CA   C  N S 281 
PRO C    C  N N 282 
PRO O    O  N N 283 
PRO CB   C  N N 284 
PRO CG   C  N N 285 
PRO CD   C  N N 286 
PRO OXT  O  N N 287 
PRO H    H  N N 288 
PRO HA   H  N N 289 
PRO HB2  H  N N 290 
PRO HB3  H  N N 291 
PRO HG2  H  N N 292 
PRO HG3  H  N N 293 
PRO HD2  H  N N 294 
PRO HD3  H  N N 295 
PRO HXT  H  N N 296 
SER N    N  N N 297 
SER CA   C  N S 298 
SER C    C  N N 299 
SER O    O  N N 300 
SER CB   C  N N 301 
SER OG   O  N N 302 
SER OXT  O  N N 303 
SER H    H  N N 304 
SER H2   H  N N 305 
SER HA   H  N N 306 
SER HB2  H  N N 307 
SER HB3  H  N N 308 
SER HG   H  N N 309 
SER HXT  H  N N 310 
SNF C10  C  Y N 311 
SNF C11  C  Y N 312 
SNF C12  C  Y N 313 
SNF C7   C  Y N 314 
SNF N8   N  Y N 315 
SNF C9   C  Y N 316 
SNF C20  C  N N 317 
SNF N19  N  N N 318 
SNF C18  C  N R 319 
SNF C21  C  N N 320 
SNF C16  C  N N 321 
SNF N15  N  N N 322 
SNF C14  C  N N 323 
SNF C1   C  Y N 324 
SNF N2   N  Y N 325 
SNF C3   C  Y N 326 
SNF C4   C  Y N 327 
SNF C5   C  Y N 328 
SNF C6   C  Y N 329 
SNF NI   NI N N 330 
SNF H1   H  N N 331 
SNF H2   H  N N 332 
SNF H3   H  N N 333 
SNF H4   H  N N 334 
SNF H5   H  N N 335 
SNF H7   H  N N 336 
SNF H8   H  N N 337 
SNF H9   H  N N 338 
SNF H10  H  N N 339 
SNF H11  H  N N 340 
SNF H12  H  N N 341 
SNF H13  H  N N 342 
SNF H15  H  N N 343 
SNF H16  H  N N 344 
SNF H17  H  N N 345 
SNF H18  H  N N 346 
THR N    N  N N 347 
THR CA   C  N S 348 
THR C    C  N N 349 
THR O    O  N N 350 
THR CB   C  N R 351 
THR OG1  O  N N 352 
THR CG2  C  N N 353 
THR OXT  O  N N 354 
THR H    H  N N 355 
THR H2   H  N N 356 
THR HA   H  N N 357 
THR HB   H  N N 358 
THR HG1  H  N N 359 
THR HG21 H  N N 360 
THR HG22 H  N N 361 
THR HG23 H  N N 362 
THR HXT  H  N N 363 
TRP N    N  N N 364 
TRP CA   C  N S 365 
TRP C    C  N N 366 
TRP O    O  N N 367 
TRP CB   C  N N 368 
TRP CG   C  Y N 369 
TRP CD1  C  Y N 370 
TRP CD2  C  Y N 371 
TRP NE1  N  Y N 372 
TRP CE2  C  Y N 373 
TRP CE3  C  Y N 374 
TRP CZ2  C  Y N 375 
TRP CZ3  C  Y N 376 
TRP CH2  C  Y N 377 
TRP OXT  O  N N 378 
TRP H    H  N N 379 
TRP H2   H  N N 380 
TRP HA   H  N N 381 
TRP HB2  H  N N 382 
TRP HB3  H  N N 383 
TRP HD1  H  N N 384 
TRP HE1  H  N N 385 
TRP HE3  H  N N 386 
TRP HZ2  H  N N 387 
TRP HZ3  H  N N 388 
TRP HH2  H  N N 389 
TRP HXT  H  N N 390 
TYR N    N  N N 391 
TYR CA   C  N S 392 
TYR C    C  N N 393 
TYR O    O  N N 394 
TYR CB   C  N N 395 
TYR CG   C  Y N 396 
TYR CD1  C  Y N 397 
TYR CD2  C  Y N 398 
TYR CE1  C  Y N 399 
TYR CE2  C  Y N 400 
TYR CZ   C  Y N 401 
TYR OH   O  N N 402 
TYR OXT  O  N N 403 
TYR H    H  N N 404 
TYR H2   H  N N 405 
TYR HA   H  N N 406 
TYR HB2  H  N N 407 
TYR HB3  H  N N 408 
TYR HD1  H  N N 409 
TYR HD2  H  N N 410 
TYR HE1  H  N N 411 
TYR HE2  H  N N 412 
TYR HH   H  N N 413 
TYR HXT  H  N N 414 
VAL N    N  N N 415 
VAL CA   C  N S 416 
VAL C    C  N N 417 
VAL O    O  N N 418 
VAL CB   C  N N 419 
VAL CG1  C  N N 420 
VAL CG2  C  N N 421 
VAL OXT  O  N N 422 
VAL H    H  N N 423 
VAL H2   H  N N 424 
VAL HA   H  N N 425 
VAL HB   H  N N 426 
VAL HG11 H  N N 427 
VAL HG12 H  N N 428 
VAL HG13 H  N N 429 
VAL HG21 H  N N 430 
VAL HG22 H  N N 431 
VAL HG23 H  N N 432 
VAL HXT  H  N N 433 
# 
loop_
_chem_comp_bond.comp_id 
_chem_comp_bond.atom_id_1 
_chem_comp_bond.atom_id_2 
_chem_comp_bond.value_order 
_chem_comp_bond.pdbx_aromatic_flag 
_chem_comp_bond.pdbx_stereo_config 
_chem_comp_bond.pdbx_ordinal 
ALA N   CA   sing N N 1   
ALA N   H    sing N N 2   
ALA N   H2   sing N N 3   
ALA CA  C    sing N N 4   
ALA CA  CB   sing N N 5   
ALA CA  HA   sing N N 6   
ALA C   O    doub N N 7   
ALA C   OXT  sing N N 8   
ALA CB  HB1  sing N N 9   
ALA CB  HB2  sing N N 10  
ALA CB  HB3  sing N N 11  
ALA OXT HXT  sing N N 12  
ARG N   CA   sing N N 13  
ARG N   H    sing N N 14  
ARG N   H2   sing N N 15  
ARG CA  C    sing N N 16  
ARG CA  CB   sing N N 17  
ARG CA  HA   sing N N 18  
ARG C   O    doub N N 19  
ARG C   OXT  sing N N 20  
ARG CB  CG   sing N N 21  
ARG CB  HB2  sing N N 22  
ARG CB  HB3  sing N N 23  
ARG CG  CD   sing N N 24  
ARG CG  HG2  sing N N 25  
ARG CG  HG3  sing N N 26  
ARG CD  NE   sing N N 27  
ARG CD  HD2  sing N N 28  
ARG CD  HD3  sing N N 29  
ARG NE  CZ   sing N N 30  
ARG NE  HE   sing N N 31  
ARG CZ  NH1  sing N N 32  
ARG CZ  NH2  doub N N 33  
ARG NH1 HH11 sing N N 34  
ARG NH1 HH12 sing N N 35  
ARG NH2 HH21 sing N N 36  
ARG NH2 HH22 sing N N 37  
ARG OXT HXT  sing N N 38  
ASN N   CA   sing N N 39  
ASN N   H    sing N N 40  
ASN N   H2   sing N N 41  
ASN CA  C    sing N N 42  
ASN CA  CB   sing N N 43  
ASN CA  HA   sing N N 44  
ASN C   O    doub N N 45  
ASN C   OXT  sing N N 46  
ASN CB  CG   sing N N 47  
ASN CB  HB2  sing N N 48  
ASN CB  HB3  sing N N 49  
ASN CG  OD1  doub N N 50  
ASN CG  ND2  sing N N 51  
ASN ND2 HD21 sing N N 52  
ASN ND2 HD22 sing N N 53  
ASN OXT HXT  sing N N 54  
ASP N   CA   sing N N 55  
ASP N   H    sing N N 56  
ASP N   H2   sing N N 57  
ASP CA  C    sing N N 58  
ASP CA  CB   sing N N 59  
ASP CA  HA   sing N N 60  
ASP C   O    doub N N 61  
ASP C   OXT  sing N N 62  
ASP CB  CG   sing N N 63  
ASP CB  HB2  sing N N 64  
ASP CB  HB3  sing N N 65  
ASP CG  OD1  doub N N 66  
ASP CG  OD2  sing N N 67  
ASP OD2 HD2  sing N N 68  
ASP OXT HXT  sing N N 69  
CYS N   CA   sing N N 70  
CYS N   H    sing N N 71  
CYS N   H2   sing N N 72  
CYS CA  C    sing N N 73  
CYS CA  CB   sing N N 74  
CYS CA  HA   sing N N 75  
CYS C   O    doub N N 76  
CYS C   OXT  sing N N 77  
CYS CB  SG   sing N N 78  
CYS CB  HB2  sing N N 79  
CYS CB  HB3  sing N N 80  
CYS SG  HG   sing N N 81  
CYS OXT HXT  sing N N 82  
GLN N   CA   sing N N 83  
GLN N   H    sing N N 84  
GLN N   H2   sing N N 85  
GLN CA  C    sing N N 86  
GLN CA  CB   sing N N 87  
GLN CA  HA   sing N N 88  
GLN C   O    doub N N 89  
GLN C   OXT  sing N N 90  
GLN CB  CG   sing N N 91  
GLN CB  HB2  sing N N 92  
GLN CB  HB3  sing N N 93  
GLN CG  CD   sing N N 94  
GLN CG  HG2  sing N N 95  
GLN CG  HG3  sing N N 96  
GLN CD  OE1  doub N N 97  
GLN CD  NE2  sing N N 98  
GLN NE2 HE21 sing N N 99  
GLN NE2 HE22 sing N N 100 
GLN OXT HXT  sing N N 101 
GLU N   CA   sing N N 102 
GLU N   H    sing N N 103 
GLU N   H2   sing N N 104 
GLU CA  C    sing N N 105 
GLU CA  CB   sing N N 106 
GLU CA  HA   sing N N 107 
GLU C   O    doub N N 108 
GLU C   OXT  sing N N 109 
GLU CB  CG   sing N N 110 
GLU CB  HB2  sing N N 111 
GLU CB  HB3  sing N N 112 
GLU CG  CD   sing N N 113 
GLU CG  HG2  sing N N 114 
GLU CG  HG3  sing N N 115 
GLU CD  OE1  doub N N 116 
GLU CD  OE2  sing N N 117 
GLU OE2 HE2  sing N N 118 
GLU OXT HXT  sing N N 119 
GLY N   CA   sing N N 120 
GLY N   H    sing N N 121 
GLY N   H2   sing N N 122 
GLY CA  C    sing N N 123 
GLY CA  HA2  sing N N 124 
GLY CA  HA3  sing N N 125 
GLY C   O    doub N N 126 
GLY C   OXT  sing N N 127 
GLY OXT HXT  sing N N 128 
HIS N   CA   sing N N 129 
HIS N   H    sing N N 130 
HIS N   H2   sing N N 131 
HIS CA  C    sing N N 132 
HIS CA  CB   sing N N 133 
HIS CA  HA   sing N N 134 
HIS C   O    doub N N 135 
HIS C   OXT  sing N N 136 
HIS CB  CG   sing N N 137 
HIS CB  HB2  sing N N 138 
HIS CB  HB3  sing N N 139 
HIS CG  ND1  sing Y N 140 
HIS CG  CD2  doub Y N 141 
HIS ND1 CE1  doub Y N 142 
HIS ND1 HD1  sing N N 143 
HIS CD2 NE2  sing Y N 144 
HIS CD2 HD2  sing N N 145 
HIS CE1 NE2  sing Y N 146 
HIS CE1 HE1  sing N N 147 
HIS NE2 HE2  sing N N 148 
HIS OXT HXT  sing N N 149 
HOH O   H1   sing N N 150 
HOH O   H2   sing N N 151 
ILE N   CA   sing N N 152 
ILE N   H    sing N N 153 
ILE N   H2   sing N N 154 
ILE CA  C    sing N N 155 
ILE CA  CB   sing N N 156 
ILE CA  HA   sing N N 157 
ILE C   O    doub N N 158 
ILE C   OXT  sing N N 159 
ILE CB  CG1  sing N N 160 
ILE CB  CG2  sing N N 161 
ILE CB  HB   sing N N 162 
ILE CG1 CD1  sing N N 163 
ILE CG1 HG12 sing N N 164 
ILE CG1 HG13 sing N N 165 
ILE CG2 HG21 sing N N 166 
ILE CG2 HG22 sing N N 167 
ILE CG2 HG23 sing N N 168 
ILE CD1 HD11 sing N N 169 
ILE CD1 HD12 sing N N 170 
ILE CD1 HD13 sing N N 171 
ILE OXT HXT  sing N N 172 
LCP CL  O1   doub N N 173 
LCP CL  O2   doub N N 174 
LCP CL  O3   doub N N 175 
LCP CL  O4   sing N N 176 
LEU N   CA   sing N N 177 
LEU N   H    sing N N 178 
LEU N   H2   sing N N 179 
LEU CA  C    sing N N 180 
LEU CA  CB   sing N N 181 
LEU CA  HA   sing N N 182 
LEU C   O    doub N N 183 
LEU C   OXT  sing N N 184 
LEU CB  CG   sing N N 185 
LEU CB  HB2  sing N N 186 
LEU CB  HB3  sing N N 187 
LEU CG  CD1  sing N N 188 
LEU CG  CD2  sing N N 189 
LEU CG  HG   sing N N 190 
LEU CD1 HD11 sing N N 191 
LEU CD1 HD12 sing N N 192 
LEU CD1 HD13 sing N N 193 
LEU CD2 HD21 sing N N 194 
LEU CD2 HD22 sing N N 195 
LEU CD2 HD23 sing N N 196 
LEU OXT HXT  sing N N 197 
LYS N   CA   sing N N 198 
LYS N   H    sing N N 199 
LYS N   H2   sing N N 200 
LYS CA  C    sing N N 201 
LYS CA  CB   sing N N 202 
LYS CA  HA   sing N N 203 
LYS C   O    doub N N 204 
LYS C   OXT  sing N N 205 
LYS CB  CG   sing N N 206 
LYS CB  HB2  sing N N 207 
LYS CB  HB3  sing N N 208 
LYS CG  CD   sing N N 209 
LYS CG  HG2  sing N N 210 
LYS CG  HG3  sing N N 211 
LYS CD  CE   sing N N 212 
LYS CD  HD2  sing N N 213 
LYS CD  HD3  sing N N 214 
LYS CE  NZ   sing N N 215 
LYS CE  HE2  sing N N 216 
LYS CE  HE3  sing N N 217 
LYS NZ  HZ1  sing N N 218 
LYS NZ  HZ2  sing N N 219 
LYS NZ  HZ3  sing N N 220 
LYS OXT HXT  sing N N 221 
MET N   CA   sing N N 222 
MET N   H    sing N N 223 
MET N   H2   sing N N 224 
MET CA  C    sing N N 225 
MET CA  CB   sing N N 226 
MET CA  HA   sing N N 227 
MET C   O    doub N N 228 
MET C   OXT  sing N N 229 
MET CB  CG   sing N N 230 
MET CB  HB2  sing N N 231 
MET CB  HB3  sing N N 232 
MET CG  SD   sing N N 233 
MET CG  HG2  sing N N 234 
MET CG  HG3  sing N N 235 
MET SD  CE   sing N N 236 
MET CE  HE1  sing N N 237 
MET CE  HE2  sing N N 238 
MET CE  HE3  sing N N 239 
MET OXT HXT  sing N N 240 
PHE N   CA   sing N N 241 
PHE N   H    sing N N 242 
PHE N   H2   sing N N 243 
PHE CA  C    sing N N 244 
PHE CA  CB   sing N N 245 
PHE CA  HA   sing N N 246 
PHE C   O    doub N N 247 
PHE C   OXT  sing N N 248 
PHE CB  CG   sing N N 249 
PHE CB  HB2  sing N N 250 
PHE CB  HB3  sing N N 251 
PHE CG  CD1  doub Y N 252 
PHE CG  CD2  sing Y N 253 
PHE CD1 CE1  sing Y N 254 
PHE CD1 HD1  sing N N 255 
PHE CD2 CE2  doub Y N 256 
PHE CD2 HD2  sing N N 257 
PHE CE1 CZ   doub Y N 258 
PHE CE1 HE1  sing N N 259 
PHE CE2 CZ   sing Y N 260 
PHE CE2 HE2  sing N N 261 
PHE CZ  HZ   sing N N 262 
PHE OXT HXT  sing N N 263 
PRO N   CA   sing N N 264 
PRO N   CD   sing N N 265 
PRO N   H    sing N N 266 
PRO CA  C    sing N N 267 
PRO CA  CB   sing N N 268 
PRO CA  HA   sing N N 269 
PRO C   O    doub N N 270 
PRO C   OXT  sing N N 271 
PRO CB  CG   sing N N 272 
PRO CB  HB2  sing N N 273 
PRO CB  HB3  sing N N 274 
PRO CG  CD   sing N N 275 
PRO CG  HG2  sing N N 276 
PRO CG  HG3  sing N N 277 
PRO CD  HD2  sing N N 278 
PRO CD  HD3  sing N N 279 
PRO OXT HXT  sing N N 280 
SER N   CA   sing N N 281 
SER N   H    sing N N 282 
SER N   H2   sing N N 283 
SER CA  C    sing N N 284 
SER CA  CB   sing N N 285 
SER CA  HA   sing N N 286 
SER C   O    doub N N 287 
SER C   OXT  sing N N 288 
SER CB  OG   sing N N 289 
SER CB  HB2  sing N N 290 
SER CB  HB3  sing N N 291 
SER OG  HG   sing N N 292 
SER OXT HXT  sing N N 293 
SNF C21 C18  sing N N 294 
SNF C18 N19  sing N N 295 
SNF C18 C16  sing N N 296 
SNF C20 N19  doub N N 297 
SNF C20 C9   sing N N 298 
SNF N19 NI   sing N N 299 
SNF C16 N15  sing N N 300 
SNF C10 C9   doub Y N 301 
SNF C10 C11  sing Y N 302 
SNF C9  N8   sing Y N 303 
SNF N15 NI   sing N N 304 
SNF N15 C14  doub N N 305 
SNF C11 C12  doub Y N 306 
SNF N8  NI   sing N N 307 
SNF N8  C7   doub Y N 308 
SNF NI  N2   sing N N 309 
SNF C14 C1   sing N N 310 
SNF C12 C7   sing Y N 311 
SNF C1  N2   doub Y N 312 
SNF C1  C6   sing Y N 313 
SNF N2  C3   sing Y N 314 
SNF C6  C5   doub Y N 315 
SNF C3  C4   doub Y N 316 
SNF C5  C4   sing Y N 317 
SNF C10 H1   sing N N 318 
SNF C11 H2   sing N N 319 
SNF C12 H3   sing N N 320 
SNF C7  H4   sing N N 321 
SNF C20 H5   sing N N 322 
SNF C18 H7   sing N N 323 
SNF C21 H8   sing N N 324 
SNF C21 H9   sing N N 325 
SNF C21 H10  sing N N 326 
SNF C16 H11  sing N N 327 
SNF C16 H12  sing N N 328 
SNF C14 H13  sing N N 329 
SNF C3  H15  sing N N 330 
SNF C4  H16  sing N N 331 
SNF C5  H17  sing N N 332 
SNF C6  H18  sing N N 333 
THR N   CA   sing N N 334 
THR N   H    sing N N 335 
THR N   H2   sing N N 336 
THR CA  C    sing N N 337 
THR CA  CB   sing N N 338 
THR CA  HA   sing N N 339 
THR C   O    doub N N 340 
THR C   OXT  sing N N 341 
THR CB  OG1  sing N N 342 
THR CB  CG2  sing N N 343 
THR CB  HB   sing N N 344 
THR OG1 HG1  sing N N 345 
THR CG2 HG21 sing N N 346 
THR CG2 HG22 sing N N 347 
THR CG2 HG23 sing N N 348 
THR OXT HXT  sing N N 349 
TRP N   CA   sing N N 350 
TRP N   H    sing N N 351 
TRP N   H2   sing N N 352 
TRP CA  C    sing N N 353 
TRP CA  CB   sing N N 354 
TRP CA  HA   sing N N 355 
TRP C   O    doub N N 356 
TRP C   OXT  sing N N 357 
TRP CB  CG   sing N N 358 
TRP CB  HB2  sing N N 359 
TRP CB  HB3  sing N N 360 
TRP CG  CD1  doub Y N 361 
TRP CG  CD2  sing Y N 362 
TRP CD1 NE1  sing Y N 363 
TRP CD1 HD1  sing N N 364 
TRP CD2 CE2  doub Y N 365 
TRP CD2 CE3  sing Y N 366 
TRP NE1 CE2  sing Y N 367 
TRP NE1 HE1  sing N N 368 
TRP CE2 CZ2  sing Y N 369 
TRP CE3 CZ3  doub Y N 370 
TRP CE3 HE3  sing N N 371 
TRP CZ2 CH2  doub Y N 372 
TRP CZ2 HZ2  sing N N 373 
TRP CZ3 CH2  sing Y N 374 
TRP CZ3 HZ3  sing N N 375 
TRP CH2 HH2  sing N N 376 
TRP OXT HXT  sing N N 377 
TYR N   CA   sing N N 378 
TYR N   H    sing N N 379 
TYR N   H2   sing N N 380 
TYR CA  C    sing N N 381 
TYR CA  CB   sing N N 382 
TYR CA  HA   sing N N 383 
TYR C   O    doub N N 384 
TYR C   OXT  sing N N 385 
TYR CB  CG   sing N N 386 
TYR CB  HB2  sing N N 387 
TYR CB  HB3  sing N N 388 
TYR CG  CD1  doub Y N 389 
TYR CG  CD2  sing Y N 390 
TYR CD1 CE1  sing Y N 391 
TYR CD1 HD1  sing N N 392 
TYR CD2 CE2  doub Y N 393 
TYR CD2 HD2  sing N N 394 
TYR CE1 CZ   doub Y N 395 
TYR CE1 HE1  sing N N 396 
TYR CE2 CZ   sing Y N 397 
TYR CE2 HE2  sing N N 398 
TYR CZ  OH   sing N N 399 
TYR OH  HH   sing N N 400 
TYR OXT HXT  sing N N 401 
VAL N   CA   sing N N 402 
VAL N   H    sing N N 403 
VAL N   H2   sing N N 404 
VAL CA  C    sing N N 405 
VAL CA  CB   sing N N 406 
VAL CA  HA   sing N N 407 
VAL C   O    doub N N 408 
VAL C   OXT  sing N N 409 
VAL CB  CG1  sing N N 410 
VAL CB  CG2  sing N N 411 
VAL CB  HB   sing N N 412 
VAL CG1 HG11 sing N N 413 
VAL CG1 HG12 sing N N 414 
VAL CG1 HG13 sing N N 415 
VAL CG2 HG21 sing N N 416 
VAL CG2 HG22 sing N N 417 
VAL CG2 HG23 sing N N 418 
VAL OXT HXT  sing N N 419 
# 
_pdbx_initial_refinement_model.id               1 
_pdbx_initial_refinement_model.entity_id_list   ? 
_pdbx_initial_refinement_model.type             'experimental model' 
_pdbx_initial_refinement_model.source_name      PDB 
_pdbx_initial_refinement_model.accession_code   193L 
_pdbx_initial_refinement_model.details          ? 
# 
_atom_sites.entry_id                    4KXI 
_atom_sites.fract_transf_matrix[1][1]   0.00190543 
_atom_sites.fract_transf_matrix[1][2]   -0.00388775 
_atom_sites.fract_transf_matrix[1][3]   0.01213900 
_atom_sites.fract_transf_matrix[2][1]   0.00170629 
_atom_sites.fract_transf_matrix[2][2]   0.01224121 
_atom_sites.fract_transf_matrix[2][3]   0.00365265 
_atom_sites.fract_transf_matrix[3][1]   -0.02693340 
_atom_sites.fract_transf_matrix[3][2]   0.00227528 
_atom_sites.fract_transf_matrix[3][3]   0.00495637 
_atom_sites.fract_transf_vector[1]      -0.013802 
_atom_sites.fract_transf_vector[2]      0.253511 
_atom_sites.fract_transf_vector[3]      0.520312 
# 
loop_
_atom_type.symbol 
C  
CL 
N  
NI 
O  
S  
# 
loop_
_atom_site.group_PDB 
_atom_site.id 
_atom_site.type_symbol 
_atom_site.label_atom_id 
_atom_site.label_alt_id 
_atom_site.label_comp_id 
_atom_site.label_asym_id 
_atom_site.label_entity_id 
_atom_site.label_seq_id 
_atom_site.pdbx_PDB_ins_code 
_atom_site.Cartn_x 
_atom_site.Cartn_y 
_atom_site.Cartn_z 
_atom_site.occupancy 
_atom_site.B_iso_or_equiv 
_atom_site.pdbx_formal_charge 
_atom_site.auth_seq_id 
_atom_site.auth_comp_id 
_atom_site.auth_asym_id 
_atom_site.auth_atom_id 
_atom_site.pdbx_PDB_model_num 
ATOM   1    N  N   . LYS A 1 1   ? 7.941   -11.450 -1.536  1.00 28.48  ? 1   LYS A N   1 
ATOM   2    C  CA  . LYS A 1 1   ? 9.034   -10.877 -2.361  1.00 29.65  ? 1   LYS A CA  1 
ATOM   3    C  C   . LYS A 1 1   ? 9.495   -9.504  -1.846  1.00 28.67  ? 1   LYS A C   1 
ATOM   4    O  O   . LYS A 1 1   ? 8.665   -8.694  -1.448  1.00 26.67  ? 1   LYS A O   1 
ATOM   5    C  CB  . LYS A 1 1   ? 8.508   -10.737 -3.800  1.00 32.43  ? 1   LYS A CB  1 
ATOM   6    C  CG  . LYS A 1 1   ? 9.371   -9.894  -4.708  1.00 33.41  ? 1   LYS A CG  1 
ATOM   7    C  CD  . LYS A 1 1   ? 8.756   -9.795  -6.088  1.00 36.91  ? 1   LYS A CD  1 
ATOM   8    C  CE  . LYS A 1 1   ? 9.806   -9.314  -7.064  1.00 36.96  ? 1   LYS A CE  1 
ATOM   9    N  NZ  . LYS A 1 1   ? 9.278   -9.340  -8.439  1.00 39.71  ? 1   LYS A NZ  1 
ATOM   10   N  N   . VAL A 1 2   ? 10.802  -9.239  -1.849  1.00 25.92  ? 2   VAL A N   1 
ATOM   11   C  CA  . VAL A 1 2   ? 11.287  -7.911  -1.505  1.00 26.57  ? 2   VAL A CA  1 
ATOM   12   C  C   . VAL A 1 2   ? 11.584  -7.214  -2.854  1.00 29.09  ? 2   VAL A C   1 
ATOM   13   O  O   . VAL A 1 2   ? 12.551  -7.584  -3.570  1.00 28.75  ? 2   VAL A O   1 
ATOM   14   C  CB  . VAL A 1 2   ? 12.577  -7.969  -0.642  1.00 28.05  ? 2   VAL A CB  1 
ATOM   15   C  CG1 . VAL A 1 2   ? 13.067  -6.549  -0.303  1.00 26.12  ? 2   VAL A CG1 1 
ATOM   16   C  CG2 . VAL A 1 2   ? 12.306  -8.767  0.648   1.00 26.63  ? 2   VAL A CG2 1 
ATOM   17   N  N   . PHE A 1 3   ? 10.758  -6.214  -3.198  1.00 28.97  ? 3   PHE A N   1 
ATOM   18   C  CA  . PHE A 1 3   ? 10.939  -5.459  -4.451  1.00 28.84  ? 3   PHE A CA  1 
ATOM   19   C  C   . PHE A 1 3   ? 12.050  -4.439  -4.419  1.00 28.43  ? 3   PHE A C   1 
ATOM   20   O  O   . PHE A 1 3   ? 12.370  -3.870  -3.355  1.00 28.17  ? 3   PHE A O   1 
ATOM   21   C  CB  . PHE A 1 3   ? 9.718   -4.622  -4.808  1.00 28.46  ? 3   PHE A CB  1 
ATOM   22   C  CG  . PHE A 1 3   ? 8.632   -5.351  -5.484  1.00 29.64  ? 3   PHE A CG  1 
ATOM   23   C  CD1 . PHE A 1 3   ? 7.662   -6.027  -4.744  1.00 32.67  ? 3   PHE A CD1 1 
ATOM   24   C  CD2 . PHE A 1 3   ? 8.545   -5.340  -6.863  1.00 29.07  ? 3   PHE A CD2 1 
ATOM   25   C  CE1 . PHE A 1 3   ? 6.623   -6.667  -5.374  1.00 33.43  ? 3   PHE A CE1 1 
ATOM   26   C  CE2 . PHE A 1 3   ? 7.509   -5.976  -7.501  1.00 29.85  ? 3   PHE A CE2 1 
ATOM   27   C  CZ  . PHE A 1 3   ? 6.550   -6.648  -6.765  1.00 32.07  ? 3   PHE A CZ  1 
ATOM   28   N  N   . GLY A 1 4   ? 12.616  -4.239  -5.615  1.00 28.25  ? 4   GLY A N   1 
ATOM   29   C  CA  . GLY A 1 4   ? 13.548  -3.152  -5.873  1.00 28.36  ? 4   GLY A CA  1 
ATOM   30   C  C   . GLY A 1 4   ? 12.695  -1.898  -6.035  1.00 27.34  ? 4   GLY A C   1 
ATOM   31   O  O   . GLY A 1 4   ? 11.495  -1.976  -6.354  1.00 26.47  ? 4   GLY A O   1 
ATOM   32   N  N   . ARG A 1 5   ? 13.306  -0.753  -5.756  1.00 27.97  ? 5   ARG A N   1 
ATOM   33   C  CA  . ARG A 1 5   ? 12.608  0.535   -5.798  1.00 32.08  ? 5   ARG A CA  1 
ATOM   34   C  C   . ARG A 1 5   ? 11.998  0.788   -7.181  1.00 32.04  ? 5   ARG A C   1 
ATOM   35   O  O   . ARG A 1 5   ? 10.769  0.959   -7.319  1.00 33.60  ? 5   ARG A O   1 
ATOM   36   C  CB  . ARG A 1 5   ? 13.588  1.626   -5.396  1.00 33.30  ? 5   ARG A CB  1 
ATOM   37   C  CG  . ARG A 1 5   ? 13.172  3.051   -5.641  1.00 34.97  ? 5   ARG A CG  1 
ATOM   38   C  CD  . ARG A 1 5   ? 14.264  3.955   -5.108  1.00 32.57  ? 5   ARG A CD  1 
ATOM   39   N  NE  . ARG A 1 5   ? 15.378  4.187   -6.012  1.00 35.21  ? 5   ARG A NE  1 
ATOM   40   C  CZ  . ARG A 1 5   ? 15.327  5.033   -7.033  1.00 34.00  ? 5   ARG A CZ  1 
ATOM   41   N  NH1 . ARG A 1 5   ? 14.229  5.725   -7.278  1.00 31.46  ? 5   ARG A NH1 1 
ATOM   42   N  NH2 . ARG A 1 5   ? 16.381  5.207   -7.800  1.00 35.61  ? 5   ARG A NH2 1 
ATOM   43   N  N   . CYS A 1 6   ? 12.851  0.774   -8.207  1.00 28.58  ? 6   CYS A N   1 
ATOM   44   C  CA  . CYS A 1 6   ? 12.375  0.925   -9.586  1.00 27.85  ? 6   CYS A CA  1 
ATOM   45   C  C   . CYS A 1 6   ? 11.483  -0.219  -10.034 1.00 25.47  ? 6   CYS A C   1 
ATOM   46   O  O   . CYS A 1 6   ? 10.560  -0.001  -10.808 1.00 25.35  ? 6   CYS A O   1 
ATOM   47   C  CB  . CYS A 1 6   ? 13.533  1.062   -10.555 1.00 27.07  ? 6   CYS A CB  1 
ATOM   48   S  SG  . CYS A 1 6   ? 14.435  2.569   -10.198 1.00 26.92  ? 6   CYS A SG  1 
ATOM   49   N  N   . GLU A 1 7   ? 11.745  -1.425  -9.532  1.00 27.22  ? 7   GLU A N   1 
ATOM   50   C  CA  . GLU A 1 7   ? 10.925  -2.575  -9.883  1.00 28.20  ? 7   GLU A CA  1 
ATOM   51   C  C   . GLU A 1 7   ? 9.475   -2.404  -9.392  1.00 28.25  ? 7   GLU A C   1 
ATOM   52   O  O   . GLU A 1 7   ? 8.518   -2.722  -10.132 1.00 30.45  ? 7   GLU A O   1 
ATOM   53   C  CB  . GLU A 1 7   ? 11.530  -3.846  -9.306  1.00 27.03  ? 7   GLU A CB  1 
ATOM   54   C  CG  . GLU A 1 7   ? 10.762  -5.115  -9.680  1.00 27.18  ? 7   GLU A CG  1 
ATOM   55   C  CD  . GLU A 1 7   ? 11.306  -6.288  -8.934  1.00 26.28  ? 7   GLU A CD  1 
ATOM   56   O  OE1 . GLU A 1 7   ? 11.919  -6.052  -7.882  1.00 29.19  ? 7   GLU A OE1 1 
ATOM   57   O  OE2 . GLU A 1 7   ? 11.133  -7.431  -9.377  1.00 26.89  ? 7   GLU A OE2 1 
ATOM   58   N  N   . LEU A 1 8   ? 9.322   -1.908  -8.159  1.00 27.52  ? 8   LEU A N   1 
ATOM   59   C  CA  . LEU A 1 8   ? 8.005   -1.676  -7.588  1.00 27.02  ? 8   LEU A CA  1 
ATOM   60   C  C   . LEU A 1 8   ? 7.350   -0.501  -8.314  1.00 28.32  ? 8   LEU A C   1 
ATOM   61   O  O   . LEU A 1 8   ? 6.153   -0.546  -8.602  1.00 28.02  ? 8   LEU A O   1 
ATOM   62   C  CB  . LEU A 1 8   ? 8.090   -1.430  -6.067  1.00 26.05  ? 8   LEU A CB  1 
ATOM   63   C  CG  . LEU A 1 8   ? 6.724   -1.303  -5.344  1.00 26.24  ? 8   LEU A CG  1 
ATOM   64   C  CD1 . LEU A 1 8   ? 5.881   -2.539  -5.561  1.00 25.35  ? 8   LEU A CD1 1 
ATOM   65   C  CD2 . LEU A 1 8   ? 6.874   -0.940  -3.840  1.00 25.76  ? 8   LEU A CD2 1 
ATOM   66   N  N   . ALA A 1 9   ? 8.126   0.533   -8.646  1.00 27.28  ? 9   ALA A N   1 
ATOM   67   C  CA  . ALA A 1 9   ? 7.559   1.656   -9.394  1.00 26.57  ? 9   ALA A CA  1 
ATOM   68   C  C   . ALA A 1 9   ? 6.972   1.185   -10.742 1.00 27.74  ? 9   ALA A C   1 
ATOM   69   O  O   . ALA A 1 9   ? 5.841   1.548   -11.107 1.00 29.04  ? 9   ALA A O   1 
ATOM   70   C  CB  . ALA A 1 9   ? 8.603   2.758   -9.592  1.00 26.79  ? 9   ALA A CB  1 
ATOM   71   N  N   . ALA A 1 10  ? 7.690   0.313   -11.438 1.00 28.79  ? 10  ALA A N   1 
ATOM   72   C  CA  . ALA A 1 10  ? 7.221   -0.212  -12.718 1.00 27.00  ? 10  ALA A CA  1 
ATOM   73   C  C   . ALA A 1 10  ? 5.933   -1.003  -12.534 1.00 28.55  ? 10  ALA A C   1 
ATOM   74   O  O   . ALA A 1 10  ? 4.961   -0.786  -13.273 1.00 28.63  ? 10  ALA A O   1 
ATOM   75   C  CB  . ALA A 1 10  ? 8.285   -1.067  -13.328 1.00 29.01  ? 10  ALA A CB  1 
ATOM   76   N  N   . ALA A 1 11  ? 5.914   -1.868  -11.514 1.00 27.49  ? 11  ALA A N   1 
ATOM   77   C  CA  . ALA A 1 11  ? 4.758   -2.703  -11.193 1.00 28.33  ? 11  ALA A CA  1 
ATOM   78   C  C   . ALA A 1 11  ? 3.522   -1.885  -10.883 1.00 27.76  ? 11  ALA A C   1 
ATOM   79   O  O   . ALA A 1 11  ? 2.422   -2.238  -11.300 1.00 28.47  ? 11  ALA A O   1 
ATOM   80   C  CB  . ALA A 1 11  ? 5.067   -3.588  -9.973  1.00 27.46  ? 11  ALA A CB  1 
ATOM   81   N  N   . MET A 1 12  ? 3.727   -0.816  -10.111 1.00 29.71  ? 12  MET A N   1 
ATOM   82   C  CA  . MET A 1 12  ? 2.646   0.033   -9.624  1.00 30.05  ? 12  MET A CA  1 
ATOM   83   C  C   . MET A 1 12  ? 2.057   0.807   -10.744 1.00 30.59  ? 12  MET A C   1 
ATOM   84   O  O   . MET A 1 12  ? 0.850   1.054   -10.732 1.00 30.45  ? 12  MET A O   1 
ATOM   85   C  CB  . MET A 1 12  ? 3.127   0.997   -8.538  1.00 29.69  ? 12  MET A CB  1 
ATOM   86   C  CG  . MET A 1 12  ? 3.379   0.343   -7.193  1.00 29.35  ? 12  MET A CG  1 
ATOM   87   S  SD  . MET A 1 12  ? 4.000   1.529   -5.988  1.00 32.43  ? 12  MET A SD  1 
ATOM   88   C  CE  . MET A 1 12  ? 3.375   0.893   -4.455  1.00 30.77  ? 12  MET A CE  1 
ATOM   89   N  N   . LYS A 1 13  ? 2.920   1.203   -11.689 1.00 32.27  ? 13  LYS A N   1 
ATOM   90   C  CA  . LYS A 1 13  ? 2.522   1.917   -12.918 1.00 33.48  ? 13  LYS A CA  1 
ATOM   91   C  C   . LYS A 1 13  ? 1.727   1.000   -13.848 1.00 36.53  ? 13  LYS A C   1 
ATOM   92   O  O   . LYS A 1 13  ? 0.642   1.348   -14.331 1.00 36.19  ? 13  LYS A O   1 
ATOM   93   C  CB  . LYS A 1 13  ? 3.743   2.406   -13.679 1.00 32.51  ? 13  LYS A CB  1 
ATOM   94   C  CG  . LYS A 1 13  ? 3.373   3.167   -14.930 1.00 32.65  ? 13  LYS A CG  1 
ATOM   95   C  CD  . LYS A 1 13  ? 4.529   4.019   -15.379 1.00 33.78  ? 13  LYS A CD  1 
ATOM   96   C  CE  . LYS A 1 13  ? 4.265   4.656   -16.723 1.00 35.69  ? 13  LYS A CE  1 
ATOM   97   N  NZ  . LYS A 1 13  ? 4.882   6.008   -16.757 1.00 37.18  ? 13  LYS A NZ  1 
ATOM   98   N  N   . ARG A 1 14  ? 2.289   -0.174  -14.103 1.00 36.23  ? 14  ARG A N   1 
ATOM   99   C  CA  . ARG A 1 14  ? 1.599   -1.160  -14.913 1.00 35.57  ? 14  ARG A CA  1 
ATOM   100  C  C   . ARG A 1 14  ? 0.201   -1.400  -14.364 1.00 33.93  ? 14  ARG A C   1 
ATOM   101  O  O   . ARG A 1 14  ? -0.712  -1.724  -15.126 1.00 33.62  ? 14  ARG A O   1 
ATOM   102  C  CB  . ARG A 1 14  ? 2.350   -2.488  -14.919 1.00 36.54  ? 14  ARG A CB  1 
ATOM   103  C  CG  . ARG A 1 14  ? 2.315   -3.185  -16.280 1.00 39.57  ? 14  ARG A CG  1 
ATOM   104  C  CD  . ARG A 1 14  ? 1.758   -4.573  -16.139 1.00 39.93  ? 14  ARG A CD  1 
ATOM   105  N  NE  . ARG A 1 14  ? 2.381   -5.284  -15.031 1.00 39.45  ? 14  ARG A NE  1 
ATOM   106  C  CZ  . ARG A 1 14  ? 1.848   -6.356  -14.456 1.00 39.17  ? 14  ARG A CZ  1 
ATOM   107  N  NH1 . ARG A 1 14  ? 0.687   -6.832  -14.889 1.00 38.72  ? 14  ARG A NH1 1 
ATOM   108  N  NH2 . ARG A 1 14  ? 2.466   -6.941  -13.441 1.00 39.02  ? 14  ARG A NH2 1 
ATOM   109  N  N   . HIS A 1 15  ? 0.049   -1.261  -13.044 1.00 33.22  ? 15  HIS A N   1 
ATOM   110  C  CA  . HIS A 1 15  ? -1.228  -1.467  -12.362 1.00 31.59  ? 15  HIS A CA  1 
ATOM   111  C  C   . HIS A 1 15  ? -2.056  -0.192  -12.198 1.00 32.92  ? 15  HIS A C   1 
ATOM   112  O  O   . HIS A 1 15  ? -3.043  -0.179  -11.465 1.00 35.36  ? 15  HIS A O   1 
ATOM   113  C  CB  . HIS A 1 15  ? -1.012  -2.176  -11.007 1.00 32.12  ? 15  HIS A CB  1 
ATOM   114  C  CG  . HIS A 1 15  ? -0.795  -3.653  -11.130 1.00 31.65  ? 15  HIS A CG  1 
ATOM   115  N  ND1 . HIS A 1 15  ? 0.458   -4.224  -11.201 1.00 33.87  ? 15  HIS A ND1 1 
ATOM   116  C  CD2 . HIS A 1 15  ? -1.679  -4.673  -11.232 1.00 32.74  ? 15  HIS A CD2 1 
ATOM   117  C  CE1 . HIS A 1 15  ? 0.339   -5.534  -11.339 1.00 31.82  ? 15  HIS A CE1 1 
ATOM   118  N  NE2 . HIS A 1 15  ? -0.949  -5.831  -11.360 1.00 35.16  ? 15  HIS A NE2 1 
ATOM   119  N  N   . GLY A 1 16  ? -1.639  0.877   -12.882 1.00 34.25  ? 16  GLY A N   1 
ATOM   120  C  CA  . GLY A 1 16  ? -2.409  2.116   -12.914 1.00 35.23  ? 16  GLY A CA  1 
ATOM   121  C  C   . GLY A 1 16  ? -2.457  2.966   -11.654 1.00 33.17  ? 16  GLY A C   1 
ATOM   122  O  O   . GLY A 1 16  ? -3.445  3.665   -11.392 1.00 33.36  ? 16  GLY A O   1 
ATOM   123  N  N   . LEU A 1 17  ? -1.386  2.936   -10.863 1.00 33.76  ? 17  LEU A N   1 
ATOM   124  C  CA  . LEU A 1 17  ? -1.335  3.822   -9.696  1.00 34.45  ? 17  LEU A CA  1 
ATOM   125  C  C   . LEU A 1 17  ? -0.685  5.186   -9.957  1.00 36.42  ? 17  LEU A C   1 
ATOM   126  O  O   . LEU A 1 17  ? -1.003  6.125   -9.246  1.00 37.91  ? 17  LEU A O   1 
ATOM   127  C  CB  . LEU A 1 17  ? -0.668  3.175   -8.494  1.00 33.79  ? 17  LEU A CB  1 
ATOM   128  C  CG  . LEU A 1 17  ? -1.425  2.272   -7.529  1.00 32.29  ? 17  LEU A CG  1 
ATOM   129  C  CD1 . LEU A 1 17  ? -0.382  1.744   -6.566  1.00 31.49  ? 17  LEU A CD1 1 
ATOM   130  C  CD2 . LEU A 1 17  ? -2.585  2.952   -6.814  1.00 32.47  ? 17  LEU A CD2 1 
ATOM   131  N  N   . ASP A 1 18  ? 0.240   5.295   -10.915 1.00 39.29  ? 18  ASP A N   1 
ATOM   132  C  CA  . ASP A 1 18  ? 0.782   6.612   -11.277 1.00 40.46  ? 18  ASP A CA  1 
ATOM   133  C  C   . ASP A 1 18  ? -0.395  7.564   -11.477 1.00 39.46  ? 18  ASP A C   1 
ATOM   134  O  O   . ASP A 1 18  ? -1.253  7.321   -12.311 1.00 36.02  ? 18  ASP A O   1 
ATOM   135  C  CB  . ASP A 1 18  ? 1.607   6.548   -12.587 1.00 45.32  ? 18  ASP A CB  1 
ATOM   136  C  CG  . ASP A 1 18  ? 2.390   7.871   -12.902 1.00 49.17  ? 18  ASP A CG  1 
ATOM   137  O  OD1 . ASP A 1 18  ? 2.547   8.789   -12.034 1.00 45.09  ? 18  ASP A OD1 1 
ATOM   138  O  OD2 . ASP A 1 18  ? 2.879   7.953   -14.063 1.00 54.25  ? 18  ASP A OD2 1 
ATOM   139  N  N   . ASN A 1 19  ? -0.433  8.607   -10.651 1.00 37.78  ? 19  ASN A N   1 
ATOM   140  C  CA  . ASN A 1 19  ? -1.421  9.677   -10.696 1.00 36.34  ? 19  ASN A CA  1 
ATOM   141  C  C   . ASN A 1 19  ? -2.846  9.249   -10.399 1.00 31.59  ? 19  ASN A C   1 
ATOM   142  O  O   . ASN A 1 19  ? -3.780  10.010  -10.632 1.00 28.24  ? 19  ASN A O   1 
ATOM   143  C  CB  . ASN A 1 19  ? -1.331  10.463  -12.023 1.00 41.52  ? 19  ASN A CB  1 
ATOM   144  C  CG  . ASN A 1 19  ? -0.217  11.511  -12.016 1.00 45.75  ? 19  ASN A CG  1 
ATOM   145  O  OD1 . ASN A 1 19  ? -0.189  12.420  -11.165 1.00 49.19  ? 19  ASN A OD1 1 
ATOM   146  N  ND2 . ASN A 1 19  ? 0.704   11.388  -12.968 1.00 45.00  ? 19  ASN A ND2 1 
ATOM   147  N  N   . TYR A 1 20  ? -3.005  8.018   -9.914  1.00 28.25  ? 20  TYR A N   1 
ATOM   148  C  CA  . TYR A 1 20  ? -4.299  7.568   -9.434  1.00 30.81  ? 20  TYR A CA  1 
ATOM   149  C  C   . TYR A 1 20  ? -4.783  8.489   -8.254  1.00 31.10  ? 20  TYR A C   1 
ATOM   150  O  O   . TYR A 1 20  ? -4.054  8.749   -7.248  1.00 27.56  ? 20  TYR A O   1 
ATOM   151  C  CB  . TYR A 1 20  ? -4.256  6.099   -9.021  1.00 29.53  ? 20  TYR A CB  1 
ATOM   152  C  CG  . TYR A 1 20  ? -5.661  5.561   -8.830  1.00 29.44  ? 20  TYR A CG  1 
ATOM   153  C  CD1 . TYR A 1 20  ? -6.379  4.994   -9.895  1.00 29.42  ? 20  TYR A CD1 1 
ATOM   154  C  CD2 . TYR A 1 20  ? -6.289  5.646   -7.583  1.00 29.24  ? 20  TYR A CD2 1 
ATOM   155  C  CE1 . TYR A 1 20  ? -7.683  4.520   -9.704  1.00 29.75  ? 20  TYR A CE1 1 
ATOM   156  C  CE2 . TYR A 1 20  ? -7.590  5.183   -7.391  1.00 29.44  ? 20  TYR A CE2 1 
ATOM   157  C  CZ  . TYR A 1 20  ? -8.277  4.621   -8.446  1.00 29.36  ? 20  TYR A CZ  1 
ATOM   158  O  OH  . TYR A 1 20  ? -9.553  4.149   -8.215  1.00 30.20  ? 20  TYR A OH  1 
ATOM   159  N  N   . ARG A 1 21  ? -6.027  8.967   -8.405  1.00 30.23  ? 21  ARG A N   1 
ATOM   160  C  CA  . ARG A 1 21  ? -6.612  9.973   -7.506  1.00 31.67  ? 21  ARG A CA  1 
ATOM   161  C  C   . ARG A 1 21  ? -5.690  11.199  -7.366  1.00 30.54  ? 21  ARG A C   1 
ATOM   162  O  O   . ARG A 1 21  ? -5.797  11.942  -6.400  1.00 30.07  ? 21  ARG A O   1 
ATOM   163  C  CB  . ARG A 1 21  ? -6.933  9.407   -6.121  1.00 33.45  ? 21  ARG A CB  1 
ATOM   164  C  CG  . ARG A 1 21  ? -8.225  8.602   -6.048  1.00 36.51  ? 21  ARG A CG  1 
ATOM   165  C  CD  . ARG A 1 21  ? -9.480  9.437   -5.821  1.00 39.31  ? 21  ARG A CD  1 
ATOM   166  N  NE  . ARG A 1 21  ? -10.652 8.625   -6.180  1.00 45.80  ? 21  ARG A NE  1 
ATOM   167  C  CZ  . ARG A 1 21  ? -11.923 8.879   -5.853  1.00 42.55  ? 21  ARG A CZ  1 
ATOM   168  N  NH1 . ARG A 1 21  ? -12.248 9.947   -5.131  1.00 41.92  ? 21  ARG A NH1 1 
ATOM   169  N  NH2 . ARG A 1 21  ? -12.877 8.037   -6.248  1.00 41.01  ? 21  ARG A NH2 1 
ATOM   170  N  N   . GLY A 1 22  ? -4.805  11.399  -8.347  1.00 30.53  ? 22  GLY A N   1 
ATOM   171  C  CA  . GLY A 1 22  ? -3.891  12.541  -8.377  1.00 30.51  ? 22  GLY A CA  1 
ATOM   172  C  C   . GLY A 1 22  ? -2.519  12.354  -7.733  1.00 28.60  ? 22  GLY A C   1 
ATOM   173  O  O   . GLY A 1 22  ? -1.688  13.271  -7.663  1.00 30.01  ? 22  GLY A O   1 
ATOM   174  N  N   . TYR A 1 23  ? -2.278  11.157  -7.222  1.00 28.43  ? 23  TYR A N   1 
ATOM   175  C  CA  . TYR A 1 23  ? -1.047  10.900  -6.484  1.00 26.95  ? 23  TYR A CA  1 
ATOM   176  C  C   . TYR A 1 23  ? -0.040  10.308  -7.441  1.00 26.14  ? 23  TYR A C   1 
ATOM   177  O  O   . TYR A 1 23  ? -0.211  9.188   -7.934  1.00 28.87  ? 23  TYR A O   1 
ATOM   178  C  CB  . TYR A 1 23  ? -1.339  9.949   -5.301  1.00 24.74  ? 23  TYR A CB  1 
ATOM   179  C  CG  . TYR A 1 23  ? -2.095  10.626  -4.220  1.00 21.80  ? 23  TYR A CG  1 
ATOM   180  C  CD1 . TYR A 1 23  ? -1.413  11.391  -3.248  1.00 21.20  ? 23  TYR A CD1 1 
ATOM   181  C  CD2 . TYR A 1 23  ? -3.498  10.527  -4.163  1.00 21.55  ? 23  TYR A CD2 1 
ATOM   182  C  CE1 . TYR A 1 23  ? -2.103  12.045  -2.242  1.00 20.22  ? 23  TYR A CE1 1 
ATOM   183  C  CE2 . TYR A 1 23  ? -4.203  11.166  -3.179  1.00 20.69  ? 23  TYR A CE2 1 
ATOM   184  C  CZ  . TYR A 1 23  ? -3.519  11.919  -2.224  1.00 21.97  ? 23  TYR A CZ  1 
ATOM   185  O  OH  . TYR A 1 23  ? -4.239  12.574  -1.273  1.00 21.36  ? 23  TYR A OH  1 
ATOM   186  N  N   . SER A 1 24  ? 0.997   11.079  -7.729  1.00 27.53  ? 24  SER A N   1 
ATOM   187  C  CA  . SER A 1 24  ? 2.020   10.626  -8.645  1.00 27.32  ? 24  SER A CA  1 
ATOM   188  C  C   . SER A 1 24  ? 2.713   9.352   -8.103  1.00 27.74  ? 24  SER A C   1 
ATOM   189  O  O   . SER A 1 24  ? 2.664   9.058   -6.890  1.00 24.22  ? 24  SER A O   1 
ATOM   190  C  CB  . SER A 1 24  ? 3.011   11.754  -8.873  1.00 27.84  ? 24  SER A CB  1 
ATOM   191  O  OG  . SER A 1 24  ? 3.772   11.951  -7.700  1.00 26.83  ? 24  SER A OG  1 
ATOM   192  N  N   . LEU A 1 25  ? 3.394   8.632   -8.997  1.00 27.15  ? 25  LEU A N   1 
ATOM   193  C  CA  . LEU A 1 25  ? 3.997   7.344   -8.668  1.00 27.34  ? 25  LEU A CA  1 
ATOM   194  C  C   . LEU A 1 25  ? 4.870   7.366   -7.398  1.00 27.79  ? 25  LEU A C   1 
ATOM   195  O  O   . LEU A 1 25  ? 4.779   6.462   -6.556  1.00 25.81  ? 25  LEU A O   1 
ATOM   196  C  CB  . LEU A 1 25  ? 4.759   6.824   -9.909  1.00 31.88  ? 25  LEU A CB  1 
ATOM   197  C  CG  . LEU A 1 25  ? 5.141   5.330   -10.020 1.00 33.09  ? 25  LEU A CG  1 
ATOM   198  C  CD1 . LEU A 1 25  ? 3.931   4.464   -9.731  1.00 35.17  ? 25  LEU A CD1 1 
ATOM   199  C  CD2 . LEU A 1 25  ? 5.697   4.976   -11.398 1.00 33.47  ? 25  LEU A CD2 1 
ATOM   200  N  N   . GLY A 1 26  ? 5.674   8.420   -7.238  1.00 27.28  ? 26  GLY A N   1 
ATOM   201  C  CA  . GLY A 1 26  ? 6.569   8.569   -6.088  1.00 27.39  ? 26  GLY A CA  1 
ATOM   202  C  C   . GLY A 1 26  ? 5.897   8.616   -4.732  1.00 25.16  ? 26  GLY A C   1 
ATOM   203  O  O   . GLY A 1 26  ? 6.497   8.223   -3.757  1.00 23.54  ? 26  GLY A O   1 
ATOM   204  N  N   . ASN A 1 27  ? 4.682   9.142   -4.653  1.00 26.84  ? 27  ASN A N   1 
ATOM   205  C  CA  . ASN A 1 27  ? 3.928   9.012   -3.420  1.00 23.95  ? 27  ASN A CA  1 
ATOM   206  C  C   . ASN A 1 27  ? 3.628   7.535   -3.078  1.00 24.61  ? 27  ASN A C   1 
ATOM   207  O  O   . ASN A 1 27  ? 3.621   7.163   -1.897  1.00 26.26  ? 27  ASN A O   1 
ATOM   208  C  CB  . ASN A 1 27  ? 2.607   9.792   -3.501  1.00 24.80  ? 27  ASN A CB  1 
ATOM   209  C  CG  . ASN A 1 27  ? 2.817   11.282  -3.323  1.00 23.57  ? 27  ASN A CG  1 
ATOM   210  O  OD1 . ASN A 1 27  ? 3.141   11.751  -2.232  1.00 21.74  ? 27  ASN A OD1 1 
ATOM   211  N  ND2 . ASN A 1 27  ? 2.671   12.027  -4.404  1.00 24.33  ? 27  ASN A ND2 1 
ATOM   212  N  N   . TRP A 1 28  ? 3.374   6.700   -4.084  1.00 23.15  ? 28  TRP A N   1 
ATOM   213  C  CA  . TRP A 1 28  ? 3.085   5.284   -3.829  1.00 23.27  ? 28  TRP A CA  1 
ATOM   214  C  C   . TRP A 1 28  ? 4.362   4.523   -3.385  1.00 24.12  ? 28  TRP A C   1 
ATOM   215  O  O   . TRP A 1 28  ? 4.385   3.754   -2.380  1.00 22.75  ? 28  TRP A O   1 
ATOM   216  C  CB  . TRP A 1 28  ? 2.408   4.661   -5.091  1.00 24.74  ? 28  TRP A CB  1 
ATOM   217  C  CG  . TRP A 1 28  ? 1.071   5.279   -5.337  1.00 24.83  ? 28  TRP A CG  1 
ATOM   218  C  CD1 . TRP A 1 28  ? 0.751   6.207   -6.291  1.00 26.27  ? 28  TRP A CD1 1 
ATOM   219  C  CD2 . TRP A 1 28  ? -0.110  5.069   -4.573  1.00 24.06  ? 28  TRP A CD2 1 
ATOM   220  N  NE1 . TRP A 1 28  ? -0.556  6.586   -6.168  1.00 25.04  ? 28  TRP A NE1 1 
ATOM   221  C  CE2 . TRP A 1 28  ? -1.113  5.909   -5.114  1.00 25.39  ? 28  TRP A CE2 1 
ATOM   222  C  CE3 . TRP A 1 28  ? -0.419  4.267   -3.464  1.00 22.82  ? 28  TRP A CE3 1 
ATOM   223  C  CZ2 . TRP A 1 28  ? -2.425  5.951   -4.602  1.00 26.06  ? 28  TRP A CZ2 1 
ATOM   224  C  CZ3 . TRP A 1 28  ? -1.713  4.312   -2.957  1.00 22.88  ? 28  TRP A CZ3 1 
ATOM   225  C  CH2 . TRP A 1 28  ? -2.704  5.151   -3.527  1.00 24.05  ? 28  TRP A CH2 1 
ATOM   226  N  N   . VAL A 1 29  ? 5.442   4.789   -4.107  1.00 21.90  ? 29  VAL A N   1 
ATOM   227  C  CA  . VAL A 1 29  ? 6.704   4.140   -3.800  1.00 24.13  ? 29  VAL A CA  1 
ATOM   228  C  C   . VAL A 1 29  ? 7.141   4.523   -2.392  1.00 22.86  ? 29  VAL A C   1 
ATOM   229  O  O   . VAL A 1 29  ? 7.548   3.655   -1.603  1.00 23.64  ? 29  VAL A O   1 
ATOM   230  C  CB  . VAL A 1 29  ? 7.760   4.520   -4.875  1.00 22.13  ? 29  VAL A CB  1 
ATOM   231  C  CG1 . VAL A 1 29  ? 9.132   3.988   -4.525  1.00 23.37  ? 29  VAL A CG1 1 
ATOM   232  C  CG2 . VAL A 1 29  ? 7.296   3.956   -6.217  1.00 22.99  ? 29  VAL A CG2 1 
ATOM   233  N  N   . CYS A 1 30  ? 7.035   5.813   -2.076  1.00 23.34  ? 30  CYS A N   1 
ATOM   234  C  CA  . CYS A 1 30  ? 7.430   6.297   -0.767  1.00 24.11  ? 30  CYS A CA  1 
ATOM   235  C  C   . CYS A 1 30  ? 6.617   5.648   0.358   1.00 24.10  ? 30  CYS A C   1 
ATOM   236  O  O   . CYS A 1 30  ? 7.162   5.242   1.396   1.00 26.19  ? 30  CYS A O   1 
ATOM   237  C  CB  . CYS A 1 30  ? 7.309   7.837   -0.723  1.00 25.61  ? 30  CYS A CB  1 
ATOM   238  S  SG  . CYS A 1 30  ? 7.801   8.586   0.853   1.00 25.80  ? 30  CYS A SG  1 
ATOM   239  N  N   . ALA A 1 31  ? 5.307   5.567   0.184   1.00 23.41  ? 31  ALA A N   1 
ATOM   240  C  CA  . ALA A 1 31  ? 4.502   4.999   1.256   1.00 22.87  ? 31  ALA A CA  1 
ATOM   241  C  C   . ALA A 1 31  ? 4.849   3.503   1.454   1.00 22.15  ? 31  ALA A C   1 
ATOM   242  O  O   . ALA A 1 31  ? 5.019   3.028   2.577   1.00 24.24  ? 31  ALA A O   1 
ATOM   243  C  CB  . ALA A 1 31  ? 3.017   5.225   0.971   1.00 22.45  ? 31  ALA A CB  1 
ATOM   244  N  N   . ALA A 1 32  ? 5.067   2.790   0.358   1.00 22.38  ? 32  ALA A N   1 
ATOM   245  C  CA  . ALA A 1 32  ? 5.448   1.387   0.426   1.00 22.05  ? 32  ALA A CA  1 
ATOM   246  C  C   . ALA A 1 32  ? 6.842   1.225   1.013   1.00 23.50  ? 32  ALA A C   1 
ATOM   247  O  O   . ALA A 1 32  ? 7.115   0.225   1.648   1.00 21.46  ? 32  ALA A O   1 
ATOM   248  C  CB  . ALA A 1 32  ? 5.390   0.756   -0.962  1.00 22.79  ? 32  ALA A CB  1 
ATOM   249  N  N   . LYS A 1 33  ? 7.733   2.187   0.787   1.00 24.01  ? 33  LYS A N   1 
ATOM   250  C  CA  . LYS A 1 33  ? 9.035   2.096   1.423   1.00 27.43  ? 33  LYS A CA  1 
ATOM   251  C  C   . LYS A 1 33  ? 8.824   2.091   2.929   1.00 26.18  ? 33  LYS A C   1 
ATOM   252  O  O   . LYS A 1 33  ? 9.267   1.182   3.608   1.00 24.11  ? 33  LYS A O   1 
ATOM   253  C  CB  . LYS A 1 33  ? 9.941   3.301   1.065   1.00 30.52  ? 33  LYS A CB  1 
ATOM   254  C  CG  . LYS A 1 33  ? 11.210  3.410   1.906   1.00 32.45  ? 33  LYS A CG  1 
ATOM   255  C  CD  . LYS A 1 33  ? 12.238  2.364   1.502   1.00 31.95  ? 33  LYS A CD  1 
ATOM   256  C  CE  . LYS A 1 33  ? 13.438  2.390   2.440   1.00 30.97  ? 33  LYS A CE  1 
ATOM   257  N  NZ  . LYS A 1 33  ? 14.372  1.246   2.222   1.00 30.85  ? 33  LYS A NZ  1 
ATOM   258  N  N   . PHE A 1 34  ? 8.105   3.090   3.428   1.00 27.62  ? 34  PHE A N   1 
ATOM   259  C  CA  . PHE A 1 34  ? 7.984   3.287   4.860   1.00 28.18  ? 34  PHE A CA  1 
ATOM   260  C  C   . PHE A 1 34  ? 6.965   2.411   5.544   1.00 29.82  ? 34  PHE A C   1 
ATOM   261  O  O   . PHE A 1 34  ? 7.032   2.208   6.746   1.00 34.22  ? 34  PHE A O   1 
ATOM   262  C  CB  . PHE A 1 34  ? 7.796   4.772   5.156   1.00 28.45  ? 34  PHE A CB  1 
ATOM   263  C  CG  . PHE A 1 34  ? 8.997   5.578   4.816   1.00 29.67  ? 34  PHE A CG  1 
ATOM   264  C  CD1 . PHE A 1 34  ? 10.253  5.218   5.302   1.00 28.64  ? 34  PHE A CD1 1 
ATOM   265  C  CD2 . PHE A 1 34  ? 8.890   6.684   4.010   1.00 28.97  ? 34  PHE A CD2 1 
ATOM   266  C  CE1 . PHE A 1 34  ? 11.367  5.951   4.959   1.00 28.41  ? 34  PHE A CE1 1 
ATOM   267  C  CE2 . PHE A 1 34  ? 9.999   7.403   3.670   1.00 30.19  ? 34  PHE A CE2 1 
ATOM   268  C  CZ  . PHE A 1 34  ? 11.230  7.053   4.146   1.00 28.88  ? 34  PHE A CZ  1 
ATOM   269  N  N   . GLU A 1 35  ? 6.046   1.856   4.764   1.00 28.34  ? 35  GLU A N   1 
ATOM   270  C  CA  . GLU A 1 35  ? 5.100   0.890   5.277   1.00 28.73  ? 35  GLU A CA  1 
ATOM   271  C  C   . GLU A 1 35  ? 5.673   -0.534  5.387   1.00 27.55  ? 35  GLU A C   1 
ATOM   272  O  O   . GLU A 1 35  ? 5.594   -1.117  6.449   1.00 30.06  ? 35  GLU A O   1 
ATOM   273  C  CB  . GLU A 1 35  ? 3.855   0.831   4.382   1.00 29.53  ? 35  GLU A CB  1 
ATOM   274  C  CG  . GLU A 1 35  ? 3.012   2.099   4.427   1.00 34.37  ? 35  GLU A CG  1 
ATOM   275  C  CD  . GLU A 1 35  ? 2.356   2.319   5.777   1.00 37.04  ? 35  GLU A CD  1 
ATOM   276  O  OE1 . GLU A 1 35  ? 2.809   1.699   6.764   1.00 36.91  ? 35  GLU A OE1 1 
ATOM   277  O  OE2 . GLU A 1 35  ? 1.385   3.102   5.850   1.00 34.68  ? 35  GLU A OE2 1 
ATOM   278  N  N   . SER A 1 36  ? 6.267   -1.063  4.315   1.00 26.57  ? 36  SER A N   1 
ATOM   279  C  CA  . SER A 1 36  ? 6.710   -2.465  4.274   1.00 25.27  ? 36  SER A CA  1 
ATOM   280  C  C   . SER A 1 36  ? 8.166   -2.663  3.918   1.00 25.30  ? 36  SER A C   1 
ATOM   281  O  O   . SER A 1 36  ? 8.609   -3.805  3.764   1.00 26.11  ? 36  SER A O   1 
ATOM   282  C  CB  . SER A 1 36  ? 5.957   -3.174  3.156   1.00 24.74  ? 36  SER A CB  1 
ATOM   283  O  OG  . SER A 1 36  ? 6.188   -2.522  1.915   1.00 22.74  ? 36  SER A OG  1 
ATOM   284  N  N   . ASN A 1 37  ? 8.907   -1.576  3.761   1.00 26.66  ? 37  ASN A N   1 
ATOM   285  C  CA  . ASN A 1 37  ? 10.253  -1.691  3.189   1.00 26.43  ? 37  ASN A CA  1 
ATOM   286  C  C   . ASN A 1 37  ? 10.294  -2.539  1.869   1.00 29.06  ? 37  ASN A C   1 
ATOM   287  O  O   . ASN A 1 37  ? 11.298  -3.189  1.542   1.00 29.78  ? 37  ASN A O   1 
ATOM   288  C  CB  . ASN A 1 37  ? 11.241  -2.196  4.213   1.00 29.40  ? 37  ASN A CB  1 
ATOM   289  C  CG  . ASN A 1 37  ? 12.663  -1.789  3.890   1.00 29.40  ? 37  ASN A CG  1 
ATOM   290  O  OD1 . ASN A 1 37  ? 12.900  -0.874  3.088   1.00 34.04  ? 37  ASN A OD1 1 
ATOM   291  N  ND2 . ASN A 1 37  ? 13.617  -2.487  4.478   1.00 29.69  ? 37  ASN A ND2 1 
ATOM   292  N  N   . PHE A 1 38  ? 9.180   -2.497  1.136   1.00 26.45  ? 38  PHE A N   1 
ATOM   293  C  CA  . PHE A 1 38  ? 9.053   -3.046  -0.211  1.00 27.37  ? 38  PHE A CA  1 
ATOM   294  C  C   . PHE A 1 38  ? 8.889   -4.551  -0.132  1.00 28.58  ? 38  PHE A C   1 
ATOM   295  O  O   . PHE A 1 38  ? 9.073   -5.257  -1.129  1.00 27.26  ? 38  PHE A O   1 
ATOM   296  C  CB  . PHE A 1 38  ? 10.289  -2.685  -1.103  1.00 27.57  ? 38  PHE A CB  1 
ATOM   297  C  CG  . PHE A 1 38  ? 10.460  -1.213  -1.397  1.00 26.60  ? 38  PHE A CG  1 
ATOM   298  C  CD1 . PHE A 1 38  ? 9.375   -0.348  -1.515  1.00 25.59  ? 38  PHE A CD1 1 
ATOM   299  C  CD2 . PHE A 1 38  ? 11.736  -0.705  -1.588  1.00 26.57  ? 38  PHE A CD2 1 
ATOM   300  C  CE1 . PHE A 1 38  ? 9.565   1.005   -1.823  1.00 24.43  ? 38  PHE A CE1 1 
ATOM   301  C  CE2 . PHE A 1 38  ? 11.932  0.627   -1.899  1.00 27.86  ? 38  PHE A CE2 1 
ATOM   302  C  CZ  . PHE A 1 38  ? 10.854  1.488   -2.017  1.00 26.96  ? 38  PHE A CZ  1 
ATOM   303  N  N   . ASN A 1 39  ? 8.493   -5.032  1.046   1.00 28.61  ? 39  ASN A N   1 
ATOM   304  C  CA  . ASN A 1 39  ? 8.391   -6.454  1.274   1.00 27.63  ? 39  ASN A CA  1 
ATOM   305  C  C   . ASN A 1 39  ? 6.937   -6.868  1.265   1.00 26.13  ? 39  ASN A C   1 
ATOM   306  O  O   . ASN A 1 39  ? 6.198   -6.525  2.167   1.00 25.88  ? 39  ASN A O   1 
ATOM   307  C  CB  . ASN A 1 39  ? 9.095   -6.822  2.604   1.00 28.48  ? 39  ASN A CB  1 
ATOM   308  C  CG  . ASN A 1 39  ? 9.040   -8.324  2.914   1.00 29.45  ? 39  ASN A CG  1 
ATOM   309  O  OD1 . ASN A 1 39  ? 8.297   -9.121  2.289   1.00 27.64  ? 39  ASN A OD1 1 
ATOM   310  N  ND2 . ASN A 1 39  ? 9.822   -8.711  3.899   1.00 31.38  ? 39  ASN A ND2 1 
ATOM   311  N  N   . THR A 1 40  ? 6.554   -7.634  0.236   1.00 26.18  ? 40  THR A N   1 
ATOM   312  C  CA  . THR A 1 40  ? 5.183   -8.115  0.043   1.00 28.04  ? 40  THR A CA  1 
ATOM   313  C  C   . THR A 1 40  ? 4.687   -8.975  1.236   1.00 25.61  ? 40  THR A C   1 
ATOM   314  O  O   . THR A 1 40  ? 3.472   -9.016  1.534   1.00 25.25  ? 40  THR A O   1 
ATOM   315  C  CB  . THR A 1 40  ? 5.034   -8.900  -1.332  1.00 30.78  ? 40  THR A CB  1 
ATOM   316  O  OG1 . THR A 1 40  ? 5.660   -10.188 -1.262  1.00 31.46  ? 40  THR A OG1 1 
ATOM   317  C  CG2 . THR A 1 40  ? 5.655   -8.117  -2.493  1.00 31.41  ? 40  THR A CG2 1 
ATOM   318  N  N   . GLN A 1 41  ? 5.621   -9.593  1.973   1.00 24.80  ? 41  GLN A N   1 
ATOM   319  C  CA  . GLN A 1 41  ? 5.249   -10.457 3.134   1.00 27.67  ? 41  GLN A CA  1 
ATOM   320  C  C   . GLN A 1 41  ? 5.165   -9.760  4.519   1.00 27.07  ? 41  GLN A C   1 
ATOM   321  O  O   . GLN A 1 41  ? 5.012   -10.418 5.545   1.00 28.26  ? 41  GLN A O   1 
ATOM   322  C  CB  . GLN A 1 41  ? 6.211   -11.649 3.238   1.00 30.15  ? 41  GLN A CB  1 
ATOM   323  C  CG  . GLN A 1 41  ? 6.267   -12.516 1.995   1.00 29.84  ? 41  GLN A CG  1 
ATOM   324  C  CD  . GLN A 1 41  ? 6.801   -13.896 2.317   1.00 27.78  ? 41  GLN A CD  1 
ATOM   325  O  OE1 . GLN A 1 41  ? 6.096   -14.708 2.915   1.00 26.44  ? 41  GLN A OE1 1 
ATOM   326  N  NE2 . GLN A 1 41  ? 8.059   -14.161 1.956   1.00 24.72  ? 41  GLN A NE2 1 
ATOM   327  N  N   . ALA A 1 42  ? 5.265   -8.433  4.547   1.00 26.97  ? 42  ALA A N   1 
ATOM   328  C  CA  . ALA A 1 42  ? 5.217   -7.680  5.793   1.00 26.71  ? 42  ALA A CA  1 
ATOM   329  C  C   . ALA A 1 42  ? 3.865   -7.732  6.460   1.00 26.83  ? 42  ALA A C   1 
ATOM   330  O  O   . ALA A 1 42  ? 2.855   -7.423  5.833   1.00 24.67  ? 42  ALA A O   1 
ATOM   331  C  CB  . ALA A 1 42  ? 5.573   -6.216  5.537   1.00 28.13  ? 42  ALA A CB  1 
ATOM   332  N  N   . THR A 1 43  ? 3.868   -8.096  7.739   1.00 25.02  ? 43  THR A N   1 
ATOM   333  C  CA  . THR A 1 43  ? 2.662   -8.107  8.556   1.00 28.43  ? 43  THR A CA  1 
ATOM   334  C  C   . THR A 1 43  ? 3.011   -7.367  9.850   1.00 28.94  ? 43  THR A C   1 
ATOM   335  O  O   . THR A 1 43  ? 4.082   -7.590  10.397  1.00 26.80  ? 43  THR A O   1 
ATOM   336  C  CB  . THR A 1 43  ? 2.210   -9.538  8.908   1.00 27.08  ? 43  THR A CB  1 
ATOM   337  O  OG1 . THR A 1 43  ? 3.317   -10.262 9.445   1.00 27.84  ? 43  THR A OG1 1 
ATOM   338  C  CG2 . THR A 1 43  ? 1.740   -10.254 7.679   1.00 27.67  ? 43  THR A CG2 1 
ATOM   339  N  N   . ASN A 1 44  ? 2.102   -6.510  10.322  1.00 29.34  ? 44  ASN A N   1 
ATOM   340  C  CA  . ASN A 1 44  ? 2.283   -5.760  11.550  1.00 28.51  ? 44  ASN A CA  1 
ATOM   341  C  C   . ASN A 1 44  ? 1.018   -5.663  12.332  1.00 29.34  ? 44  ASN A C   1 
ATOM   342  O  O   . ASN A 1 44  ? 0.003   -5.208  11.846  1.00 26.71  ? 44  ASN A O   1 
ATOM   343  C  CB  . ASN A 1 44  ? 2.820   -4.393  11.244  1.00 31.66  ? 44  ASN A CB  1 
ATOM   344  C  CG  . ASN A 1 44  ? 4.276   -4.469  10.823  1.00 32.99  ? 44  ASN A CG  1 
ATOM   345  O  OD1 . ASN A 1 44  ? 4.608   -4.363  9.651   1.00 40.99  ? 44  ASN A OD1 1 
ATOM   346  N  ND2 . ASN A 1 44  ? 5.147   -4.735  11.780  1.00 36.12  ? 44  ASN A ND2 1 
ATOM   347  N  N   . ARG A 1 45  ? 1.090   -6.129  13.563  1.00 30.85  ? 45  ARG A N   1 
ATOM   348  C  CA  . ARG A 1 45  ? -0.058  -6.087  14.450  1.00 32.61  ? 45  ARG A CA  1 
ATOM   349  C  C   . ARG A 1 45  ? -0.219  -4.633  14.904  1.00 30.42  ? 45  ARG A C   1 
ATOM   350  O  O   . ARG A 1 45  ? 0.760   -3.994  15.308  1.00 30.28  ? 45  ARG A O   1 
ATOM   351  C  CB  . ARG A 1 45  ? 0.194   -7.007  15.657  1.00 33.18  ? 45  ARG A CB  1 
ATOM   352  C  CG  . ARG A 1 45  ? -1.085  -7.435  16.368  1.00 34.71  ? 45  ARG A CG  1 
ATOM   353  C  CD  . ARG A 1 45  ? -1.908  -8.258  15.416  1.00 35.28  ? 45  ARG A CD  1 
ATOM   354  N  NE  . ARG A 1 45  ? -3.181  -8.640  15.999  1.00 38.71  ? 45  ARG A NE  1 
ATOM   355  C  CZ  . ARG A 1 45  ? -3.412  -9.761  16.672  1.00 35.59  ? 45  ARG A CZ  1 
ATOM   356  N  NH1 . ARG A 1 45  ? -2.452  -10.667 16.868  1.00 38.50  ? 45  ARG A NH1 1 
ATOM   357  N  NH2 . ARG A 1 45  ? -4.631  -9.969  17.140  1.00 33.85  ? 45  ARG A NH2 1 
ATOM   358  N  N   . ASN A 1 46  ? -1.427  -4.092  14.766  1.00 28.52  ? 46  ASN A N   1 
ATOM   359  C  CA  . ASN A 1 46  ? -1.695  -2.739  15.240  1.00 30.92  ? 46  ASN A CA  1 
ATOM   360  C  C   . ASN A 1 46  ? -2.259  -2.822  16.680  1.00 28.82  ? 46  ASN A C   1 
ATOM   361  O  O   . ASN A 1 46  ? -2.691  -3.895  17.163  1.00 26.01  ? 46  ASN A O   1 
ATOM   362  C  CB  . ASN A 1 46  ? -2.631  -1.974  14.274  1.00 32.08  ? 46  ASN A CB  1 
ATOM   363  C  CG  . ASN A 1 46  ? -2.163  -2.057  12.813  1.00 35.30  ? 46  ASN A CG  1 
ATOM   364  O  OD1 . ASN A 1 46  ? -1.012  -1.724  12.489  1.00 38.95  ? 46  ASN A OD1 1 
ATOM   365  N  ND2 . ASN A 1 46  ? -3.055  -2.516  11.928  1.00 35.83  ? 46  ASN A ND2 1 
ATOM   366  N  N   . THR A 1 47  ? -2.257  -1.679  17.358  1.00 30.50  ? 47  THR A N   1 
ATOM   367  C  CA  . THR A 1 47  ? -2.648  -1.656  18.759  1.00 32.52  ? 47  THR A CA  1 
ATOM   368  C  C   . THR A 1 47  ? -4.074  -2.108  19.039  1.00 33.69  ? 47  THR A C   1 
ATOM   369  O  O   . THR A 1 47  ? -4.373  -2.604  20.133  1.00 32.22  ? 47  THR A O   1 
ATOM   370  C  CB  . THR A 1 47  ? -2.406  -0.259  19.398  1.00 34.77  ? 47  THR A CB  1 
ATOM   371  O  OG1 . THR A 1 47  ? -3.004  0.767   18.595  1.00 32.32  ? 47  THR A OG1 1 
ATOM   372  C  CG2 . THR A 1 47  ? -0.902  0.004   19.508  1.00 35.50  ? 47  THR A CG2 1 
ATOM   373  N  N   . ASP A 1 48  ? -4.953  -1.943  18.052  1.00 31.68  ? 48  ASP A N   1 
ATOM   374  C  CA  . ASP A 1 48  ? -6.355  -2.340  18.196  1.00 30.91  ? 48  ASP A CA  1 
ATOM   375  C  C   . ASP A 1 48  ? -6.538  -3.847  17.903  1.00 31.60  ? 48  ASP A C   1 
ATOM   376  O  O   . ASP A 1 48  ? -7.651  -4.364  17.896  1.00 29.63  ? 48  ASP A O   1 
ATOM   377  C  CB  . ASP A 1 48  ? -7.242  -1.468  17.283  1.00 31.55  ? 48  ASP A CB  1 
ATOM   378  C  CG  . ASP A 1 48  ? -6.963  -1.671  15.778  1.00 33.25  ? 48  ASP A CG  1 
ATOM   379  O  OD1 . ASP A 1 48  ? -6.007  -2.361  15.390  1.00 34.86  ? 48  ASP A OD1 1 
ATOM   380  O  OD2 . ASP A 1 48  ? -7.708  -1.113  14.951  1.00 35.73  ? 48  ASP A OD2 1 
ATOM   381  N  N   . GLY A 1 49  ? -5.432  -4.542  17.654  1.00 31.06  ? 49  GLY A N   1 
ATOM   382  C  CA  . GLY A 1 49  ? -5.511  -5.966  17.393  1.00 27.59  ? 49  GLY A CA  1 
ATOM   383  C  C   . GLY A 1 49  ? -5.832  -6.322  15.952  1.00 27.07  ? 49  GLY A C   1 
ATOM   384  O  O   . GLY A 1 49  ? -5.978  -7.505  15.645  1.00 30.03  ? 49  GLY A O   1 
ATOM   385  N  N   . SER A 1 50  ? -6.019  -5.320  15.092  1.00 25.21  ? 50  SER A N   1 
ATOM   386  C  CA  . SER A 1 50  ? -6.073  -5.588  13.657  1.00 23.02  ? 50  SER A CA  1 
ATOM   387  C  C   . SER A 1 50  ? -4.607  -5.781  13.250  1.00 23.06  ? 50  SER A C   1 
ATOM   388  O  O   . SER A 1 50  ? -3.704  -5.582  14.071  1.00 22.84  ? 50  SER A O   1 
ATOM   389  C  CB  . SER A 1 50  ? -6.681  -4.423  12.884  1.00 21.52  ? 50  SER A CB  1 
ATOM   390  O  OG  . SER A 1 50  ? -5.946  -3.224  12.981  1.00 21.45  ? 50  SER A OG  1 
ATOM   391  N  N   . THR A 1 51  ? -4.403  -6.228  12.015  1.00 24.63  ? 51  THR A N   1 
ATOM   392  C  CA  . THR A 1 51  ? -3.072  -6.413  11.459  1.00 23.40  ? 51  THR A CA  1 
ATOM   393  C  C   . THR A 1 51  ? -2.997  -5.713  10.088  1.00 25.31  ? 51  THR A C   1 
ATOM   394  O  O   . THR A 1 51  ? -3.946  -5.692  9.302   1.00 23.81  ? 51  THR A O   1 
ATOM   395  C  CB  . THR A 1 51  ? -2.750  -7.946  11.267  1.00 23.39  ? 51  THR A CB  1 
ATOM   396  O  OG1 . THR A 1 51  ? -2.879  -8.617  12.521  1.00 23.71  ? 51  THR A OG1 1 
ATOM   397  C  CG2 . THR A 1 51  ? -1.295  -8.224  10.753  1.00 25.07  ? 51  THR A CG2 1 
ATOM   398  N  N   . ASP A 1 52  ? -1.816  -5.212  9.777   1.00 28.22  ? 52  ASP A N   1 
ATOM   399  C  CA  . ASP A 1 52  ? -1.558  -4.642  8.463   1.00 26.50  ? 52  ASP A CA  1 
ATOM   400  C  C   . ASP A 1 52  ? -0.838  -5.668  7.625   1.00 26.03  ? 52  ASP A C   1 
ATOM   401  O  O   . ASP A 1 52  ? 0.073   -6.330  8.120   1.00 24.95  ? 52  ASP A O   1 
ATOM   402  C  CB  . ASP A 1 52  ? -0.663  -3.444  8.574   1.00 28.43  ? 52  ASP A CB  1 
ATOM   403  C  CG  . ASP A 1 52  ? -1.393  -2.199  9.012   1.00 27.93  ? 52  ASP A CG  1 
ATOM   404  O  OD1 . ASP A 1 52  ? -2.624  -2.166  9.218   1.00 27.89  ? 52  ASP A OD1 1 
ATOM   405  O  OD2 . ASP A 1 52  ? -0.666  -1.221  9.178   1.00 29.80  ? 52  ASP A OD2 1 
ATOM   406  N  N   . TYR A 1 53  ? -1.170  -5.694  6.338   1.00 26.58  ? 53  TYR A N   1 
ATOM   407  C  CA  . TYR A 1 53  ? -0.636  -6.692  5.435   1.00 26.87  ? 53  TYR A CA  1 
ATOM   408  C  C   . TYR A 1 53  ? -0.155  -6.145  4.114   1.00 26.05  ? 53  TYR A C   1 
ATOM   409  O  O   . TYR A 1 53  ? -0.843  -5.376  3.450   1.00 25.24  ? 53  TYR A O   1 
ATOM   410  C  CB  . TYR A 1 53  ? -1.716  -7.725  5.092   1.00 25.20  ? 53  TYR A CB  1 
ATOM   411  C  CG  . TYR A 1 53  ? -2.282  -8.478  6.244   1.00 25.68  ? 53  TYR A CG  1 
ATOM   412  C  CD1 . TYR A 1 53  ? -3.292  -7.938  7.049   1.00 25.32  ? 53  TYR A CD1 1 
ATOM   413  C  CD2 . TYR A 1 53  ? -1.814  -9.738  6.544   1.00 26.96  ? 53  TYR A CD2 1 
ATOM   414  C  CE1 . TYR A 1 53  ? -3.828  -8.669  8.084   1.00 26.23  ? 53  TYR A CE1 1 
ATOM   415  C  CE2 . TYR A 1 53  ? -2.365  -10.472 7.567   1.00 28.37  ? 53  TYR A CE2 1 
ATOM   416  C  CZ  . TYR A 1 53  ? -3.350  -9.931  8.350   1.00 25.23  ? 53  TYR A CZ  1 
ATOM   417  O  OH  . TYR A 1 53  ? -3.867  -10.709 9.360   1.00 27.65  ? 53  TYR A OH  1 
ATOM   418  N  N   . GLY A 1 54  ? 1.096   -6.478  3.845   1.00 24.54  ? 54  GLY A N   1 
ATOM   419  C  CA  . GLY A 1 54  ? 1.673   -6.313  2.539   1.00 25.04  ? 54  GLY A CA  1 
ATOM   420  C  C   . GLY A 1 54  ? 2.499   -5.097  2.268   1.00 25.20  ? 54  GLY A C   1 
ATOM   421  O  O   . GLY A 1 54  ? 2.829   -4.299  3.127   1.00 25.03  ? 54  GLY A O   1 
ATOM   422  N  N   . ILE A 1 55  ? 2.826   -4.973  1.002   1.00 27.11  ? 55  ILE A N   1 
ATOM   423  C  CA  . ILE A 1 55  ? 3.583   -3.880  0.472   1.00 27.91  ? 55  ILE A CA  1 
ATOM   424  C  C   . ILE A 1 55  ? 3.042   -2.503  0.929   1.00 29.05  ? 55  ILE A C   1 
ATOM   425  O  O   . ILE A 1 55  ? 3.832   -1.585  1.145   1.00 28.48  ? 55  ILE A O   1 
ATOM   426  C  CB  . ILE A 1 55  ? 3.585   -4.023  -1.077  1.00 29.62  ? 55  ILE A CB  1 
ATOM   427  C  CG1 . ILE A 1 55  ? 4.650   -3.132  -1.679  1.00 29.95  ? 55  ILE A CG1 1 
ATOM   428  C  CG2 . ILE A 1 55  ? 2.244   -3.683  -1.678  1.00 31.97  ? 55  ILE A CG2 1 
ATOM   429  C  CD1 . ILE A 1 55  ? 5.947   -3.846  -1.650  1.00 28.26  ? 55  ILE A CD1 1 
ATOM   430  N  N   . LEU A 1 56  ? 1.719   -2.374  1.052   1.00 27.06  ? 56  LEU A N   1 
ATOM   431  C  CA  . LEU A 1 56  ? 1.093   -1.150  1.454   1.00 27.99  ? 56  LEU A CA  1 
ATOM   432  C  C   . LEU A 1 56  ? 0.325   -1.283  2.756   1.00 26.29  ? 56  LEU A C   1 
ATOM   433  O  O   . LEU A 1 56  ? -0.467  -0.433  3.063   1.00 25.95  ? 56  LEU A O   1 
ATOM   434  C  CB  . LEU A 1 56  ? 0.222   -0.575  0.318   1.00 29.32  ? 56  LEU A CB  1 
ATOM   435  C  CG  . LEU A 1 56  ? 0.981   0.079   -0.870  1.00 28.77  ? 56  LEU A CG  1 
ATOM   436  C  CD1 . LEU A 1 56  ? 0.120   0.179   -2.148  1.00 28.83  ? 56  LEU A CD1 1 
ATOM   437  C  CD2 . LEU A 1 56  ? 1.537   1.420   -0.433  1.00 30.62  ? 56  LEU A CD2 1 
ATOM   438  N  N   . GLN A 1 57  ? 0.626   -2.333  3.516   1.00 23.94  ? 57  GLN A N   1 
ATOM   439  C  CA  . GLN A 1 57  ? 0.172   -2.489  4.889   1.00 24.29  ? 57  GLN A CA  1 
ATOM   440  C  C   . GLN A 1 57  ? -1.313  -2.193  5.072   1.00 24.73  ? 57  GLN A C   1 
ATOM   441  O  O   . GLN A 1 57  ? -1.758  -1.315  5.829   1.00 21.46  ? 57  GLN A O   1 
ATOM   442  C  CB  . GLN A 1 57  ? 1.019   -1.564  5.759   1.00 25.10  ? 57  GLN A CB  1 
ATOM   443  C  CG  . GLN A 1 57  ? 2.423   -2.003  6.086   1.00 24.11  ? 57  GLN A CG  1 
ATOM   444  C  CD  . GLN A 1 57  ? 2.492   -3.317  6.816   1.00 24.05  ? 57  GLN A CD  1 
ATOM   445  O  OE1 . GLN A 1 57  ? 2.515   -3.379  8.056   1.00 24.82  ? 57  GLN A OE1 1 
ATOM   446  N  NE2 . GLN A 1 57  ? 2.517   -4.390  6.047   1.00 25.91  ? 57  GLN A NE2 1 
ATOM   447  N  N   . ILE A 1 58  ? -2.084  -2.956  4.323   1.00 25.60  ? 58  ILE A N   1 
ATOM   448  C  CA  . ILE A 1 58  ? -3.526  -2.787  4.304   1.00 28.19  ? 58  ILE A CA  1 
ATOM   449  C  C   . ILE A 1 58  ? -4.027  -3.541  5.511   1.00 31.08  ? 58  ILE A C   1 
ATOM   450  O  O   . ILE A 1 58  ? -3.592  -4.675  5.793   1.00 31.37  ? 58  ILE A O   1 
ATOM   451  C  CB  . ILE A 1 58  ? -4.079  -3.248  2.949   1.00 28.16  ? 58  ILE A CB  1 
ATOM   452  C  CG1 . ILE A 1 58  ? -3.635  -2.236  1.884   1.00 30.39  ? 58  ILE A CG1 1 
ATOM   453  C  CG2 . ILE A 1 58  ? -5.586  -3.426  3.000   1.00 28.92  ? 58  ILE A CG2 1 
ATOM   454  C  CD1 . ILE A 1 58  ? -4.036  -2.556  0.464   1.00 31.47  ? 58  ILE A CD1 1 
ATOM   455  N  N   . ASN A 1 59  ? -4.988  -2.912  6.178   1.00 33.60  ? 59  ASN A N   1 
ATOM   456  C  CA  . ASN A 1 59  ? -5.307  -3.346  7.510   1.00 35.76  ? 59  ASN A CA  1 
ATOM   457  C  C   . ASN A 1 59  ? -6.613  -4.059  7.543   1.00 33.81  ? 59  ASN A C   1 
ATOM   458  O  O   . ASN A 1 59  ? -7.541  -3.734  6.797   1.00 30.50  ? 59  ASN A O   1 
ATOM   459  C  CB  . ASN A 1 59  ? -5.147  -2.153  8.493   1.00 39.81  ? 59  ASN A CB  1 
ATOM   460  C  CG  . ASN A 1 59  ? -6.449  -1.650  9.020   1.00 42.77  ? 59  ASN A CG  1 
ATOM   461  O  OD1 . ASN A 1 59  ? -6.738  -1.801  10.201  1.00 44.53  ? 59  ASN A OD1 1 
ATOM   462  N  ND2 . ASN A 1 59  ? -7.256  -1.053  8.153   1.00 47.40  ? 59  ASN A ND2 1 
ATOM   463  N  N   . SER A 1 60  ? -6.623  -5.088  8.383   1.00 30.27  ? 60  SER A N   1 
ATOM   464  C  CA  . SER A 1 60  ? -7.683  -6.045  8.399   1.00 28.53  ? 60  SER A CA  1 
ATOM   465  C  C   . SER A 1 60  ? -8.936  -5.523  9.029   1.00 30.26  ? 60  SER A C   1 
ATOM   466  O  O   . SER A 1 60  ? -9.896  -6.256  9.101   1.00 27.18  ? 60  SER A O   1 
ATOM   467  C  CB  . SER A 1 60  ? -7.237  -7.260  9.199   1.00 28.37  ? 60  SER A CB  1 
ATOM   468  O  OG  . SER A 1 60  ? -6.979  -6.873  10.537  1.00 29.95  ? 60  SER A OG  1 
ATOM   469  N  N   . ARG A 1 61  ? -8.924  -4.299  9.548   1.00 31.28  ? 61  ARG A N   1 
ATOM   470  C  CA  . ARG A 1 61  ? -10.099 -3.819  10.270  1.00 34.66  ? 61  ARG A CA  1 
ATOM   471  C  C   . ARG A 1 61  ? -11.130 -3.379  9.261   1.00 34.25  ? 61  ARG A C   1 
ATOM   472  O  O   . ARG A 1 61  ? -12.304 -3.598  9.480   1.00 39.28  ? 61  ARG A O   1 
ATOM   473  C  CB  . ARG A 1 61  ? -9.733  -2.669  11.242  1.00 38.78  ? 61  ARG A CB  1 
ATOM   474  C  CG  . ARG A 1 61  ? -10.897 -1.972  11.996  1.00 43.64  ? 61  ARG A CG  1 
ATOM   475  C  CD  . ARG A 1 61  ? -11.453 -2.784  13.174  1.00 48.59  ? 61  ARG A CD  1 
ATOM   476  N  NE  . ARG A 1 61  ? -10.446 -3.066  14.206  1.00 55.72  ? 61  ARG A NE  1 
ATOM   477  C  CZ  . ARG A 1 61  ? -10.636 -3.833  15.288  1.00 59.60  ? 61  ARG A CZ  1 
ATOM   478  N  NH1 . ARG A 1 61  ? -11.803 -4.425  15.521  1.00 56.12  ? 61  ARG A NH1 1 
ATOM   479  N  NH2 . ARG A 1 61  ? -9.641  -4.024  16.146  1.00 63.13  ? 61  ARG A NH2 1 
ATOM   480  N  N   . TRP A 1 62  ? -10.694 -2.821  8.135   1.00 30.87  ? 62  TRP A N   1 
ATOM   481  C  CA  . TRP A 1 62  ? -11.617 -2.342  7.135   1.00 31.33  ? 62  TRP A CA  1 
ATOM   482  C  C   . TRP A 1 62  ? -11.564 -3.009  5.778   1.00 29.83  ? 62  TRP A C   1 
ATOM   483  O  O   . TRP A 1 62  ? -12.605 -3.135  5.144   1.00 30.99  ? 62  TRP A O   1 
ATOM   484  C  CB  . TRP A 1 62  ? -11.348 -0.855  6.877   1.00 33.41  ? 62  TRP A CB  1 
ATOM   485  C  CG  . TRP A 1 62  ? -11.458 -0.070  8.080   1.00 36.57  ? 62  TRP A CG  1 
ATOM   486  C  CD1 . TRP A 1 62  ? -10.433 0.364   8.868   1.00 39.31  ? 62  TRP A CD1 1 
ATOM   487  C  CD2 . TRP A 1 62  ? -12.667 0.366   8.700   1.00 39.24  ? 62  TRP A CD2 1 
ATOM   488  N  NE1 . TRP A 1 62  ? -10.926 1.052   9.947   1.00 37.67  ? 62  TRP A NE1 1 
ATOM   489  C  CE2 . TRP A 1 62  ? -12.294 1.079   9.865   1.00 38.88  ? 62  TRP A CE2 1 
ATOM   490  C  CE3 . TRP A 1 62  ? -14.031 0.234   8.380   1.00 41.57  ? 62  TRP A CE3 1 
ATOM   491  C  CZ2 . TRP A 1 62  ? -13.226 1.658   10.717  1.00 41.25  ? 62  TRP A CZ2 1 
ATOM   492  C  CZ3 . TRP A 1 62  ? -14.970 0.812   9.229   1.00 44.41  ? 62  TRP A CZ3 1 
ATOM   493  C  CH2 . TRP A 1 62  ? -14.556 1.522   10.390  1.00 44.21  ? 62  TRP A CH2 1 
ATOM   494  N  N   . TRP A 1 63  ? -10.368 -3.464  5.383   1.00 30.05  ? 63  TRP A N   1 
ATOM   495  C  CA  . TRP A 1 63  ? -10.096 -3.784  3.971   1.00 28.50  ? 63  TRP A CA  1 
ATOM   496  C  C   . TRP A 1 63  ? -10.002 -5.209  3.516   1.00 26.47  ? 63  TRP A C   1 
ATOM   497  O  O   . TRP A 1 63  ? -10.404 -5.489  2.409   1.00 26.79  ? 63  TRP A O   1 
ATOM   498  C  CB  . TRP A 1 63  ? -8.810  -3.009  3.535   1.00 29.02  ? 63  TRP A CB  1 
ATOM   499  C  CG  . TRP A 1 63  ? -8.991  -1.547  3.827   1.00 28.29  ? 63  TRP A CG  1 
ATOM   500  C  CD1 . TRP A 1 63  ? -8.383  -0.829  4.810   1.00 27.62  ? 63  TRP A CD1 1 
ATOM   501  C  CD2 . TRP A 1 63  ? -9.947  -0.652  3.206   1.00 28.29  ? 63  TRP A CD2 1 
ATOM   502  N  NE1 . TRP A 1 63  ? -8.900  0.454   4.850   1.00 30.62  ? 63  TRP A NE1 1 
ATOM   503  C  CE2 . TRP A 1 63  ? -9.848  0.595   3.871   1.00 28.92  ? 63  TRP A CE2 1 
ATOM   504  C  CE3 . TRP A 1 63  ? -10.858 -0.780  2.149   1.00 27.94  ? 63  TRP A CE3 1 
ATOM   505  C  CZ2 . TRP A 1 63  ? -10.631 1.716   3.520   1.00 27.79  ? 63  TRP A CZ2 1 
ATOM   506  C  CZ3 . TRP A 1 63  ? -11.638 0.341   1.794   1.00 27.25  ? 63  TRP A CZ3 1 
ATOM   507  C  CH2 . TRP A 1 63  ? -11.505 1.571   2.479   1.00 27.70  ? 63  TRP A CH2 1 
ATOM   508  N  N   . CYS A 1 64  ? -9.463  -6.102  4.348   1.00 27.22  ? 64  CYS A N   1 
ATOM   509  C  CA  . CYS A 1 64  ? -9.259  -7.518  4.006   1.00 24.98  ? 64  CYS A CA  1 
ATOM   510  C  C   . CYS A 1 64  ? -9.665  -8.384  5.209   1.00 27.62  ? 64  CYS A C   1 
ATOM   511  O  O   . CYS A 1 64  ? -9.756  -7.859  6.317   1.00 27.27  ? 64  CYS A O   1 
ATOM   512  C  CB  . CYS A 1 64  ? -7.775  -7.768  3.652   1.00 25.33  ? 64  CYS A CB  1 
ATOM   513  S  SG  . CYS A 1 64  ? -6.625  -7.508  5.028   1.00 25.81  ? 64  CYS A SG  1 
ATOM   514  N  N   . ASN A 1 65  ? -9.964  -9.671  4.979   1.00 26.50  ? 65  ASN A N   1 
ATOM   515  C  CA  . ASN A 1 65  ? -10.287 -10.601 6.053   1.00 27.57  ? 65  ASN A CA  1 
ATOM   516  C  C   . ASN A 1 65  ? -9.121  -11.514 6.437   1.00 26.01  ? 65  ASN A C   1 
ATOM   517  O  O   . ASN A 1 65  ? -8.537  -12.195 5.586   1.00 23.51  ? 65  ASN A O   1 
ATOM   518  C  CB  . ASN A 1 65  ? -11.479 -11.499 5.688   1.00 29.64  ? 65  ASN A CB  1 
ATOM   519  C  CG  . ASN A 1 65  ? -11.887 -12.371 6.837   1.00 30.39  ? 65  ASN A CG  1 
ATOM   520  O  OD1 . ASN A 1 65  ? -12.067 -11.897 7.963   1.00 34.27  ? 65  ASN A OD1 1 
ATOM   521  N  ND2 . ASN A 1 65  ? -12.000 -13.653 6.582   1.00 34.72  ? 65  ASN A ND2 1 
ATOM   522  N  N   . ASP A 1 66  ? -8.792  -11.496 7.728   1.00 24.60  ? 66  ASP A N   1 
ATOM   523  C  CA  . ASP A 1 66  ? -7.795  -12.383 8.296   1.00 25.14  ? 66  ASP A CA  1 
ATOM   524  C  C   . ASP A 1 66  ? -8.426  -13.270 9.349   1.00 26.43  ? 66  ASP A C   1 
ATOM   525  O  O   . ASP A 1 66  ? -7.753  -14.096 9.956   1.00 25.64  ? 66  ASP A O   1 
ATOM   526  C  CB  . ASP A 1 66  ? -6.598  -11.613 8.859   1.00 27.22  ? 66  ASP A CB  1 
ATOM   527  C  CG  . ASP A 1 66  ? -6.909  -10.750 10.091  1.00 26.44  ? 66  ASP A CG  1 
ATOM   528  O  OD1 . ASP A 1 66  ? -8.067  -10.599 10.588  1.00 26.76  ? 66  ASP A OD1 1 
ATOM   529  O  OD2 . ASP A 1 66  ? -5.897  -10.214 10.591  1.00 27.61  ? 66  ASP A OD2 1 
ATOM   530  N  N   . GLY A 1 67  ? -9.722  -13.076 9.576   1.00 25.46  ? 67  GLY A N   1 
ATOM   531  C  CA  . GLY A 1 67  ? -10.431 -13.911 10.526  1.00 27.06  ? 67  GLY A CA  1 
ATOM   532  C  C   . GLY A 1 67  ? -10.105 -13.710 11.985  1.00 25.85  ? 67  GLY A C   1 
ATOM   533  O  O   . GLY A 1 67  ? -10.623 -14.431 12.804  1.00 25.42  ? 67  GLY A O   1 
ATOM   534  N  N   . ARG A 1 68  ? -9.274  -12.753 12.361  1.00 26.55  ? 68  ARG A N   1 
ATOM   535  C  CA  . ARG A 1 68  ? -9.031  -12.606 13.803  1.00 27.82  ? 68  ARG A CA  1 
ATOM   536  C  C   . ARG A 1 68  ? -9.152  -11.158 14.274  1.00 28.66  ? 68  ARG A C   1 
ATOM   537  O  O   . ARG A 1 68  ? -8.645  -10.773 15.315  1.00 31.72  ? 68  ARG A O   1 
ATOM   538  C  CB  . ARG A 1 68  ? -7.651  -13.133 14.155  1.00 29.07  ? 68  ARG A CB  1 
ATOM   539  C  CG  . ARG A 1 68  ? -6.524  -12.346 13.527  1.00 29.78  ? 68  ARG A CG  1 
ATOM   540  C  CD  . ARG A 1 68  ? -5.186  -12.891 13.992  1.00 30.19  ? 68  ARG A CD  1 
ATOM   541  N  NE  . ARG A 1 68  ? -4.117  -11.938 13.749  1.00 31.69  ? 68  ARG A NE  1 
ATOM   542  C  CZ  . ARG A 1 68  ? -2.823  -12.154 14.023  1.00 35.33  ? 68  ARG A CZ  1 
ATOM   543  N  NH1 . ARG A 1 68  ? -2.409  -13.306 14.553  1.00 32.35  ? 68  ARG A NH1 1 
ATOM   544  N  NH2 . ARG A 1 68  ? -1.918  -11.212 13.753  1.00 35.65  ? 68  ARG A NH2 1 
ATOM   545  N  N   . THR A 1 69  ? -9.869  -10.359 13.508  1.00 28.48  ? 69  THR A N   1 
ATOM   546  C  CA  . THR A 1 69  ? -9.971  -8.923  13.793  1.00 26.64  ? 69  THR A CA  1 
ATOM   547  C  C   . THR A 1 69  ? -11.407 -8.620  14.077  1.00 28.13  ? 69  THR A C   1 
ATOM   548  O  O   . THR A 1 69  ? -12.097 -8.166  13.181  1.00 24.94  ? 69  THR A O   1 
ATOM   549  C  CB  . THR A 1 69  ? -9.607  -8.147  12.555  1.00 23.85  ? 69  THR A CB  1 
ATOM   550  O  OG1 . THR A 1 69  ? -8.280  -8.491  12.158  1.00 27.51  ? 69  THR A OG1 1 
ATOM   551  C  CG2 . THR A 1 69  ? -9.689  -6.657  12.859  1.00 24.31  ? 69  THR A CG2 1 
ATOM   552  N  N   . PRO A 1 70  ? -11.864 -8.821  15.327  1.00 33.35  ? 70  PRO A N   1 
ATOM   553  C  CA  . PRO A 1 70  ? -13.278 -8.560  15.628  1.00 33.77  ? 70  PRO A CA  1 
ATOM   554  C  C   . PRO A 1 70  ? -13.800 -7.241  15.060  1.00 35.38  ? 70  PRO A C   1 
ATOM   555  O  O   . PRO A 1 70  ? -13.073 -6.260  15.028  1.00 41.24  ? 70  PRO A O   1 
ATOM   556  C  CB  . PRO A 1 70  ? -13.322 -8.617  17.165  1.00 33.76  ? 70  PRO A CB  1 
ATOM   557  C  CG  . PRO A 1 70  ? -12.230 -9.612  17.522  1.00 32.71  ? 70  PRO A CG  1 
ATOM   558  C  CD  . PRO A 1 70  ? -11.132 -9.371  16.496  1.00 33.32  ? 70  PRO A CD  1 
ATOM   559  N  N   . GLY A 1 71  ? -15.031 -7.228  14.549  1.00 41.72  ? 71  GLY A N   1 
ATOM   560  C  CA  . GLY A 1 71  ? -15.682 -5.990  14.101  1.00 41.73  ? 71  GLY A CA  1 
ATOM   561  C  C   . GLY A 1 71  ? -15.304 -5.523  12.711  1.00 44.47  ? 71  GLY A C   1 
ATOM   562  O  O   . GLY A 1 71  ? -15.826 -4.540  12.209  1.00 45.35  ? 71  GLY A O   1 
ATOM   563  N  N   . SER A 1 72  ? -14.427 -6.289  12.081  1.00 43.70  ? 72  SER A N   1 
ATOM   564  C  CA  . SER A 1 72  ? -13.844 -5.931  10.822  1.00 45.98  ? 72  SER A CA  1 
ATOM   565  C  C   . SER A 1 72  ? -14.742 -6.033  9.630   1.00 47.39  ? 72  SER A C   1 
ATOM   566  O  O   . SER A 1 72  ? -15.601 -6.905  9.529   1.00 48.49  ? 72  SER A O   1 
ATOM   567  C  CB  . SER A 1 72  ? -12.652 -6.848  10.515  1.00 43.96  ? 72  SER A CB  1 
ATOM   568  O  OG  . SER A 1 72  ? -13.133 -8.075  9.965   1.00 44.65  ? 72  SER A OG  1 
ATOM   569  N  N   . ARG A 1 73  ? -14.458 -5.154  8.689   1.00 48.11  ? 73  ARG A N   1 
ATOM   570  C  CA  . ARG A 1 73  ? -15.076 -5.215  7.405   1.00 48.66  ? 73  ARG A CA  1 
ATOM   571  C  C   . ARG A 1 73  ? -13.970 -5.736  6.466   1.00 43.47  ? 73  ARG A C   1 
ATOM   572  O  O   . ARG A 1 73  ? -12.765 -5.688  6.777   1.00 48.67  ? 73  ARG A O   1 
ATOM   573  C  CB  . ARG A 1 73  ? -15.597 -3.831  7.016   1.00 49.73  ? 73  ARG A CB  1 
ATOM   574  C  CG  . ARG A 1 73  ? -16.873 -3.464  7.761   1.00 57.80  ? 73  ARG A CG  1 
ATOM   575  C  CD  . ARG A 1 73  ? -18.067 -3.296  6.818   1.00 67.33  ? 73  ARG A CD  1 
ATOM   576  N  NE  . ARG A 1 73  ? -19.007 -2.271  7.293   1.00 80.09  ? 73  ARG A NE  1 
ATOM   577  C  CZ  . ARG A 1 73  ? -18.732 -0.966  7.424   1.00 89.12  ? 73  ARG A CZ  1 
ATOM   578  N  NH1 . ARG A 1 73  ? -17.532 -0.469  7.115   1.00 95.63  ? 73  ARG A NH1 1 
ATOM   579  N  NH2 . ARG A 1 73  ? -19.670 -0.142  7.883   1.00 94.55  ? 73  ARG A NH2 1 
ATOM   580  N  N   . ASN A 1 74  ? -14.416 -6.276  5.345   1.00 38.61  ? 74  ASN A N   1 
ATOM   581  C  CA  . ASN A 1 74  ? -13.538 -6.805  4.305   1.00 34.85  ? 74  ASN A CA  1 
ATOM   582  C  C   . ASN A 1 74  ? -13.957 -6.048  3.056   1.00 31.42  ? 74  ASN A C   1 
ATOM   583  O  O   . ASN A 1 74  ? -14.549 -6.635  2.159   1.00 30.52  ? 74  ASN A O   1 
ATOM   584  C  CB  . ASN A 1 74  ? -13.796 -8.315  4.143   1.00 33.24  ? 74  ASN A CB  1 
ATOM   585  C  CG  . ASN A 1 74  ? -12.919 -8.950  3.075   1.00 33.45  ? 74  ASN A CG  1 
ATOM   586  O  OD1 . ASN A 1 74  ? -11.957 -8.335  2.592   1.00 31.21  ? 74  ASN A OD1 1 
ATOM   587  N  ND2 . ASN A 1 74  ? -13.243 -10.190 2.699   1.00 31.58  ? 74  ASN A ND2 1 
ATOM   588  N  N   . LEU A 1 75  ? -13.655 -4.745  3.011   1.00 28.23  ? 75  LEU A N   1 
ATOM   589  C  CA  . LEU A 1 75  ? -14.171 -3.873  1.940   1.00 26.95  ? 75  LEU A CA  1 
ATOM   590  C  C   . LEU A 1 75  ? -13.557 -4.156  0.588   1.00 27.74  ? 75  LEU A C   1 
ATOM   591  O  O   . LEU A 1 75  ? -14.222 -3.998  -0.444  1.00 27.55  ? 75  LEU A O   1 
ATOM   592  C  CB  . LEU A 1 75  ? -14.047 -2.387  2.313   1.00 26.97  ? 75  LEU A CB  1 
ATOM   593  C  CG  . LEU A 1 75  ? -14.973 -1.977  3.479   1.00 27.00  ? 75  LEU A CG  1 
ATOM   594  C  CD1 . LEU A 1 75  ? -14.573 -0.643  4.134   1.00 26.51  ? 75  LEU A CD1 1 
ATOM   595  C  CD2 . LEU A 1 75  ? -16.426 -1.985  3.027   1.00 26.42  ? 75  LEU A CD2 1 
ATOM   596  N  N   . CYS A 1 76  ? -12.305 -4.615  0.575   1.00 27.43  ? 76  CYS A N   1 
ATOM   597  C  CA  . CYS A 1 76  ? -11.702 -5.046  -0.688  1.00 27.61  ? 76  CYS A CA  1 
ATOM   598  C  C   . CYS A 1 76  ? -12.076 -6.479  -1.054  1.00 28.14  ? 76  CYS A C   1 
ATOM   599  O  O   . CYS A 1 76  ? -11.642 -6.990  -2.081  1.00 29.14  ? 76  CYS A O   1 
ATOM   600  C  CB  . CYS A 1 76  ? -10.182 -4.917  -0.646  1.00 28.77  ? 76  CYS A CB  1 
ATOM   601  S  SG  . CYS A 1 76  ? -9.647  -3.196  -0.416  1.00 28.20  ? 76  CYS A SG  1 
ATOM   602  N  N   . ASN A 1 77  ? -12.874 -7.129  -0.217  1.00 31.16  ? 77  ASN A N   1 
ATOM   603  C  CA  . ASN A 1 77  ? -13.305 -8.513  -0.458  1.00 32.84  ? 77  ASN A CA  1 
ATOM   604  C  C   . ASN A 1 77  ? -12.226 -9.551  -0.805  1.00 32.44  ? 77  ASN A C   1 
ATOM   605  O  O   . ASN A 1 77  ? -12.304 -10.258 -1.819  1.00 30.31  ? 77  ASN A O   1 
ATOM   606  C  CB  . ASN A 1 77  ? -14.408 -8.535  -1.511  1.00 33.74  ? 77  ASN A CB  1 
ATOM   607  C  CG  . ASN A 1 77  ? -15.718 -8.901  -0.908  1.00 39.22  ? 77  ASN A CG  1 
ATOM   608  O  OD1 . ASN A 1 77  ? -15.986 -10.087 -0.677  1.00 39.86  ? 77  ASN A OD1 1 
ATOM   609  N  ND2 . ASN A 1 77  ? -16.532 -7.889  -0.579  1.00 40.56  ? 77  ASN A ND2 1 
ATOM   610  N  N   . ILE A 1 78  ? -11.242 -9.662  0.079   1.00 32.00  ? 78  ILE A N   1 
ATOM   611  C  CA  . ILE A 1 78  ? -10.157 -10.588 -0.107  1.00 31.96  ? 78  ILE A CA  1 
ATOM   612  C  C   . ILE A 1 78  ? -9.570  -11.042 1.224   1.00 31.26  ? 78  ILE A C   1 
ATOM   613  O  O   . ILE A 1 78  ? -9.747  -10.359 2.249   1.00 28.74  ? 78  ILE A O   1 
ATOM   614  C  CB  . ILE A 1 78  ? -8.874  -9.842  -0.718  1.00 33.66  ? 78  ILE A CB  1 
ATOM   615  C  CG1 . ILE A 1 78  ? -8.911  -8.384  -0.267  1.00 31.86  ? 78  ILE A CG1 1 
ATOM   616  C  CG2 . ILE A 1 78  ? -8.775  -10.069 -2.234  1.00 34.55  ? 78  ILE A CG2 1 
ATOM   617  C  CD1 . ILE A 1 78  ? -7.575  -7.726  -0.154  1.00 33.65  ? 78  ILE A CD1 1 
ATOM   618  N  N   . PRO A 1 79  ? -8.968  -12.251 1.190   1.00 31.53  ? 79  PRO A N   1 
ATOM   619  C  CA  . PRO A 1 79  ? -8.254  -12.830 2.351   1.00 30.61  ? 79  PRO A CA  1 
ATOM   620  C  C   . PRO A 1 79  ? -7.026  -11.862 2.512   1.00 27.84  ? 79  PRO A C   1 
ATOM   621  O  O   . PRO A 1 79  ? -6.417  -11.415 1.525   1.00 28.83  ? 79  PRO A O   1 
ATOM   622  C  CB  . PRO A 1 79  ? -7.694  -14.148 1.808   1.00 30.73  ? 79  PRO A CB  1 
ATOM   623  C  CG  . PRO A 1 79  ? -8.646  -14.535 0.737   1.00 32.16  ? 79  PRO A CG  1 
ATOM   624  C  CD  . PRO A 1 79  ? -9.152  -13.258 0.122   1.00 31.29  ? 79  PRO A CD  1 
ATOM   625  N  N   . CYS A 1 80  ? -6.669  -11.560 3.753   1.00 25.18  ? 80  CYS A N   1 
ATOM   626  C  CA  . CYS A 1 80  ? -5.533  -10.660 3.924   1.00 24.97  ? 80  CYS A CA  1 
ATOM   627  C  C   . CYS A 1 80  ? -4.234  -11.291 3.410   1.00 25.57  ? 80  CYS A C   1 
ATOM   628  O  O   . CYS A 1 80  ? -3.311  -10.586 3.024   1.00 25.91  ? 80  CYS A O   1 
ATOM   629  C  CB  . CYS A 1 80  ? -5.333  -10.278 5.372   1.00 24.14  ? 80  CYS A CB  1 
ATOM   630  S  SG  . CYS A 1 80  ? -6.629  -9.254  6.086   1.00 24.67  ? 80  CYS A SG  1 
ATOM   631  N  N   . SER A 1 81  ? -4.150  -12.616 3.469   1.00 25.94  ? 81  SER A N   1 
ATOM   632  C  CA  . SER A 1 81  ? -2.997  -13.340 2.954   1.00 28.03  ? 81  SER A CA  1 
ATOM   633  C  C   . SER A 1 81  ? -2.802  -13.093 1.442   1.00 30.21  ? 81  SER A C   1 
ATOM   634  O  O   . SER A 1 81  ? -1.680  -13.223 0.931   1.00 29.04  ? 81  SER A O   1 
ATOM   635  C  CB  . SER A 1 81  ? -3.149  -14.847 3.266   1.00 27.57  ? 81  SER A CB  1 
ATOM   636  O  OG  . SER A 1 81  ? -4.365  -15.374 2.740   1.00 25.81  ? 81  SER A OG  1 
ATOM   637  N  N   . ALA A 1 82  ? -3.881  -12.729 0.736   1.00 32.33  ? 82  ALA A N   1 
ATOM   638  C  CA  . ALA A 1 82  ? -3.800  -12.457 -0.710  1.00 34.18  ? 82  ALA A CA  1 
ATOM   639  C  C   . ALA A 1 82  ? -3.046  -11.151 -0.954  1.00 31.77  ? 82  ALA A C   1 
ATOM   640  O  O   . ALA A 1 82  ? -2.568  -10.899 -2.041  1.00 34.22  ? 82  ALA A O   1 
ATOM   641  C  CB  . ALA A 1 82  ? -5.195  -12.425 -1.341  1.00 37.41  ? 82  ALA A CB  1 
ATOM   642  N  N   . LEU A 1 83  ? -2.872  -10.367 0.102   1.00 32.40  ? 83  LEU A N   1 
ATOM   643  C  CA  . LEU A 1 83  ? -2.137  -9.108  0.031   1.00 31.92  ? 83  LEU A CA  1 
ATOM   644  C  C   . LEU A 1 83  ? -0.617  -9.293  0.272   1.00 30.34  ? 83  LEU A C   1 
ATOM   645  O  O   . LEU A 1 83  ? 0.149   -8.317  0.293   1.00 31.29  ? 83  LEU A O   1 
ATOM   646  C  CB  . LEU A 1 83  ? -2.687  -8.149  1.078   1.00 29.34  ? 83  LEU A CB  1 
ATOM   647  C  CG  . LEU A 1 83  ? -4.177  -7.834  0.973   1.00 30.80  ? 83  LEU A CG  1 
ATOM   648  C  CD1 . LEU A 1 83  ? -4.505  -6.789  2.017   1.00 30.86  ? 83  LEU A CD1 1 
ATOM   649  C  CD2 . LEU A 1 83  ? -4.564  -7.337  -0.426  1.00 33.44  ? 83  LEU A CD2 1 
ATOM   650  N  N   . LEU A 1 84  ? -0.201  -10.539 0.486   1.00 30.62  ? 84  LEU A N   1 
ATOM   651  C  CA  . LEU A 1 84  ? 1.197   -10.848 0.758   1.00 29.83  ? 84  LEU A CA  1 
ATOM   652  C  C   . LEU A 1 84  ? 1.881   -11.577 -0.390  1.00 30.92  ? 84  LEU A C   1 
ATOM   653  O  O   . LEU A 1 84  ? 3.057   -11.935 -0.296  1.00 32.42  ? 84  LEU A O   1 
ATOM   654  C  CB  . LEU A 1 84  ? 1.322   -11.696 2.012   1.00 28.49  ? 84  LEU A CB  1 
ATOM   655  C  CG  . LEU A 1 84  ? 0.708   -11.166 3.308   1.00 27.95  ? 84  LEU A CG  1 
ATOM   656  C  CD1 . LEU A 1 84  ? 0.781   -12.305 4.319   1.00 28.11  ? 84  LEU A CD1 1 
ATOM   657  C  CD2 . LEU A 1 84  ? 1.349   -9.883  3.845   1.00 24.72  ? 84  LEU A CD2 1 
ATOM   658  N  N   . SER A 1 85  ? 1.124   -11.782 -1.461  1.00 30.01  ? 85  SER A N   1 
ATOM   659  C  CA  . SER A 1 85  ? 1.585   -12.406 -2.680  1.00 29.71  ? 85  SER A CA  1 
ATOM   660  C  C   . SER A 1 85  ? 2.713   -11.600 -3.341  1.00 30.92  ? 85  SER A C   1 
ATOM   661  O  O   . SER A 1 85  ? 2.919   -10.426 -3.054  1.00 29.81  ? 85  SER A O   1 
ATOM   662  C  CB  . SER A 1 85  ? 0.395   -12.544 -3.635  1.00 29.26  ? 85  SER A CB  1 
ATOM   663  O  OG  . SER A 1 85  ? 0.813   -12.763 -4.971  1.00 29.10  ? 85  SER A OG  1 
ATOM   664  N  N   . SER A 1 86  ? 3.424   -12.221 -4.272  1.00 31.48  ? 86  SER A N   1 
ATOM   665  C  CA  . SER A 1 86  ? 4.568   -11.542 -4.875  1.00 34.29  ? 86  SER A CA  1 
ATOM   666  C  C   . SER A 1 86  ? 4.086   -10.641 -5.979  1.00 34.26  ? 86  SER A C   1 
ATOM   667  O  O   . SER A 1 86  ? 4.775   -9.710  -6.398  1.00 37.30  ? 86  SER A O   1 
ATOM   668  C  CB  . SER A 1 86  ? 5.592   -12.560 -5.372  1.00 36.68  ? 86  SER A CB  1 
ATOM   669  O  OG  . SER A 1 86  ? 4.959   -13.708 -5.910  1.00 39.42  ? 86  SER A OG  1 
ATOM   670  N  N   . ASP A 1 87  ? 2.885   -10.975 -6.443  1.00 33.27  ? 87  ASP A N   1 
ATOM   671  C  CA  . ASP A 1 87  ? 2.108   -10.237 -7.433  1.00 34.43  ? 87  ASP A CA  1 
ATOM   672  C  C   . ASP A 1 87  ? 1.242   -9.242  -6.651  1.00 29.82  ? 87  ASP A C   1 
ATOM   673  O  O   . ASP A 1 87  ? 0.361   -9.626  -5.895  1.00 32.82  ? 87  ASP A O   1 
ATOM   674  C  CB  . ASP A 1 87  ? 1.230   -11.212 -8.222  1.00 35.61  ? 87  ASP A CB  1 
ATOM   675  C  CG  . ASP A 1 87  ? 0.313   -10.514 -9.210  1.00 41.04  ? 87  ASP A CG  1 
ATOM   676  O  OD1 . ASP A 1 87  ? -0.580  -9.765  -8.764  1.00 41.19  ? 87  ASP A OD1 1 
ATOM   677  O  OD2 . ASP A 1 87  ? 0.466   -10.719 -10.436 1.00 49.16  ? 87  ASP A OD2 1 
ATOM   678  N  N   . ILE A 1 88  ? 1.480   -7.963  -6.902  1.00 30.54  ? 88  ILE A N   1 
ATOM   679  C  CA  . ILE A 1 88  ? 0.865   -6.882  -6.138  1.00 30.75  ? 88  ILE A CA  1 
ATOM   680  C  C   . ILE A 1 88  ? -0.522  -6.475  -6.636  1.00 29.38  ? 88  ILE A C   1 
ATOM   681  O  O   . ILE A 1 88  ? -1.040  -5.460  -6.200  1.00 29.20  ? 88  ILE A O   1 
ATOM   682  C  CB  . ILE A 1 88  ? 1.820   -5.606  -6.136  1.00 32.70  ? 88  ILE A CB  1 
ATOM   683  C  CG1 . ILE A 1 88  ? 1.823   -4.872  -7.495  1.00 35.25  ? 88  ILE A CG1 1 
ATOM   684  C  CG2 . ILE A 1 88  ? 3.252   -6.016  -5.771  1.00 31.31  ? 88  ILE A CG2 1 
ATOM   685  C  CD1 . ILE A 1 88  ? 2.513   -3.503  -7.460  1.00 35.79  ? 88  ILE A CD1 1 
ATOM   686  N  N   . THR A 1 89  ? -1.112  -7.258  -7.553  1.00 28.75  ? 89  THR A N   1 
ATOM   687  C  CA  . THR A 1 89  ? -2.384  -6.872  -8.206  1.00 29.82  ? 89  THR A CA  1 
ATOM   688  C  C   . THR A 1 89  ? -3.467  -6.595  -7.196  1.00 30.48  ? 89  THR A C   1 
ATOM   689  O  O   . THR A 1 89  ? -4.125  -5.552  -7.233  1.00 32.56  ? 89  THR A O   1 
ATOM   690  C  CB  . THR A 1 89  ? -2.923  -7.961  -9.167  1.00 28.08  ? 89  THR A CB  1 
ATOM   691  O  OG1 . THR A 1 89  ? -1.989  -8.174  -10.213 1.00 27.52  ? 89  THR A OG1 1 
ATOM   692  C  CG2 . THR A 1 89  ? -4.231  -7.541  -9.843  1.00 28.69  ? 89  THR A CG2 1 
ATOM   693  N  N   . ALA A 1 90  ? -3.629  -7.534  -6.274  1.00 29.73  ? 90  ALA A N   1 
ATOM   694  C  CA  . ALA A 1 90  ? -4.650  -7.434  -5.244  1.00 30.96  ? 90  ALA A CA  1 
ATOM   695  C  C   . ALA A 1 90  ? -4.358  -6.281  -4.276  1.00 31.28  ? 90  ALA A C   1 
ATOM   696  O  O   . ALA A 1 90  ? -5.283  -5.627  -3.806  1.00 29.18  ? 90  ALA A O   1 
ATOM   697  C  CB  . ALA A 1 90  ? -4.764  -8.763  -4.490  1.00 28.42  ? 90  ALA A CB  1 
ATOM   698  N  N   . SER A 1 91  ? -3.084  -6.039  -3.966  1.00 30.44  ? 91  SER A N   1 
ATOM   699  C  CA  . SER A 1 91  ? -2.736  -4.930  -3.076  1.00 31.37  ? 91  SER A CA  1 
ATOM   700  C  C   . SER A 1 91  ? -3.047  -3.563  -3.717  1.00 31.70  ? 91  SER A C   1 
ATOM   701  O  O   . SER A 1 91  ? -3.602  -2.629  -3.075  1.00 30.64  ? 91  SER A O   1 
ATOM   702  C  CB  . SER A 1 91  ? -1.262  -4.999  -2.690  1.00 32.26  ? 91  SER A CB  1 
ATOM   703  O  OG  . SER A 1 91  ? -1.139  -5.532  -1.391  1.00 32.34  ? 91  SER A OG  1 
ATOM   704  N  N   . VAL A 1 92  ? -2.685  -3.468  -4.992  1.00 31.76  ? 92  VAL A N   1 
ATOM   705  C  CA  . VAL A 1 92  ? -2.929  -2.270  -5.769  1.00 30.05  ? 92  VAL A CA  1 
ATOM   706  C  C   . VAL A 1 92  ? -4.422  -2.013  -5.903  1.00 29.71  ? 92  VAL A C   1 
ATOM   707  O  O   . VAL A 1 92  ? -4.855  -0.902  -5.654  1.00 28.85  ? 92  VAL A O   1 
ATOM   708  C  CB  . VAL A 1 92  ? -2.292  -2.356  -7.172  1.00 28.57  ? 92  VAL A CB  1 
ATOM   709  C  CG1 . VAL A 1 92  ? -2.904  -1.304  -8.087  1.00 27.30  ? 92  VAL A CG1 1 
ATOM   710  C  CG2 . VAL A 1 92  ? -0.762  -2.163  -7.076  1.00 28.45  ? 92  VAL A CG2 1 
ATOM   711  N  N   . ASN A 1 93  ? -5.199  -3.028  -6.285  1.00 29.15  ? 93  ASN A N   1 
ATOM   712  C  CA  . ASN A 1 93  ? -6.651  -2.870  -6.441  1.00 31.39  ? 93  ASN A CA  1 
ATOM   713  C  C   . ASN A 1 93  ? -7.248  -2.324  -5.150  1.00 30.45  ? 93  ASN A C   1 
ATOM   714  O  O   . ASN A 1 93  ? -8.012  -1.362  -5.174  1.00 32.96  ? 93  ASN A O   1 
ATOM   715  C  CB  . ASN A 1 93  ? -7.325  -4.206  -6.732  1.00 33.13  ? 93  ASN A CB  1 
ATOM   716  C  CG  . ASN A 1 93  ? -7.116  -4.678  -8.149  1.00 36.43  ? 93  ASN A CG  1 
ATOM   717  O  OD1 . ASN A 1 93  ? -6.825  -3.884  -9.069  1.00 35.27  ? 93  ASN A OD1 1 
ATOM   718  N  ND2 . ASN A 1 93  ? -7.271  -5.996  -8.344  1.00 39.47  ? 93  ASN A ND2 1 
ATOM   719  N  N   . CYS A 1 94  ? -6.891  -2.965  -4.034  1.00 28.00  ? 94  CYS A N   1 
ATOM   720  C  CA  . CYS A 1 94  ? -7.337  -2.556  -2.711  1.00 29.14  ? 94  CYS A CA  1 
ATOM   721  C  C   . CYS A 1 94  ? -6.889  -1.151  -2.306  1.00 29.53  ? 94  CYS A C   1 
ATOM   722  O  O   . CYS A 1 94  ? -7.683  -0.397  -1.717  1.00 27.38  ? 94  CYS A O   1 
ATOM   723  C  CB  . CYS A 1 94  ? -6.896  -3.573  -1.685  1.00 30.97  ? 94  CYS A CB  1 
ATOM   724  S  SG  . CYS A 1 94  ? -7.660  -3.363  -0.072  1.00 31.00  ? 94  CYS A SG  1 
ATOM   725  N  N   . ALA A 1 95  ? -5.649  -0.794  -2.643  1.00 27.11  ? 95  ALA A N   1 
ATOM   726  C  CA  . ALA A 1 95  ? -5.141  0.548   -2.378  1.00 28.99  ? 95  ALA A CA  1 
ATOM   727  C  C   . ALA A 1 95  ? -5.970  1.601   -3.089  1.00 30.19  ? 95  ALA A C   1 
ATOM   728  O  O   . ALA A 1 95  ? -6.182  2.670   -2.530  1.00 32.30  ? 95  ALA A O   1 
ATOM   729  C  CB  . ALA A 1 95  ? -3.707  0.675   -2.817  1.00 28.75  ? 95  ALA A CB  1 
ATOM   730  N  N   . LYS A 1 96  ? -6.431  1.286   -4.305  1.00 29.70  ? 96  LYS A N   1 
ATOM   731  C  CA  . LYS A 1 96  ? -7.255  2.194   -5.097  1.00 27.58  ? 96  LYS A CA  1 
ATOM   732  C  C   . LYS A 1 96  ? -8.554  2.516   -4.373  1.00 27.98  ? 96  LYS A C   1 
ATOM   733  O  O   . LYS A 1 96  ? -9.013  3.670   -4.412  1.00 25.89  ? 96  LYS A O   1 
ATOM   734  C  CB  . LYS A 1 96  ? -7.550  1.616   -6.472  1.00 27.56  ? 96  LYS A CB  1 
ATOM   735  C  CG  . LYS A 1 96  ? -6.315  1.395   -7.332  1.00 28.37  ? 96  LYS A CG  1 
ATOM   736  C  CD  . LYS A 1 96  ? -6.664  0.965   -8.748  1.00 27.71  ? 96  LYS A CD  1 
ATOM   737  C  CE  . LYS A 1 96  ? -5.388  0.977   -9.599  1.00 28.94  ? 96  LYS A CE  1 
ATOM   738  N  NZ  . LYS A 1 96  ? -5.677  0.719   -11.016 1.00 29.37  ? 96  LYS A NZ  1 
ATOM   739  N  N   . LYS A 1 97  ? -9.131  1.505   -3.711  1.00 26.61  ? 97  LYS A N   1 
ATOM   740  C  CA  . LYS A 1 97  ? -10.308 1.718   -2.877  1.00 29.28  ? 97  LYS A CA  1 
ATOM   741  C  C   . LYS A 1 97  ? -9.957  2.581   -1.657  1.00 26.31  ? 97  LYS A C   1 
ATOM   742  O  O   . LYS A 1 97  ? -10.615 3.552   -1.395  1.00 28.11  ? 97  LYS A O   1 
ATOM   743  C  CB  . LYS A 1 97  ? -10.919 0.392   -2.390  1.00 30.91  ? 97  LYS A CB  1 
ATOM   744  C  CG  . LYS A 1 97  ? -11.265 -0.582  -3.515  1.00 36.74  ? 97  LYS A CG  1 
ATOM   745  C  CD  . LYS A 1 97  ? -12.518 -1.417  -3.188  1.00 40.89  ? 97  LYS A CD  1 
ATOM   746  C  CE  . LYS A 1 97  ? -13.026 -2.245  -4.383  1.00 45.43  ? 97  LYS A CE  1 
ATOM   747  N  NZ  . LYS A 1 97  ? -11.960 -3.189  -4.887  1.00 47.40  ? 97  LYS A NZ  1 
ATOM   748  N  N   . ILE A 1 98  ? -8.890  2.258   -0.943  1.00 24.96  ? 98  ILE A N   1 
ATOM   749  C  CA  . ILE A 1 98  ? -8.516  2.996   0.267   1.00 23.23  ? 98  ILE A CA  1 
ATOM   750  C  C   . ILE A 1 98  ? -8.276  4.486   -0.018  1.00 24.60  ? 98  ILE A C   1 
ATOM   751  O  O   . ILE A 1 98  ? -8.787  5.362   0.684   1.00 25.31  ? 98  ILE A O   1 
ATOM   752  C  CB  . ILE A 1 98  ? -7.254  2.318   0.887   1.00 21.71  ? 98  ILE A CB  1 
ATOM   753  C  CG1 . ILE A 1 98  ? -7.543  0.837   1.199   1.00 20.97  ? 98  ILE A CG1 1 
ATOM   754  C  CG2 . ILE A 1 98  ? -6.726  3.055   2.117   1.00 22.93  ? 98  ILE A CG2 1 
ATOM   755  C  CD1 . ILE A 1 98  ? -6.350  0.128   1.799   1.00 21.29  ? 98  ILE A CD1 1 
ATOM   756  N  N   . VAL A 1 99  ? -7.550  4.773   -1.092  1.00 26.55  ? 99  VAL A N   1 
ATOM   757  C  CA  . VAL A 1 99  ? -7.184  6.149   -1.413  1.00 26.34  ? 99  VAL A CA  1 
ATOM   758  C  C   . VAL A 1 99  ? -8.323  6.931   -1.989  1.00 27.26  ? 99  VAL A C   1 
ATOM   759  O  O   . VAL A 1 99  ? -8.224  8.136   -2.128  1.00 29.25  ? 99  VAL A O   1 
ATOM   760  C  CB  . VAL A 1 99  ? -5.993  6.170   -2.396  1.00 26.52  ? 99  VAL A CB  1 
ATOM   761  C  CG1 . VAL A 1 99  ? -6.434  5.684   -3.776  1.00 25.24  ? 99  VAL A CG1 1 
ATOM   762  C  CG2 . VAL A 1 99  ? -5.333  7.552   -2.424  1.00 25.91  ? 99  VAL A CG2 1 
ATOM   763  N  N   . SER A 1 100 ? -9.374  6.223   -2.377  1.00 29.86  ? 100 SER A N   1 
ATOM   764  C  CA  . SER A 1 100 ? -10.569 6.814   -2.927  1.00 30.25  ? 100 SER A CA  1 
ATOM   765  C  C   . SER A 1 100 ? -11.566 7.104   -1.808  1.00 32.14  ? 100 SER A C   1 
ATOM   766  O  O   . SER A 1 100 ? -12.538 7.791   -2.026  1.00 34.22  ? 100 SER A O   1 
ATOM   767  C  CB  . SER A 1 100 ? -11.200 5.831   -3.915  1.00 31.70  ? 100 SER A CB  1 
ATOM   768  O  OG  . SER A 1 100 ? -10.369 5.684   -5.052  1.00 32.91  ? 100 SER A OG  1 
ATOM   769  N  N   . ASP A 1 101 ? -11.283 6.621   -0.601  1.00 36.80  ? 101 ASP A N   1 
ATOM   770  C  CA  . ASP A 1 101 ? -12.226 6.659   0.532   1.00 37.19  ? 101 ASP A CA  1 
ATOM   771  C  C   . ASP A 1 101 ? -12.572 8.029   1.136   1.00 37.18  ? 101 ASP A C   1 
ATOM   772  O  O   . ASP A 1 101 ? -13.580 8.155   1.834   1.00 37.24  ? 101 ASP A O   1 
ATOM   773  C  CB  . ASP A 1 101 ? -11.730 5.678   1.612   1.00 37.92  ? 101 ASP A CB  1 
ATOM   774  C  CG  . ASP A 1 101 ? -12.662 5.581   2.792   1.00 43.24  ? 101 ASP A CG  1 
ATOM   775  O  OD1 . ASP A 1 101 ? -13.810 5.074   2.648   1.00 44.51  ? 101 ASP A OD1 1 
ATOM   776  O  OD2 . ASP A 1 101 ? -12.231 6.033   3.873   1.00 47.52  ? 101 ASP A OD2 1 
ATOM   777  N  N   . GLY A 1 102 ? -11.761 9.057   0.858   1.00 34.44  ? 102 GLY A N   1 
ATOM   778  C  CA  . GLY A 1 102 ? -12.046 10.420  1.321   1.00 35.08  ? 102 GLY A CA  1 
ATOM   779  C  C   . GLY A 1 102 ? -10.813 11.230  1.698   1.00 33.39  ? 102 GLY A C   1 
ATOM   780  O  O   . GLY A 1 102 ? -10.683 12.429  1.357   1.00 35.56  ? 102 GLY A O   1 
ATOM   781  N  N   . ASN A 1 103 ? -9.892  10.548  2.381   1.00 31.87  ? 103 ASN A N   1 
ATOM   782  C  CA  . ASN A 1 103 ? -8.687  11.170  2.897   1.00 29.15  ? 103 ASN A CA  1 
ATOM   783  C  C   . ASN A 1 103 ? -7.494  10.998  2.001   1.00 28.14  ? 103 ASN A C   1 
ATOM   784  O  O   . ASN A 1 103 ? -6.395  11.379  2.380   1.00 24.95  ? 103 ASN A O   1 
ATOM   785  C  CB  . ASN A 1 103 ? -8.424  10.685  4.337   1.00 31.20  ? 103 ASN A CB  1 
ATOM   786  C  CG  . ASN A 1 103 ? -9.393  11.330  5.317   1.00 34.83  ? 103 ASN A CG  1 
ATOM   787  O  OD1 . ASN A 1 103 ? -9.301  12.516  5.566   1.00 40.85  ? 103 ASN A OD1 1 
ATOM   788  N  ND2 . ASN A 1 103 ? -10.360 10.573  5.819   1.00 37.48  ? 103 ASN A ND2 1 
ATOM   789  N  N   . GLY A 1 104 ? -7.745  10.513  0.784   1.00 26.60  ? 104 GLY A N   1 
ATOM   790  C  CA  . GLY A 1 104 ? -6.685  10.300  -0.172  1.00 24.40  ? 104 GLY A CA  1 
ATOM   791  C  C   . GLY A 1 104 ? -5.637  9.486   0.547   1.00 23.80  ? 104 GLY A C   1 
ATOM   792  O  O   . GLY A 1 104 ? -5.948  8.574   1.332   1.00 20.79  ? 104 GLY A O   1 
ATOM   793  N  N   . MET A 1 105 ? -4.379  9.835   0.311   1.00 23.03  ? 105 MET A N   1 
ATOM   794  C  CA  . MET A 1 105 ? -3.284  9.054   0.866   1.00 23.39  ? 105 MET A CA  1 
ATOM   795  C  C   . MET A 1 105 ? -3.052  9.235   2.388   1.00 24.26  ? 105 MET A C   1 
ATOM   796  O  O   . MET A 1 105 ? -2.354  8.429   3.015   1.00 23.54  ? 105 MET A O   1 
ATOM   797  C  CB  . MET A 1 105 ? -2.002  9.275   0.030   1.00 22.84  ? 105 MET A CB  1 
ATOM   798  C  CG  . MET A 1 105 ? -1.973  8.516   -1.316  1.00 22.21  ? 105 MET A CG  1 
ATOM   799  S  SD  . MET A 1 105 ? -0.311  8.434   -2.085  1.00 24.66  ? 105 MET A SD  1 
ATOM   800  C  CE  . MET A 1 105 ? 0.328   7.066   -1.219  1.00 24.64  ? 105 MET A CE  1 
ATOM   801  N  N   . ASN A 1 106 ? -3.656  10.253  3.014   1.00 25.87  ? 106 ASN A N   1 
ATOM   802  C  CA  . ASN A 1 106 ? -3.559  10.388  4.493   1.00 25.51  ? 106 ASN A CA  1 
ATOM   803  C  C   . ASN A 1 106 ? -4.059  9.108   5.216   1.00 26.97  ? 106 ASN A C   1 
ATOM   804  O  O   . ASN A 1 106 ? -3.753  8.933   6.390   1.00 27.74  ? 106 ASN A O   1 
ATOM   805  C  CB  . ASN A 1 106 ? -4.352  11.584  5.027   1.00 26.56  ? 106 ASN A CB  1 
ATOM   806  C  CG  . ASN A 1 106 ? -3.847  12.908  4.501   1.00 26.42  ? 106 ASN A CG  1 
ATOM   807  O  OD1 . ASN A 1 106 ? -2.803  13.371  4.925   1.00 24.37  ? 106 ASN A OD1 1 
ATOM   808  N  ND2 . ASN A 1 106 ? -4.591  13.525  3.574   1.00 25.11  ? 106 ASN A ND2 1 
ATOM   809  N  N   . ALA A 1 107 ? -4.815  8.238   4.533   1.00 27.21  ? 107 ALA A N   1 
ATOM   810  C  CA  . ALA A 1 107 ? -5.193  6.896   5.074   1.00 26.97  ? 107 ALA A CA  1 
ATOM   811  C  C   . ALA A 1 107 ? -3.952  6.124   5.576   1.00 25.39  ? 107 ALA A C   1 
ATOM   812  O  O   . ALA A 1 107 ? -4.007  5.397   6.541   1.00 24.30  ? 107 ALA A O   1 
ATOM   813  C  CB  . ALA A 1 107 ? -5.857  6.092   3.996   1.00 28.90  ? 107 ALA A CB  1 
ATOM   814  N  N   . TRP A 1 108 ? -2.852  6.250   4.852   1.00 24.35  ? 108 TRP A N   1 
ATOM   815  C  CA  . TRP A 1 108 ? -1.551  5.720   5.288   1.00 24.21  ? 108 TRP A CA  1 
ATOM   816  C  C   . TRP A 1 108 ? -0.815  6.761   6.170   1.00 27.02  ? 108 TRP A C   1 
ATOM   817  O  O   . TRP A 1 108 ? -0.093  7.671   5.701   1.00 25.66  ? 108 TRP A O   1 
ATOM   818  C  CB  . TRP A 1 108 ? -0.726  5.393   4.069   1.00 24.55  ? 108 TRP A CB  1 
ATOM   819  C  CG  . TRP A 1 108 ? -1.262  4.270   3.270   1.00 24.57  ? 108 TRP A CG  1 
ATOM   820  C  CD1 . TRP A 1 108 ? -0.962  2.970   3.434   1.00 26.48  ? 108 TRP A CD1 1 
ATOM   821  C  CD2 . TRP A 1 108 ? -2.170  4.335   2.141   1.00 25.93  ? 108 TRP A CD2 1 
ATOM   822  N  NE1 . TRP A 1 108 ? -1.598  2.199   2.479   1.00 26.72  ? 108 TRP A NE1 1 
ATOM   823  C  CE2 . TRP A 1 108 ? -2.355  3.015   1.676   1.00 28.26  ? 108 TRP A CE2 1 
ATOM   824  C  CE3 . TRP A 1 108 ? -2.852  5.372   1.493   1.00 26.46  ? 108 TRP A CE3 1 
ATOM   825  C  CZ2 . TRP A 1 108 ? -3.189  2.704   0.571   1.00 27.61  ? 108 TRP A CZ2 1 
ATOM   826  C  CZ3 . TRP A 1 108 ? -3.692  5.060   0.397   1.00 27.46  ? 108 TRP A CZ3 1 
ATOM   827  C  CH2 . TRP A 1 108 ? -3.851  3.741   -0.041  1.00 28.53  ? 108 TRP A CH2 1 
ATOM   828  N  N   . VAL A 1 109 ? -0.981  6.600   7.474   1.00 29.15  ? 109 VAL A N   1 
ATOM   829  C  CA  . VAL A 1 109 ? -0.393  7.553   8.412   1.00 29.83  ? 109 VAL A CA  1 
ATOM   830  C  C   . VAL A 1 109 ? 1.102   7.734   8.155   1.00 27.66  ? 109 VAL A C   1 
ATOM   831  O  O   . VAL A 1 109 ? 1.634   8.804   8.378   1.00 28.98  ? 109 VAL A O   1 
ATOM   832  C  CB  . VAL A 1 109 ? -0.752  7.137   9.874   1.00 32.56  ? 109 VAL A CB  1 
ATOM   833  C  CG1 . VAL A 1 109 ? 0.207   7.707   10.899  1.00 32.98  ? 109 VAL A CG1 1 
ATOM   834  C  CG2 . VAL A 1 109 ? -2.201  7.583   10.193  1.00 33.30  ? 109 VAL A CG2 1 
ATOM   835  N  N   . ALA A 1 110 ? 1.796   6.702   7.689   1.00 27.35  ? 110 ALA A N   1 
ATOM   836  C  CA  . ALA A 1 110 ? 3.221   6.864   7.307   1.00 27.20  ? 110 ALA A CA  1 
ATOM   837  C  C   . ALA A 1 110 ? 3.458   7.755   6.053   1.00 28.06  ? 110 ALA A C   1 
ATOM   838  O  O   . ALA A 1 110 ? 4.533   8.371   5.878   1.00 28.98  ? 110 ALA A O   1 
ATOM   839  C  CB  . ALA A 1 110 ? 3.838   5.517   7.077   1.00 27.20  ? 110 ALA A CB  1 
ATOM   840  N  N   . TRP A 1 111 ? 2.482   7.748   5.147   1.00 25.90  ? 111 TRP A N   1 
ATOM   841  C  CA  . TRP A 1 111 ? 2.562   8.623   3.996   1.00 25.65  ? 111 TRP A CA  1 
ATOM   842  C  C   . TRP A 1 111 ? 2.433   10.064  4.527   1.00 26.04  ? 111 TRP A C   1 
ATOM   843  O  O   . TRP A 1 111 ? 3.302   10.899  4.261   1.00 25.46  ? 111 TRP A O   1 
ATOM   844  C  CB  . TRP A 1 111 ? 1.499   8.301   2.927   1.00 25.26  ? 111 TRP A CB  1 
ATOM   845  C  CG  . TRP A 1 111 ? 1.528   9.329   1.852   1.00 25.86  ? 111 TRP A CG  1 
ATOM   846  C  CD1 . TRP A 1 111 ? 2.344   9.349   0.759   1.00 26.23  ? 111 TRP A CD1 1 
ATOM   847  C  CD2 . TRP A 1 111 ? 0.752   10.538  1.797   1.00 25.40  ? 111 TRP A CD2 1 
ATOM   848  N  NE1 . TRP A 1 111 ? 2.131   10.487  0.036   1.00 27.00  ? 111 TRP A NE1 1 
ATOM   849  C  CE2 . TRP A 1 111 ? 1.158   11.237  0.646   1.00 26.86  ? 111 TRP A CE2 1 
ATOM   850  C  CE3 . TRP A 1 111 ? -0.241  11.097  2.617   1.00 25.44  ? 111 TRP A CE3 1 
ATOM   851  C  CZ2 . TRP A 1 111 ? 0.596   12.470  0.276   1.00 27.05  ? 111 TRP A CZ2 1 
ATOM   852  C  CZ3 . TRP A 1 111 ? -0.799  12.321  2.263   1.00 26.87  ? 111 TRP A CZ3 1 
ATOM   853  C  CH2 . TRP A 1 111 ? -0.382  12.996  1.098   1.00 26.78  ? 111 TRP A CH2 1 
ATOM   854  N  N   . ARG A 1 112 ? 1.379   10.346  5.294   1.00 28.33  ? 112 ARG A N   1 
ATOM   855  C  CA  . ARG A 1 112 ? 1.225   11.679  5.895   1.00 30.15  ? 112 ARG A CA  1 
ATOM   856  C  C   . ARG A 1 112 ? 2.501   12.125  6.663   1.00 28.63  ? 112 ARG A C   1 
ATOM   857  O  O   . ARG A 1 112 ? 2.957   13.262  6.501   1.00 29.46  ? 112 ARG A O   1 
ATOM   858  C  CB  . ARG A 1 112 ? 0.015   11.726  6.861   1.00 32.92  ? 112 ARG A CB  1 
ATOM   859  C  CG  . ARG A 1 112 ? -0.133  13.111  7.487   1.00 34.37  ? 112 ARG A CG  1 
ATOM   860  C  CD  . ARG A 1 112 ? -1.437  13.291  8.221   1.00 36.12  ? 112 ARG A CD  1 
ATOM   861  N  NE  . ARG A 1 112 ? -1.563  12.399  9.373   1.00 40.31  ? 112 ARG A NE  1 
ATOM   862  C  CZ  . ARG A 1 112 ? -0.875  12.501  10.515  1.00 43.67  ? 112 ARG A CZ  1 
ATOM   863  N  NH1 . ARG A 1 112 ? 0.018   13.471  10.704  1.00 44.10  ? 112 ARG A NH1 1 
ATOM   864  N  NH2 . ARG A 1 112 ? -1.104  11.636  11.502  1.00 44.25  ? 112 ARG A NH2 1 
ATOM   865  N  N   . ASN A 1 113 ? 3.089   11.227  7.454   1.00 25.77  ? 113 ASN A N   1 
ATOM   866  C  CA  . ASN A 1 113 ? 4.213   11.607  8.296   1.00 25.45  ? 113 ASN A CA  1 
ATOM   867  C  C   . ASN A 1 113 ? 5.572   11.611  7.621   1.00 25.59  ? 113 ASN A C   1 
ATOM   868  O  O   . ASN A 1 113 ? 6.444   12.388  7.966   1.00 28.68  ? 113 ASN A O   1 
ATOM   869  C  CB  . ASN A 1 113 ? 4.246   10.697  9.533   1.00 24.85  ? 113 ASN A CB  1 
ATOM   870  C  CG  . ASN A 1 113 ? 3.144   11.039  10.541  1.00 24.51  ? 113 ASN A CG  1 
ATOM   871  O  OD1 . ASN A 1 113 ? 2.627   12.136  10.539  1.00 23.70  ? 113 ASN A OD1 1 
ATOM   872  N  ND2 . ASN A 1 113 ? 2.817   10.108  11.419  1.00 25.90  ? 113 ASN A ND2 1 
ATOM   873  N  N   . ARG A 1 114 ? 5.755   10.793  6.604   1.00 26.17  ? 114 ARG A N   1 
ATOM   874  C  CA  . ARG A 1 114 ? 7.096   10.658  6.035   1.00 26.72  ? 114 ARG A CA  1 
ATOM   875  C  C   . ARG A 1 114 ? 7.174   10.962  4.554   1.00 26.68  ? 114 ARG A C   1 
ATOM   876  O  O   . ARG A 1 114 ? 8.264   11.124  4.029   1.00 24.64  ? 114 ARG A O   1 
ATOM   877  C  CB  . ARG A 1 114 ? 7.548   9.226   6.295   1.00 27.07  ? 114 ARG A CB  1 
ATOM   878  C  CG  . ARG A 1 114 ? 7.553   8.932   7.773   1.00 26.31  ? 114 ARG A CG  1 
ATOM   879  C  CD  . ARG A 1 114 ? 8.039   7.547   8.057   1.00 26.73  ? 114 ARG A CD  1 
ATOM   880  N  NE  . ARG A 1 114 ? 9.492   7.409   8.001   1.00 25.97  ? 114 ARG A NE  1 
ATOM   881  C  CZ  . ARG A 1 114 ? 10.134  6.318   8.407   1.00 26.65  ? 114 ARG A CZ  1 
ATOM   882  N  NH1 . ARG A 1 114 ? 9.443   5.277   8.899   1.00 27.84  ? 114 ARG A NH1 1 
ATOM   883  N  NH2 . ARG A 1 114 ? 11.455  6.264   8.309   1.00 27.77  ? 114 ARG A NH2 1 
ATOM   884  N  N   . CYS A 1 115 ? 6.038   10.996  3.854   1.00 24.28  ? 115 CYS A N   1 
ATOM   885  C  CA  . CYS A 1 115 ? 6.095   11.311  2.422   1.00 25.06  ? 115 CYS A CA  1 
ATOM   886  C  C   . CYS A 1 115 ? 5.460   12.624  2.024   1.00 23.89  ? 115 CYS A C   1 
ATOM   887  O  O   . CYS A 1 115 ? 5.977   13.366  1.172   1.00 21.73  ? 115 CYS A O   1 
ATOM   888  C  CB  . CYS A 1 115 ? 5.431   10.225  1.592   1.00 25.95  ? 115 CYS A CB  1 
ATOM   889  S  SG  . CYS A 1 115 ? 6.089   8.583   1.938   1.00 25.33  ? 115 CYS A SG  1 
ATOM   890  N  N   . LYS A 1 116 ? 4.325   12.895  2.636   1.00 24.52  ? 116 LYS A N   1 
ATOM   891  C  CA  . LYS A 1 116 ? 3.560   14.047  2.269   1.00 24.64  ? 116 LYS A CA  1 
ATOM   892  C  C   . LYS A 1 116 ? 4.425   15.321  2.363   1.00 27.11  ? 116 LYS A C   1 
ATOM   893  O  O   . LYS A 1 116 ? 5.115   15.549  3.372   1.00 29.18  ? 116 LYS A O   1 
ATOM   894  C  CB  . LYS A 1 116 ? 2.318   14.093  3.176   1.00 23.85  ? 116 LYS A CB  1 
ATOM   895  C  CG  . LYS A 1 116 ? 1.462   15.357  3.101   1.00 23.83  ? 116 LYS A CG  1 
ATOM   896  C  CD  . LYS A 1 116 ? 0.227   15.229  4.004   1.00 23.47  ? 116 LYS A CD  1 
ATOM   897  C  CE  . LYS A 1 116 ? -0.804  16.321  3.728   1.00 25.27  ? 116 LYS A CE  1 
ATOM   898  N  NZ  . LYS A 1 116 ? -2.067  16.147  4.494   1.00 24.50  ? 116 LYS A NZ  1 
ATOM   899  N  N   . GLY A 1 117 ? 4.416   16.118  1.287   1.00 26.00  ? 117 GLY A N   1 
ATOM   900  C  CA  . GLY A 1 117 ? 5.132   17.391  1.243   1.00 28.24  ? 117 GLY A CA  1 
ATOM   901  C  C   . GLY A 1 117 ? 6.567   17.314  0.776   1.00 29.41  ? 117 GLY A C   1 
ATOM   902  O  O   . GLY A 1 117 ? 7.146   18.319  0.373   1.00 32.46  ? 117 GLY A O   1 
ATOM   903  N  N   . THR A 1 118 ? 7.130   16.114  0.793   1.00 27.53  ? 118 THR A N   1 
ATOM   904  C  CA  . THR A 1 118 ? 8.536   15.935  0.484   1.00 28.85  ? 118 THR A CA  1 
ATOM   905  C  C   . THR A 1 118 ? 8.726   15.732  -1.011  1.00 30.05  ? 118 THR A C   1 
ATOM   906  O  O   . THR A 1 118 ? 7.769   15.643  -1.781  1.00 27.86  ? 118 THR A O   1 
ATOM   907  C  CB  . THR A 1 118 ? 9.092   14.710  1.255   1.00 28.61  ? 118 THR A CB  1 
ATOM   908  O  OG1 . THR A 1 118 ? 8.684   13.513  0.576   1.00 25.97  ? 118 THR A OG1 1 
ATOM   909  C  CG2 . THR A 1 118 ? 8.555   14.694  2.753   1.00 28.99  ? 118 THR A CG2 1 
ATOM   910  N  N   . ASP A 1 119 ? 9.979   15.670  -1.420  1.00 30.48  ? 119 ASP A N   1 
ATOM   911  C  CA  . ASP A 1 119 ? 10.323  15.468  -2.815  1.00 31.51  ? 119 ASP A CA  1 
ATOM   912  C  C   . ASP A 1 119 ? 10.174  13.974  -3.123  1.00 30.50  ? 119 ASP A C   1 
ATOM   913  O  O   . ASP A 1 119 ? 11.170  13.231  -3.159  1.00 30.12  ? 119 ASP A O   1 
ATOM   914  C  CB  . ASP A 1 119 ? 11.767  15.954  -3.021  1.00 34.61  ? 119 ASP A CB  1 
ATOM   915  C  CG  . ASP A 1 119 ? 12.282  15.718  -4.424  1.00 36.10  ? 119 ASP A CG  1 
ATOM   916  O  OD1 . ASP A 1 119 ? 11.477  15.499  -5.352  1.00 38.10  ? 119 ASP A OD1 1 
ATOM   917  O  OD2 . ASP A 1 119 ? 13.516  15.754  -4.596  1.00 44.85  ? 119 ASP A OD2 1 
ATOM   918  N  N   . VAL A 1 120 ? 8.918   13.546  -3.303  1.00 28.84  ? 120 VAL A N   1 
ATOM   919  C  CA  . VAL A 1 120 ? 8.580   12.143  -3.567  1.00 29.19  ? 120 VAL A CA  1 
ATOM   920  C  C   . VAL A 1 120 ? 9.056   11.604  -4.914  1.00 31.09  ? 120 VAL A C   1 
ATOM   921  O  O   . VAL A 1 120 ? 9.144   10.379  -5.095  1.00 28.94  ? 120 VAL A O   1 
ATOM   922  C  CB  . VAL A 1 120 ? 7.034   11.873  -3.424  1.00 28.62  ? 120 VAL A CB  1 
ATOM   923  C  CG1 . VAL A 1 120 ? 6.586   12.187  -1.995  1.00 28.08  ? 120 VAL A CG1 1 
ATOM   924  C  CG2 . VAL A 1 120 ? 6.218   12.730  -4.396  1.00 27.73  ? 120 VAL A CG2 1 
ATOM   925  N  N   . GLN A 1 121 ? 9.331   12.519  -5.847  1.00 30.69  ? 121 GLN A N   1 
ATOM   926  C  CA  . GLN A 1 121 ? 9.829   12.180  -7.171  1.00 35.40  ? 121 GLN A CA  1 
ATOM   927  C  C   . GLN A 1 121 ? 11.203  11.517  -7.053  1.00 35.40  ? 121 GLN A C   1 
ATOM   928  O  O   . GLN A 1 121 ? 11.584  10.696  -7.907  1.00 37.37  ? 121 GLN A O   1 
ATOM   929  C  CB  . GLN A 1 121 ? 9.861   13.415  -8.064  1.00 38.52  ? 121 GLN A CB  1 
ATOM   930  C  CG  . GLN A 1 121 ? 10.296  13.109  -9.502  1.00 45.26  ? 121 GLN A CG  1 
ATOM   931  C  CD  . GLN A 1 121 ? 11.808  13.126  -9.675  1.00 52.38  ? 121 GLN A CD  1 
ATOM   932  O  OE1 . GLN A 1 121 ? 12.512  13.864  -8.979  1.00 63.01  ? 121 GLN A OE1 1 
ATOM   933  N  NE2 . GLN A 1 121 ? 12.314  12.316  -10.607 1.00 59.10  ? 121 GLN A NE2 1 
ATOM   934  N  N   . ALA A 1 122 ? 11.944  11.927  -6.023  1.00 33.04  ? 122 ALA A N   1 
ATOM   935  C  CA  . ALA A 1 122 ? 13.169  11.243  -5.655  1.00 31.88  ? 122 ALA A CA  1 
ATOM   936  C  C   . ALA A 1 122 ? 12.890  9.747   -5.627  1.00 32.38  ? 122 ALA A C   1 
ATOM   937  O  O   . ALA A 1 122 ? 13.787  8.979   -5.985  1.00 30.88  ? 122 ALA A O   1 
ATOM   938  C  CB  . ALA A 1 122 ? 13.655  11.675  -4.264  1.00 29.97  ? 122 ALA A CB  1 
ATOM   939  N  N   . TRP A 1 123 ? 11.678  9.320   -5.236  1.00 31.05  ? 123 TRP A N   1 
ATOM   940  C  CA  . TRP A 1 123 ? 11.434  7.871   -5.176  1.00 33.47  ? 123 TRP A CA  1 
ATOM   941  C  C   . TRP A 1 123 ? 11.427  7.124   -6.520  1.00 32.64  ? 123 TRP A C   1 
ATOM   942  O  O   . TRP A 1 123 ? 11.649  5.908   -6.554  1.00 29.13  ? 123 TRP A O   1 
ATOM   943  C  CB  . TRP A 1 123 ? 10.198  7.524   -4.321  1.00 31.94  ? 123 TRP A CB  1 
ATOM   944  C  CG  . TRP A 1 123 ? 10.493  7.815   -2.919  1.00 34.14  ? 123 TRP A CG  1 
ATOM   945  C  CD1 . TRP A 1 123 ? 10.094  8.902   -2.218  1.00 36.23  ? 123 TRP A CD1 1 
ATOM   946  C  CD2 . TRP A 1 123 ? 11.293  7.029   -2.025  1.00 34.40  ? 123 TRP A CD2 1 
ATOM   947  N  NE1 . TRP A 1 123 ? 10.589  8.853   -0.931  1.00 38.67  ? 123 TRP A NE1 1 
ATOM   948  C  CE2 . TRP A 1 123 ? 11.331  7.713   -0.788  1.00 34.69  ? 123 TRP A CE2 1 
ATOM   949  C  CE3 . TRP A 1 123 ? 11.996  5.828   -2.155  1.00 33.39  ? 123 TRP A CE3 1 
ATOM   950  C  CZ2 . TRP A 1 123 ? 12.029  7.227   0.316   1.00 35.39  ? 123 TRP A CZ2 1 
ATOM   951  C  CZ3 . TRP A 1 123 ? 12.693  5.345   -1.056  1.00 33.94  ? 123 TRP A CZ3 1 
ATOM   952  C  CH2 . TRP A 1 123 ? 12.704  6.044   0.161   1.00 34.72  ? 123 TRP A CH2 1 
ATOM   953  N  N   . ILE A 1 124 ? 11.212  7.819   -7.636  1.00 31.19  ? 124 ILE A N   1 
ATOM   954  C  CA  . ILE A 1 124 ? 11.270  7.107   -8.916  1.00 33.50  ? 124 ILE A CA  1 
ATOM   955  C  C   . ILE A 1 124 ? 12.407  7.607   -9.829  1.00 34.54  ? 124 ILE A C   1 
ATOM   956  O  O   . ILE A 1 124 ? 12.436  7.298   -11.008 1.00 33.32  ? 124 ILE A O   1 
ATOM   957  C  CB  . ILE A 1 124 ? 9.947   7.226   -9.645  1.00 34.78  ? 124 ILE A CB  1 
ATOM   958  C  CG1 . ILE A 1 124 ? 9.708   8.697   -10.016 1.00 36.63  ? 124 ILE A CG1 1 
ATOM   959  C  CG2 . ILE A 1 124 ? 8.846   6.599   -8.772  1.00 33.34  ? 124 ILE A CG2 1 
ATOM   960  C  CD1 . ILE A 1 124 ? 8.438   8.925   -10.800 1.00 39.08  ? 124 ILE A CD1 1 
ATOM   961  N  N   . ARG A 1 125 ? 13.331  8.392   -9.281  1.00 34.76  ? 125 ARG A N   1 
ATOM   962  C  CA  . ARG A 1 125 ? 14.426  8.937   -10.081 1.00 39.22  ? 125 ARG A CA  1 
ATOM   963  C  C   . ARG A 1 125 ? 15.322  7.798   -10.507 1.00 33.40  ? 125 ARG A C   1 
ATOM   964  O  O   . ARG A 1 125 ? 15.472  6.826   -9.783  1.00 29.67  ? 125 ARG A O   1 
ATOM   965  C  CB  . ARG A 1 125 ? 15.238  9.967   -9.283  1.00 46.25  ? 125 ARG A CB  1 
ATOM   966  C  CG  . ARG A 1 125 ? 16.430  10.522  -10.050 1.00 55.46  ? 125 ARG A CG  1 
ATOM   967  C  CD  . ARG A 1 125 ? 16.930  11.831  -9.460  1.00 64.32  ? 125 ARG A CD  1 
ATOM   968  N  NE  . ARG A 1 125 ? 16.117  12.989  -9.853  1.00 74.39  ? 125 ARG A NE  1 
ATOM   969  C  CZ  . ARG A 1 125 ? 15.242  13.646  -9.081  1.00 76.92  ? 125 ARG A CZ  1 
ATOM   970  N  NH1 . ARG A 1 125 ? 15.011  13.296  -7.815  1.00 73.40  ? 125 ARG A NH1 1 
ATOM   971  N  NH2 . ARG A 1 125 ? 14.592  14.690  -9.589  1.00 81.67  ? 125 ARG A NH2 1 
ATOM   972  N  N   . GLY A 1 126 ? 15.888  7.898   -11.703 1.00 36.26  ? 126 GLY A N   1 
ATOM   973  C  CA  . GLY A 1 126 ? 16.777  6.851   -12.187 1.00 35.38  ? 126 GLY A CA  1 
ATOM   974  C  C   . GLY A 1 126 ? 16.064  5.597   -12.674 1.00 33.94  ? 126 GLY A C   1 
ATOM   975  O  O   . GLY A 1 126 ? 16.706  4.665   -13.158 1.00 37.15  ? 126 GLY A O   1 
ATOM   976  N  N   . CYS A 1 127 ? 14.736  5.576   -12.582 1.00 33.79  ? 127 CYS A N   1 
ATOM   977  C  CA  . CYS A 1 127 ? 13.944  4.395   -12.970 1.00 32.29  ? 127 CYS A CA  1 
ATOM   978  C  C   . CYS A 1 127 ? 13.531  4.514   -14.428 1.00 32.28  ? 127 CYS A C   1 
ATOM   979  O  O   . CYS A 1 127 ? 13.186  5.601   -14.888 1.00 28.70  ? 127 CYS A O   1 
ATOM   980  C  CB  . CYS A 1 127 ? 12.714  4.247   -12.045 1.00 34.01  ? 127 CYS A CB  1 
ATOM   981  S  SG  . CYS A 1 127 ? 13.117  4.107   -10.264 1.00 32.92  ? 127 CYS A SG  1 
ATOM   982  N  N   . ARG A 1 128 ? 13.591  3.401   -15.155 1.00 33.37  ? 128 ARG A N   1 
ATOM   983  C  CA  . ARG A 1 128 ? 13.257  3.410   -16.570 1.00 38.97  ? 128 ARG A CA  1 
ATOM   984  C  C   . ARG A 1 128 ? 11.750  3.259   -16.718 1.00 41.11  ? 128 ARG A C   1 
ATOM   985  O  O   . ARG A 1 128 ? 11.236  2.238   -17.161 1.00 46.89  ? 128 ARG A O   1 
ATOM   986  C  CB  . ARG A 1 128 ? 14.004  2.291   -17.284 1.00 40.45  ? 128 ARG A CB  1 
ATOM   987  C  CG  . ARG A 1 128 ? 14.227  2.566   -18.750 1.00 44.75  ? 128 ARG A CG  1 
ATOM   988  C  CD  . ARG A 1 128 ? 14.847  1.356   -19.403 1.00 47.58  ? 128 ARG A CD  1 
ATOM   989  N  NE  . ARG A 1 128 ? 15.775  0.671   -18.500 1.00 52.28  ? 128 ARG A NE  1 
ATOM   990  C  CZ  . ARG A 1 128 ? 17.092  0.878   -18.442 1.00 56.24  ? 128 ARG A CZ  1 
ATOM   991  N  NH1 . ARG A 1 128 ? 17.678  1.762   -19.245 1.00 58.48  ? 128 ARG A NH1 1 
ATOM   992  N  NH2 . ARG A 1 128 ? 17.834  0.189   -17.574 1.00 58.49  ? 128 ARG A NH2 1 
ATOM   993  N  N   . LEU A 1 129 ? 11.038  4.309   -16.342 1.00 44.82  ? 129 LEU A N   1 
ATOM   994  C  CA  . LEU A 1 129 ? 9.602   4.239   -16.353 1.00 44.42  ? 129 LEU A CA  1 
ATOM   995  C  C   . LEU A 1 129 ? 9.076   4.659   -17.701 1.00 50.12  ? 129 LEU A C   1 
ATOM   996  O  O   . LEU A 1 129 ? 7.919   4.312   -17.956 1.00 51.35  ? 129 LEU A O   1 
ATOM   997  C  CB  . LEU A 1 129 ? 9.013   5.070   -15.201 1.00 45.15  ? 129 LEU A CB  1 
ATOM   998  C  CG  . LEU A 1 129 ? 8.777   4.295   -13.878 1.00 48.19  ? 129 LEU A CG  1 
ATOM   999  C  CD1 . LEU A 1 129 ? 9.620   3.025   -13.754 1.00 49.10  ? 129 LEU A CD1 1 
ATOM   1000 C  CD2 . LEU A 1 129 ? 9.010   5.197   -12.674 1.00 47.05  ? 129 LEU A CD2 1 
ATOM   1001 O  OXT . LEU A 1 129 ? 9.788   5.277   -18.526 1.00 47.77  ? 129 LEU A OXT 1 
HETATM 1002 NI NI  . NI  B 2 .   ? 8.001   5.270   -20.521 1.00 90.55  2 201 NI  A NI  1 
HETATM 1003 C  C10 . SNF C 3 .   ? -0.018  0.898   5.922   1.00 88.33  ? 202 SNF A C10 1 
HETATM 1004 C  C11 . SNF C 3 .   ? -1.171  0.947   5.154   1.00 91.38  ? 202 SNF A C11 1 
HETATM 1005 C  C12 . SNF C 3 .   ? -2.399  1.260   5.742   1.00 95.66  ? 202 SNF A C12 1 
HETATM 1006 C  C7  . SNF C 3 .   ? -2.387  1.494   7.132   1.00 92.40  ? 202 SNF A C7  1 
HETATM 1007 N  N8  . SNF C 3 .   ? -1.167  1.417   7.860   1.00 87.38  ? 202 SNF A N8  1 
HETATM 1008 C  C9  . SNF C 3 .   ? -0.012  1.132   7.265   1.00 82.94  ? 202 SNF A C9  1 
HETATM 1009 C  C20 . SNF C 3 .   ? 1.232   1.026   7.897   1.00 74.68  ? 202 SNF A C20 1 
HETATM 1010 N  N19 . SNF C 3 .   ? 1.162   1.001   9.390   1.00 64.10  ? 202 SNF A N19 1 
HETATM 1011 C  C18 . SNF C 3 .   ? 2.263   0.314   10.200  1.00 70.72  ? 202 SNF A C18 1 
HETATM 1012 C  C21 . SNF C 3 .   ? 2.418   -1.213  10.305  1.00 62.82  ? 202 SNF A C21 1 
HETATM 1013 C  C16 . SNF C 3 .   ? 1.466   0.680   11.413  1.00 83.76  ? 202 SNF A C16 1 
HETATM 1014 N  N15 . SNF C 3 .   ? -0.032  0.638   11.101  1.00 95.70  ? 202 SNF A N15 1 
HETATM 1015 C  C14 . SNF C 3 .   ? -1.089  1.082   12.077  1.00 108.83 ? 202 SNF A C14 1 
HETATM 1016 C  C1  . SNF C 3 .   ? -2.413  1.130   11.614  1.00 120.05 ? 202 SNF A C1  1 
HETATM 1017 N  N2  . SNF C 3 .   ? -2.752  0.719   10.392  1.00 118.13 ? 202 SNF A N2  1 
HETATM 1018 C  C3  . SNF C 3 .   ? -4.082  0.766   9.893   1.00 114.82 ? 202 SNF A C3  1 
HETATM 1019 C  C4  . SNF C 3 .   ? -5.082  1.278   10.732  1.00 125.42 ? 202 SNF A C4  1 
HETATM 1020 C  C5  . SNF C 3 .   ? -4.719  1.711   12.005  1.00 124.13 ? 202 SNF A C5  1 
HETATM 1021 C  C6  . SNF C 3 .   ? -3.404  1.623   12.410  1.00 121.39 ? 202 SNF A C6  1 
HETATM 1022 NI NI  . SNF C 3 .   ? -0.990  0.883   9.566   1.00 64.66  2 202 SNF A NI  1 
HETATM 1023 CL CL  . LCP D 4 .   ? 6.404   11.407  -8.413  1.00 47.31  ? 203 LCP A CL  1 
HETATM 1024 O  O1  . LCP D 4 .   ? 7.839   10.715  -7.887  1.00 60.65  ? 203 LCP A O1  1 
HETATM 1025 O  O2  . LCP D 4 .   ? 6.670   13.119  -7.987  1.00 58.72  ? 203 LCP A O2  1 
HETATM 1026 O  O3  . LCP D 4 .   ? 6.512   10.848  -10.106 1.00 60.66  ? 203 LCP A O3  1 
HETATM 1027 O  O4  . LCP D 4 .   ? 5.299   10.578  -7.311  1.00 66.94  ? 203 LCP A O4  1 
HETATM 1028 CL CL  . LCP E 4 .   ? 6.794   5.496   -23.299 1.00 100.75 ? 204 LCP A CL  1 
HETATM 1029 O  O1  . LCP E 4 .   ? 7.226   5.833   -24.888 1.00 101.13 ? 204 LCP A O1  1 
HETATM 1030 O  O2  . LCP E 4 .   ? 8.231   6.093   -22.456 1.00 110.36 ? 204 LCP A O2  1 
HETATM 1031 O  O3  . LCP E 4 .   ? 5.364   6.523   -23.254 1.00 87.56  ? 204 LCP A O3  1 
HETATM 1032 O  O4  . LCP E 4 .   ? 6.641   3.727   -23.522 1.00 100.68 ? 204 LCP A O4  1 
HETATM 1033 CL CL  . LCP F 4 .   ? -14.086 4.337   6.185   1.00 89.67  ? 205 LCP A CL  1 
HETATM 1034 O  O1  . LCP F 4 .   ? -13.462 5.752   5.506   1.00 76.78  ? 205 LCP A O1  1 
HETATM 1035 O  O2  . LCP F 4 .   ? -14.835 3.469   4.806   1.00 84.26  ? 205 LCP A O2  1 
HETATM 1036 O  O3  . LCP F 4 .   ? -12.627 3.535   6.755   1.00 79.27  ? 205 LCP A O3  1 
HETATM 1037 O  O4  . LCP F 4 .   ? -15.070 5.329   7.287   1.00 82.51  ? 205 LCP A O4  1 
HETATM 1038 CL CL  . LCP G 4 .   ? 15.424  2.479   -1.353  1.00 57.73  ? 206 LCP A CL  1 
HETATM 1039 O  O1  . LCP G 4 .   ? 16.079  1.107   -2.118  1.00 64.00  ? 206 LCP A O1  1 
HETATM 1040 O  O2  . LCP G 4 .   ? 16.796  3.631   -1.442  1.00 70.18  ? 206 LCP A O2  1 
HETATM 1041 O  O3  . LCP G 4 .   ? 14.091  2.501   -2.489  1.00 76.76  ? 206 LCP A O3  1 
HETATM 1042 O  O4  . LCP G 4 .   ? 15.067  1.952   0.287   1.00 64.02  ? 206 LCP A O4  1 
HETATM 1043 CL CL  . LCP H 4 .   ? 10.828  11.233  4.320   1.00 61.34  ? 207 LCP A CL  1 
HETATM 1044 O  O1  . LCP H 4 .   ? 11.932  10.112  3.647   1.00 71.49  ? 207 LCP A O1  1 
HETATM 1045 O  O2  . LCP H 4 .   ? 11.928  12.593  4.672   1.00 64.07  ? 207 LCP A O2  1 
HETATM 1046 O  O3  . LCP H 4 .   ? 9.835   11.491  2.888   1.00 74.02  ? 207 LCP A O3  1 
HETATM 1047 O  O4  . LCP H 4 .   ? 10.215  10.215  5.681   1.00 71.90  ? 207 LCP A O4  1 
HETATM 1048 CL CL  . CL  I 5 .   ? -16.164 -9.719  13.407  0.50 58.09  ? 208 CL  A CL  1 
HETATM 1049 O  O   . HOH J 6 .   ? -6.558  13.981  -2.456  1.00 21.01  ? 301 HOH A O   1 
HETATM 1050 O  O   . HOH J 6 .   ? -11.909 -10.878 11.027  1.00 26.46  ? 302 HOH A O   1 
HETATM 1051 O  O   . HOH J 6 .   ? 5.310   -10.604 8.086   1.00 24.63  ? 303 HOH A O   1 
HETATM 1052 O  O   . HOH J 6 .   ? 0.187   4.344   -13.662 1.00 39.26  ? 304 HOH A O   1 
HETATM 1053 O  O   . HOH J 6 .   ? -11.333 -14.398 3.319   1.00 36.28  ? 305 HOH A O   1 
HETATM 1054 O  O   . HOH J 6 .   ? 2.779   -7.313  -9.802  1.00 40.46  ? 306 HOH A O   1 
HETATM 1055 O  O   . HOH J 6 .   ? -9.828  10.216  -0.845  1.00 35.30  ? 307 HOH A O   1 
HETATM 1056 O  O   . HOH J 6 .   ? -5.390  -9.281  13.044  1.00 29.71  ? 308 HOH A O   1 
HETATM 1057 O  O   . HOH J 6 .   ? -11.157 -16.391 7.897   1.00 30.40  ? 309 HOH A O   1 
HETATM 1058 O  O   . HOH J 6 .   ? -11.318 -7.948  7.959   1.00 47.53  ? 310 HOH A O   1 
HETATM 1059 O  O   . HOH J 6 .   ? 11.329  9.460   6.808   1.00 31.92  ? 311 HOH A O   1 
HETATM 1060 O  O   . HOH J 6 .   ? -12.235 -12.657 1.050   1.00 33.37  ? 312 HOH A O   1 
HETATM 1061 O  O   . HOH J 6 .   ? 6.702   4.849   9.562   1.00 32.51  ? 313 HOH A O   1 
HETATM 1062 O  O   . HOH J 6 .   ? -1.033  -8.325  -3.213  1.00 31.84  ? 314 HOH A O   1 
HETATM 1063 O  O   . HOH J 6 .   ? 14.496  -2.278  -8.954  1.00 37.81  ? 315 HOH A O   1 
HETATM 1064 O  O   . HOH J 6 .   ? -0.485  -5.534  -17.831 1.00 52.21  ? 316 HOH A O   1 
HETATM 1065 O  O   . HOH J 6 .   ? 9.367   -11.689 0.974   1.00 29.12  ? 317 HOH A O   1 
HETATM 1066 O  O   . HOH J 6 .   ? 13.917  -2.768  0.906   1.00 36.54  ? 318 HOH A O   1 
HETATM 1067 O  O   . HOH J 6 .   ? 5.175   16.062  -2.232  1.00 33.87  ? 319 HOH A O   1 
HETATM 1068 O  O   . HOH J 6 .   ? 2.639   -9.862  11.917  0.50 31.46  ? 320 HOH A O   1 
HETATM 1069 O  O   . HOH J 6 .   ? -7.776  -6.658  -3.614  1.00 33.17  ? 321 HOH A O   1 
HETATM 1070 O  O   . HOH J 6 .   ? -3.237  18.350  4.204   1.00 38.87  ? 322 HOH A O   1 
HETATM 1071 O  O   . HOH J 6 .   ? -0.561  -4.238  0.738   1.00 36.74  ? 323 HOH A O   1 
HETATM 1072 O  O   . HOH J 6 .   ? -2.073  -10.323 -6.322  1.00 42.12  ? 324 HOH A O   1 
HETATM 1073 O  O   . HOH J 6 .   ? 4.809   19.402  -1.459  1.00 41.03  ? 325 HOH A O   1 
HETATM 1074 O  O   . HOH J 6 .   ? -0.382  17.303  6.781   1.00 37.56  ? 326 HOH A O   1 
HETATM 1075 O  O   . HOH J 6 .   ? -11.756 -9.220  -4.780  1.00 38.52  ? 327 HOH A O   1 
HETATM 1076 O  O   . HOH J 6 .   ? -13.198 4.008   -1.651  1.00 38.37  ? 328 HOH A O   1 
HETATM 1077 O  O   . HOH J 6 .   ? -3.317  -12.151 -4.404  1.00 53.55  ? 329 HOH A O   1 
HETATM 1078 O  O   . HOH J 6 .   ? 12.310  -11.239 -2.690  1.00 41.03  ? 330 HOH A O   1 
HETATM 1079 O  O   . HOH J 6 .   ? 12.006  16.313  0.342   1.00 37.15  ? 331 HOH A O   1 
HETATM 1080 O  O   . HOH J 6 .   ? 6.445   17.727  4.692   1.00 36.72  ? 332 HOH A O   1 
HETATM 1081 O  O   . HOH J 6 .   ? -1.144  0.530   15.643  1.00 40.58  ? 333 HOH A O   1 
HETATM 1082 O  O   . HOH J 6 .   ? -13.955 -1.587  12.603  1.00 60.08  ? 334 HOH A O   1 
HETATM 1083 O  O   . HOH J 6 .   ? 12.164  -10.028 -8.679  1.00 52.57  ? 335 HOH A O   1 
HETATM 1084 O  O   . HOH J 6 .   ? 10.422  11.586  0.118   1.00 36.58  ? 336 HOH A O   1 
HETATM 1085 O  O   . HOH J 6 .   ? 1.280   13.834  -6.864  1.00 50.54  ? 337 HOH A O   1 
HETATM 1086 O  O   . HOH J 6 .   ? -12.980 -11.338 13.047  1.00 49.18  ? 338 HOH A O   1 
HETATM 1087 O  O   . HOH J 6 .   ? 1.474   -8.119  -3.100  1.00 43.19  ? 339 HOH A O   1 
HETATM 1088 O  O   . HOH J 6 .   ? 9.300   -5.534  5.662   1.00 42.54  ? 340 HOH A O   1 
HETATM 1089 O  O   . HOH J 6 .   ? -4.523  0.243   15.692  1.00 51.66  ? 341 HOH A O   1 
HETATM 1090 O  O   . HOH J 6 .   ? 2.409   12.880  -11.754 1.00 47.91  ? 342 HOH A O   1 
HETATM 1091 O  O   . HOH J 6 .   ? 15.763  -0.047  -8.042  1.00 38.50  ? 343 HOH A O   1 
HETATM 1092 O  O   . HOH J 6 .   ? -13.287 -9.004  7.851   1.00 39.76  ? 344 HOH A O   1 
HETATM 1093 O  O   . HOH J 6 .   ? -8.588  7.760   1.705   1.00 42.34  ? 345 HOH A O   1 
HETATM 1094 O  O   . HOH J 6 .   ? 15.902  2.469   -21.717 1.00 56.34  ? 346 HOH A O   1 
HETATM 1095 O  O   . HOH J 6 .   ? 10.595  16.116  -9.741  1.00 55.29  ? 347 HOH A O   1 
HETATM 1096 O  O   . HOH J 6 .   ? 8.008   -5.323  -11.702 1.00 41.98  ? 348 HOH A O   1 
HETATM 1097 O  O   . HOH J 6 .   ? -10.100 -9.635  9.509   1.00 46.36  ? 349 HOH A O   1 
HETATM 1098 O  O   . HOH J 6 .   ? 8.750   -14.050 -6.288  1.00 45.88  ? 350 HOH A O   1 
HETATM 1099 O  O   . HOH J 6 .   ? -3.529  -15.362 16.119  1.00 33.22  ? 351 HOH A O   1 
HETATM 1100 O  O   . HOH J 6 .   ? -8.665  -5.513  20.433  1.00 55.58  ? 352 HOH A O   1 
HETATM 1101 O  O   . HOH J 6 .   ? 7.665   -5.024  -14.779 0.50 24.09  ? 353 HOH A O   1 
HETATM 1102 O  O   . HOH J 6 .   ? -6.336  -0.203  12.627  1.00 49.30  ? 354 HOH A O   1 
HETATM 1103 O  O   . HOH J 6 .   ? 2.819   18.963  3.039   1.00 38.18  ? 355 HOH A O   1 
HETATM 1104 O  O   . HOH J 6 .   ? -1.990  4.056   8.539   1.00 45.25  ? 356 HOH A O   1 
HETATM 1105 O  O   . HOH J 6 .   ? 0.976   3.958   8.102   1.00 36.18  ? 357 HOH A O   1 
HETATM 1106 O  O   . HOH J 6 .   ? 5.202   2.304   8.878   1.00 39.66  ? 358 HOH A O   1 
HETATM 1107 O  O   . HOH J 6 .   ? 5.005   -0.312  10.579  1.00 59.09  ? 359 HOH A O   1 
HETATM 1108 O  O   . HOH J 6 .   ? -4.404  1.825   6.604   1.00 51.71  ? 360 HOH A O   1 
# 
